data_2DB1
#
_entry.id   2DB1
#
_entity_poly.entity_id   1
_entity_poly.type   'polypeptide(L)'
_entity_poly.pdbx_seq_one_letter_code
;GSSGSSGMMLGPEGGEGYVVKLRGLPWSCSIEDVQNFLSDCTIHDGVAGVHFIYTREGRQSGEAFVELESEDDVKLALKK
DRESMGHRYIEVFKSHRTEMDWVLKHSGPNSASGPSSG
;
_entity_poly.pdbx_strand_id   A
#
# COMPACT_ATOMS: atom_id res chain seq x y z
N GLY A 1 -6.19 -2.46 28.87
CA GLY A 1 -5.77 -2.78 27.51
C GLY A 1 -5.06 -1.63 26.84
N SER A 2 -3.80 -1.86 26.46
CA SER A 2 -3.01 -0.82 25.81
C SER A 2 -2.82 -1.16 24.33
N SER A 3 -3.73 -0.69 23.49
CA SER A 3 -3.66 -0.93 22.05
C SER A 3 -3.83 0.36 21.27
N GLY A 4 -3.50 0.31 19.98
CA GLY A 4 -3.63 1.49 19.14
C GLY A 4 -2.57 2.53 19.44
N SER A 5 -1.75 2.85 18.44
CA SER A 5 -0.69 3.84 18.61
C SER A 5 -1.25 5.26 18.58
N SER A 6 -1.71 5.72 19.74
CA SER A 6 -2.28 7.06 19.84
C SER A 6 -1.40 8.09 19.15
N GLY A 7 -0.16 8.19 19.59
CA GLY A 7 0.77 9.14 19.00
C GLY A 7 1.93 9.47 19.92
N MET A 8 3.15 9.43 19.38
CA MET A 8 4.34 9.73 20.16
C MET A 8 5.49 10.15 19.25
N MET A 9 6.23 11.17 19.68
CA MET A 9 7.36 11.66 18.90
C MET A 9 8.67 11.10 19.44
N LEU A 10 8.88 11.24 20.75
CA LEU A 10 10.09 10.74 21.38
C LEU A 10 10.32 9.26 21.07
N GLY A 11 11.58 8.89 20.89
CA GLY A 11 11.91 7.51 20.59
C GLY A 11 11.61 7.14 19.15
N PRO A 12 11.08 5.94 18.93
CA PRO A 12 10.75 5.44 17.59
C PRO A 12 9.56 6.19 16.98
N GLU A 13 9.84 7.05 16.01
CA GLU A 13 8.80 7.82 15.35
C GLU A 13 7.51 7.00 15.23
N GLY A 14 6.48 7.43 15.96
CA GLY A 14 5.21 6.73 15.91
C GLY A 14 4.21 7.40 15.00
N GLY A 15 4.43 7.28 13.69
CA GLY A 15 3.53 7.89 12.73
C GLY A 15 3.08 6.91 11.67
N GLU A 16 2.72 5.69 12.10
CA GLU A 16 2.27 4.66 11.17
C GLU A 16 0.75 4.65 11.06
N GLY A 17 0.24 4.10 9.97
CA GLY A 17 -1.20 4.04 9.76
C GLY A 17 -1.63 2.75 9.09
N TYR A 18 -2.87 2.33 9.35
CA TYR A 18 -3.41 1.11 8.77
C TYR A 18 -3.18 1.08 7.26
N VAL A 19 -2.30 0.19 6.83
CA VAL A 19 -1.99 0.05 5.40
C VAL A 19 -1.81 -1.41 5.03
N VAL A 20 -1.94 -1.70 3.73
CA VAL A 20 -1.80 -3.06 3.23
C VAL A 20 -1.09 -3.08 1.87
N LYS A 21 -0.32 -4.13 1.63
CA LYS A 21 0.40 -4.26 0.37
C LYS A 21 -0.16 -5.41 -0.46
N LEU A 22 -0.58 -5.10 -1.69
CA LEU A 22 -1.14 -6.10 -2.58
C LEU A 22 -0.13 -6.50 -3.65
N ARG A 23 0.09 -7.80 -3.81
CA ARG A 23 1.03 -8.31 -4.81
C ARG A 23 0.32 -9.23 -5.80
N GLY A 24 0.93 -9.40 -6.97
CA GLY A 24 0.35 -10.26 -7.98
C GLY A 24 -0.68 -9.53 -8.84
N LEU A 25 -0.75 -8.21 -8.66
CA LEU A 25 -1.70 -7.40 -9.41
C LEU A 25 -1.33 -7.36 -10.90
N PRO A 26 -2.35 -7.28 -11.76
CA PRO A 26 -2.15 -7.22 -13.21
C PRO A 26 -1.52 -5.91 -13.67
N TRP A 27 -0.74 -5.96 -14.73
CA TRP A 27 -0.09 -4.78 -15.26
C TRP A 27 -1.10 -3.73 -15.67
N SER A 28 -2.37 -4.12 -15.70
CA SER A 28 -3.45 -3.21 -16.09
C SER A 28 -4.34 -2.90 -14.89
N CYS A 29 -3.84 -3.18 -13.69
CA CYS A 29 -4.59 -2.94 -12.47
C CYS A 29 -4.80 -1.45 -12.25
N SER A 30 -6.02 -1.07 -11.89
CA SER A 30 -6.34 0.33 -11.66
C SER A 30 -6.94 0.52 -10.27
N ILE A 31 -6.81 1.74 -9.74
CA ILE A 31 -7.34 2.05 -8.42
C ILE A 31 -8.71 1.42 -8.20
N GLU A 32 -9.52 1.43 -9.25
CA GLU A 32 -10.86 0.86 -9.17
C GLU A 32 -10.81 -0.61 -8.76
N ASP A 33 -10.01 -1.39 -9.47
CA ASP A 33 -9.86 -2.81 -9.17
C ASP A 33 -9.50 -3.02 -7.70
N VAL A 34 -8.62 -2.16 -7.19
CA VAL A 34 -8.19 -2.25 -5.79
C VAL A 34 -9.33 -1.91 -4.84
N GLN A 35 -9.96 -0.76 -5.07
CA GLN A 35 -11.06 -0.32 -4.23
C GLN A 35 -12.09 -1.42 -4.06
N ASN A 36 -12.52 -2.00 -5.18
CA ASN A 36 -13.51 -3.07 -5.17
C ASN A 36 -12.93 -4.34 -4.54
N PHE A 37 -11.65 -4.59 -4.80
CA PHE A 37 -10.98 -5.77 -4.27
C PHE A 37 -11.01 -5.77 -2.73
N LEU A 38 -10.68 -4.63 -2.14
CA LEU A 38 -10.67 -4.49 -0.69
C LEU A 38 -11.98 -3.89 -0.20
N SER A 39 -13.08 -4.32 -0.80
CA SER A 39 -14.41 -3.83 -0.41
C SER A 39 -14.61 -3.94 1.09
N ASP A 40 -14.47 -5.16 1.61
CA ASP A 40 -14.64 -5.40 3.04
C ASP A 40 -13.84 -4.39 3.86
N CYS A 41 -12.86 -3.76 3.22
CA CYS A 41 -12.03 -2.78 3.90
C CYS A 41 -12.46 -1.36 3.54
N THR A 42 -12.29 -0.44 4.48
CA THR A 42 -12.66 0.95 4.27
C THR A 42 -11.45 1.81 3.95
N ILE A 43 -11.00 1.76 2.71
CA ILE A 43 -9.84 2.53 2.27
C ILE A 43 -9.99 3.99 2.65
N HIS A 44 -8.89 4.59 3.13
CA HIS A 44 -8.89 5.99 3.53
C HIS A 44 -8.76 6.91 2.31
N ASP A 45 -9.68 7.85 2.19
CA ASP A 45 -9.67 8.78 1.06
C ASP A 45 -9.89 8.06 -0.26
N GLY A 46 -10.54 6.90 -0.20
CA GLY A 46 -10.80 6.13 -1.40
C GLY A 46 -9.65 6.16 -2.37
N VAL A 47 -9.95 6.47 -3.63
CA VAL A 47 -8.92 6.55 -4.66
C VAL A 47 -7.69 7.28 -4.16
N ALA A 48 -7.89 8.23 -3.27
CA ALA A 48 -6.79 9.01 -2.71
C ALA A 48 -6.11 8.25 -1.56
N GLY A 49 -6.28 6.93 -1.56
CA GLY A 49 -5.68 6.12 -0.51
C GLY A 49 -4.90 4.95 -1.07
N VAL A 50 -5.03 4.72 -2.37
CA VAL A 50 -4.33 3.62 -3.03
C VAL A 50 -3.04 4.10 -3.68
N HIS A 51 -1.95 3.40 -3.39
CA HIS A 51 -0.64 3.77 -3.95
C HIS A 51 -0.02 2.58 -4.67
N PHE A 52 0.04 2.67 -6.00
CA PHE A 52 0.61 1.60 -6.81
C PHE A 52 2.13 1.68 -6.82
N ILE A 53 2.77 0.53 -7.01
CA ILE A 53 4.24 0.47 -7.04
C ILE A 53 4.75 0.36 -8.46
N TYR A 54 5.75 1.17 -8.79
CA TYR A 54 6.32 1.17 -10.13
C TYR A 54 7.83 0.95 -10.07
N THR A 55 8.42 0.57 -11.20
CA THR A 55 9.86 0.32 -11.27
C THR A 55 10.61 1.60 -11.67
N ARG A 56 11.94 1.55 -11.55
CA ARG A 56 12.76 2.69 -11.89
C ARG A 56 12.62 3.04 -13.38
N GLU A 57 12.02 2.14 -14.14
CA GLU A 57 11.82 2.35 -15.57
C GLU A 57 10.49 3.04 -15.83
N GLY A 58 9.46 2.66 -15.07
CA GLY A 58 8.15 3.24 -15.23
C GLY A 58 7.08 2.21 -15.52
N ARG A 59 7.35 0.96 -15.11
CA ARG A 59 6.40 -0.12 -15.33
C ARG A 59 5.68 -0.48 -14.02
N GLN A 60 4.69 -1.37 -14.13
CA GLN A 60 3.93 -1.80 -12.96
C GLN A 60 4.49 -3.09 -12.40
N SER A 61 5.37 -2.98 -11.41
CA SER A 61 5.97 -4.16 -10.78
C SER A 61 4.90 -5.13 -10.29
N GLY A 62 3.74 -4.58 -9.92
CA GLY A 62 2.66 -5.41 -9.44
C GLY A 62 2.23 -5.04 -8.03
N GLU A 63 3.20 -4.63 -7.21
CA GLU A 63 2.91 -4.25 -5.83
C GLU A 63 2.10 -2.96 -5.78
N ALA A 64 1.24 -2.85 -4.77
CA ALA A 64 0.41 -1.66 -4.60
C ALA A 64 -0.11 -1.56 -3.17
N PHE A 65 0.26 -0.48 -2.49
CA PHE A 65 -0.17 -0.26 -1.12
C PHE A 65 -1.56 0.37 -1.08
N VAL A 66 -2.24 0.23 0.06
CA VAL A 66 -3.57 0.78 0.22
C VAL A 66 -3.82 1.19 1.68
N GLU A 67 -4.21 2.44 1.88
CA GLU A 67 -4.47 2.94 3.23
C GLU A 67 -5.88 2.55 3.68
N LEU A 68 -6.03 2.34 4.99
CA LEU A 68 -7.33 1.96 5.55
C LEU A 68 -7.86 3.05 6.48
N GLU A 69 -9.09 2.88 6.93
CA GLU A 69 -9.71 3.85 7.82
C GLU A 69 -9.45 3.49 9.28
N SER A 70 -9.61 2.21 9.60
CA SER A 70 -9.40 1.75 10.97
C SER A 70 -8.62 0.44 10.97
N GLU A 71 -8.29 -0.05 12.16
CA GLU A 71 -7.55 -1.30 12.30
C GLU A 71 -8.31 -2.46 11.68
N ASP A 72 -9.54 -2.67 12.14
CA ASP A 72 -10.38 -3.75 11.64
C ASP A 72 -10.15 -3.96 10.14
N ASP A 73 -10.13 -2.87 9.39
CA ASP A 73 -9.92 -2.93 7.95
C ASP A 73 -8.71 -3.80 7.63
N VAL A 74 -7.60 -3.56 8.34
CA VAL A 74 -6.38 -4.30 8.11
C VAL A 74 -6.62 -5.80 8.24
N LYS A 75 -7.13 -6.23 9.39
CA LYS A 75 -7.41 -7.63 9.63
C LYS A 75 -8.27 -8.21 8.52
N LEU A 76 -9.26 -7.45 8.06
CA LEU A 76 -10.15 -7.89 7.00
C LEU A 76 -9.39 -8.03 5.68
N ALA A 77 -8.59 -7.02 5.36
CA ALA A 77 -7.80 -7.04 4.12
C ALA A 77 -6.97 -8.31 4.02
N LEU A 78 -6.33 -8.68 5.13
CA LEU A 78 -5.50 -9.88 5.16
C LEU A 78 -6.30 -11.11 4.77
N LYS A 79 -7.63 -10.99 4.79
CA LYS A 79 -8.50 -12.09 4.42
C LYS A 79 -8.60 -12.24 2.91
N LYS A 80 -8.25 -11.18 2.19
CA LYS A 80 -8.30 -11.19 0.74
C LYS A 80 -7.01 -11.79 0.16
N ASP A 81 -6.24 -12.45 1.02
CA ASP A 81 -4.99 -13.07 0.59
C ASP A 81 -5.24 -14.10 -0.51
N ARG A 82 -4.18 -14.47 -1.21
CA ARG A 82 -4.28 -15.46 -2.29
C ARG A 82 -5.65 -15.38 -2.97
N GLU A 83 -6.14 -14.16 -3.13
CA GLU A 83 -7.44 -13.95 -3.77
C GLU A 83 -7.32 -13.98 -5.30
N SER A 84 -8.42 -13.72 -5.98
CA SER A 84 -8.44 -13.72 -7.43
C SER A 84 -9.07 -12.43 -7.97
N MET A 85 -8.24 -11.57 -8.54
CA MET A 85 -8.70 -10.31 -9.10
C MET A 85 -8.72 -10.36 -10.63
N GLY A 86 -9.92 -10.39 -11.20
CA GLY A 86 -10.05 -10.44 -12.64
C GLY A 86 -9.64 -11.78 -13.22
N HIS A 87 -8.40 -11.87 -13.68
CA HIS A 87 -7.89 -13.11 -14.25
C HIS A 87 -6.54 -13.48 -13.64
N ARG A 88 -6.23 -12.88 -12.50
CA ARG A 88 -4.96 -13.14 -11.82
C ARG A 88 -5.19 -13.34 -10.32
N TYR A 89 -4.12 -13.65 -9.61
CA TYR A 89 -4.19 -13.86 -8.17
C TYR A 89 -3.58 -12.69 -7.41
N ILE A 90 -4.21 -12.30 -6.30
CA ILE A 90 -3.72 -11.20 -5.49
C ILE A 90 -3.26 -11.69 -4.12
N GLU A 91 -2.17 -11.09 -3.63
CA GLU A 91 -1.62 -11.47 -2.33
C GLU A 91 -1.56 -10.26 -1.41
N VAL A 92 -2.27 -10.33 -0.28
CA VAL A 92 -2.29 -9.25 0.68
C VAL A 92 -1.13 -9.37 1.67
N PHE A 93 -0.54 -8.23 2.03
CA PHE A 93 0.57 -8.21 2.96
C PHE A 93 0.40 -7.10 4.00
N LYS A 94 0.43 -7.47 5.27
CA LYS A 94 0.28 -6.51 6.35
C LYS A 94 1.47 -5.56 6.41
N SER A 95 1.21 -4.28 6.19
CA SER A 95 2.26 -3.27 6.22
C SER A 95 1.76 -1.97 6.83
N HIS A 96 2.69 -1.10 7.24
CA HIS A 96 2.34 0.17 7.84
C HIS A 96 2.45 1.30 6.82
N ARG A 97 2.25 2.53 7.29
CA ARG A 97 2.33 3.70 6.41
C ARG A 97 3.77 4.17 6.26
N THR A 98 4.42 4.46 7.38
CA THR A 98 5.80 4.92 7.37
C THR A 98 6.62 4.17 6.33
N GLU A 99 6.21 2.95 6.02
CA GLU A 99 6.90 2.13 5.04
C GLU A 99 6.45 2.48 3.62
N MET A 100 5.14 2.41 3.39
CA MET A 100 4.59 2.72 2.07
C MET A 100 5.12 4.05 1.55
N ASP A 101 5.62 4.88 2.47
CA ASP A 101 6.16 6.18 2.10
C ASP A 101 7.51 6.02 1.40
N TRP A 102 8.41 5.26 2.02
CA TRP A 102 9.73 5.04 1.45
C TRP A 102 9.65 4.17 0.20
N VAL A 103 8.93 3.06 0.30
CA VAL A 103 8.78 2.15 -0.83
C VAL A 103 8.34 2.89 -2.08
N LEU A 104 7.60 3.97 -1.90
CA LEU A 104 7.12 4.78 -3.02
C LEU A 104 8.20 5.74 -3.50
N LYS A 105 8.64 6.62 -2.61
CA LYS A 105 9.68 7.60 -2.94
C LYS A 105 10.83 6.93 -3.68
N HIS A 106 11.04 5.65 -3.42
CA HIS A 106 12.11 4.89 -4.07
C HIS A 106 11.54 3.75 -4.90
N SER A 107 10.51 4.06 -5.69
CA SER A 107 9.88 3.05 -6.54
C SER A 107 9.65 3.60 -7.95
N GLY A 108 8.92 4.71 -8.04
CA GLY A 108 8.65 5.31 -9.33
C GLY A 108 9.89 5.44 -10.18
N PRO A 109 9.69 5.63 -11.50
CA PRO A 109 10.80 5.76 -12.46
C PRO A 109 11.55 7.07 -12.28
N ASN A 110 11.04 7.94 -11.41
CA ASN A 110 11.68 9.22 -11.15
C ASN A 110 11.85 9.45 -9.65
N SER A 111 13.03 9.12 -9.14
CA SER A 111 13.33 9.28 -7.72
C SER A 111 14.35 10.40 -7.50
N ALA A 112 15.43 10.35 -8.28
CA ALA A 112 16.48 11.35 -8.17
C ALA A 112 17.06 11.40 -6.76
N SER A 113 17.14 10.24 -6.12
CA SER A 113 17.66 10.15 -4.76
C SER A 113 16.83 11.00 -3.80
N GLY A 114 15.51 10.88 -3.90
CA GLY A 114 14.64 11.64 -3.03
C GLY A 114 14.86 13.14 -3.16
N PRO A 115 14.51 13.89 -2.10
CA PRO A 115 14.66 15.34 -2.07
C PRO A 115 16.12 15.77 -2.01
N SER A 116 16.37 17.04 -2.28
CA SER A 116 17.74 17.58 -2.26
C SER A 116 18.39 17.34 -0.91
N SER A 117 17.74 17.78 0.16
CA SER A 117 18.25 17.62 1.50
C SER A 117 18.79 16.20 1.71
N GLY A 118 19.78 16.07 2.58
CA GLY A 118 20.37 14.78 2.86
C GLY A 118 21.50 14.85 3.86
N GLY A 1 2.48 8.47 16.98
CA GLY A 1 2.35 7.67 18.18
C GLY A 1 1.72 8.43 19.33
N SER A 2 2.52 9.22 20.03
CA SER A 2 2.04 10.00 21.16
C SER A 2 2.79 11.34 21.27
N SER A 3 2.21 12.27 22.00
CA SER A 3 2.81 13.59 22.18
C SER A 3 3.84 13.57 23.30
N GLY A 4 4.71 12.56 23.28
CA GLY A 4 5.73 12.44 24.30
C GLY A 4 5.97 11.00 24.72
N SER A 5 6.89 10.33 24.04
CA SER A 5 7.19 8.93 24.35
C SER A 5 8.68 8.65 24.10
N SER A 6 9.19 7.62 24.78
CA SER A 6 10.59 7.24 24.64
C SER A 6 10.97 7.11 23.17
N GLY A 7 10.12 6.43 22.40
CA GLY A 7 10.39 6.23 20.98
C GLY A 7 10.37 4.78 20.58
N MET A 8 9.74 4.48 19.45
CA MET A 8 9.65 3.12 18.95
C MET A 8 10.97 2.38 19.15
N MET A 9 12.07 3.03 18.77
CA MET A 9 13.39 2.43 18.91
C MET A 9 13.60 1.31 17.89
N LEU A 10 13.13 1.54 16.67
CA LEU A 10 13.27 0.55 15.60
C LEU A 10 13.31 1.23 14.23
N GLY A 11 13.57 0.44 13.20
CA GLY A 11 13.64 0.97 11.85
C GLY A 11 12.63 2.08 11.62
N PRO A 12 11.34 1.70 11.59
CA PRO A 12 10.23 2.65 11.37
C PRO A 12 10.04 3.59 12.55
N GLU A 13 10.50 4.83 12.40
CA GLU A 13 10.37 5.82 13.45
C GLU A 13 8.91 6.17 13.71
N GLY A 14 8.21 5.27 14.40
CA GLY A 14 6.80 5.50 14.70
C GLY A 14 6.05 6.09 13.53
N GLY A 15 4.95 6.80 13.82
CA GLY A 15 4.16 7.41 12.77
C GLY A 15 3.70 6.40 11.74
N GLU A 16 3.04 5.34 12.20
CA GLU A 16 2.54 4.30 11.31
C GLU A 16 1.02 4.22 11.36
N GLY A 17 0.41 3.90 10.23
CA GLY A 17 -1.04 3.79 10.17
C GLY A 17 -1.50 2.52 9.49
N TYR A 18 -2.81 2.34 9.41
CA TYR A 18 -3.39 1.14 8.80
C TYR A 18 -3.12 1.12 7.29
N VAL A 19 -2.26 0.21 6.86
CA VAL A 19 -1.92 0.09 5.45
C VAL A 19 -1.78 -1.38 5.04
N VAL A 20 -1.93 -1.64 3.74
CA VAL A 20 -1.82 -2.99 3.22
C VAL A 20 -1.13 -3.00 1.86
N LYS A 21 -0.37 -4.06 1.61
CA LYS A 21 0.36 -4.20 0.34
C LYS A 21 -0.22 -5.34 -0.49
N LEU A 22 -0.53 -5.06 -1.74
CA LEU A 22 -1.08 -6.08 -2.64
C LEU A 22 -0.06 -6.47 -3.70
N ARG A 23 0.31 -7.75 -3.70
CA ARG A 23 1.28 -8.27 -4.66
C ARG A 23 0.63 -9.26 -5.61
N GLY A 24 1.06 -9.22 -6.87
CA GLY A 24 0.50 -10.13 -7.86
C GLY A 24 -0.55 -9.46 -8.73
N LEU A 25 -0.61 -8.13 -8.66
CA LEU A 25 -1.59 -7.37 -9.45
C LEU A 25 -1.19 -7.33 -10.91
N PRO A 26 -2.20 -7.27 -11.80
CA PRO A 26 -1.97 -7.21 -13.25
C PRO A 26 -1.37 -5.89 -13.70
N TRP A 27 -0.67 -5.91 -14.83
CA TRP A 27 -0.05 -4.70 -15.37
C TRP A 27 -1.11 -3.67 -15.75
N SER A 28 -2.38 -4.07 -15.72
CA SER A 28 -3.48 -3.19 -16.07
C SER A 28 -4.35 -2.90 -14.86
N CYS A 29 -3.81 -3.15 -13.67
CA CYS A 29 -4.53 -2.92 -12.43
C CYS A 29 -4.74 -1.43 -12.19
N SER A 30 -5.98 -1.05 -11.90
CA SER A 30 -6.31 0.35 -11.66
C SER A 30 -6.90 0.54 -10.26
N ILE A 31 -6.73 1.73 -9.71
CA ILE A 31 -7.25 2.04 -8.38
C ILE A 31 -8.59 1.36 -8.14
N GLU A 32 -9.49 1.46 -9.12
CA GLU A 32 -10.81 0.85 -9.00
C GLU A 32 -10.69 -0.63 -8.63
N ASP A 33 -9.97 -1.39 -9.44
CA ASP A 33 -9.79 -2.81 -9.19
C ASP A 33 -9.40 -3.05 -7.73
N VAL A 34 -8.58 -2.17 -7.18
CA VAL A 34 -8.13 -2.29 -5.80
C VAL A 34 -9.27 -2.00 -4.83
N GLN A 35 -9.90 -0.84 -5.00
CA GLN A 35 -11.00 -0.43 -4.14
C GLN A 35 -12.06 -1.53 -4.05
N ASN A 36 -12.46 -2.05 -5.22
CA ASN A 36 -13.47 -3.11 -5.26
C ASN A 36 -12.92 -4.41 -4.69
N PHE A 37 -11.64 -4.69 -4.97
CA PHE A 37 -11.00 -5.90 -4.48
C PHE A 37 -11.04 -5.95 -2.95
N LEU A 38 -10.72 -4.83 -2.32
CA LEU A 38 -10.71 -4.75 -0.87
C LEU A 38 -11.98 -4.07 -0.35
N SER A 39 -13.11 -4.39 -0.97
CA SER A 39 -14.39 -3.82 -0.58
C SER A 39 -14.65 -4.06 0.90
N ASP A 40 -14.23 -5.20 1.41
CA ASP A 40 -14.41 -5.55 2.81
C ASP A 40 -13.74 -4.52 3.72
N CYS A 41 -12.79 -3.79 3.15
CA CYS A 41 -12.06 -2.77 3.92
C CYS A 41 -12.57 -1.37 3.58
N THR A 42 -12.28 -0.41 4.45
CA THR A 42 -12.71 0.97 4.24
C THR A 42 -11.53 1.88 3.92
N ILE A 43 -10.99 1.74 2.71
CA ILE A 43 -9.86 2.55 2.29
C ILE A 43 -10.06 4.01 2.65
N HIS A 44 -9.01 4.64 3.17
CA HIS A 44 -9.07 6.05 3.57
C HIS A 44 -9.01 6.96 2.34
N ASP A 45 -9.99 7.85 2.22
CA ASP A 45 -10.05 8.77 1.10
C ASP A 45 -10.18 8.01 -0.22
N GLY A 46 -10.72 6.80 -0.15
CA GLY A 46 -10.88 6.00 -1.35
C GLY A 46 -9.71 6.12 -2.30
N VAL A 47 -10.01 6.41 -3.57
CA VAL A 47 -8.98 6.56 -4.58
C VAL A 47 -7.77 7.32 -4.03
N ALA A 48 -8.04 8.25 -3.12
CA ALA A 48 -6.97 9.04 -2.50
C ALA A 48 -6.30 8.29 -1.37
N GLY A 49 -6.38 6.96 -1.42
CA GLY A 49 -5.78 6.14 -0.38
C GLY A 49 -4.99 4.98 -0.95
N VAL A 50 -5.05 4.80 -2.26
CA VAL A 50 -4.33 3.73 -2.92
C VAL A 50 -3.04 4.23 -3.56
N HIS A 51 -1.96 3.48 -3.35
CA HIS A 51 -0.66 3.86 -3.90
C HIS A 51 -0.03 2.68 -4.64
N PHE A 52 0.03 2.79 -5.96
CA PHE A 52 0.61 1.73 -6.79
C PHE A 52 2.15 1.83 -6.80
N ILE A 53 2.79 0.71 -7.10
CA ILE A 53 4.25 0.66 -7.13
C ILE A 53 4.76 0.61 -8.58
N TYR A 54 5.79 1.39 -8.87
CA TYR A 54 6.36 1.42 -10.21
C TYR A 54 7.83 0.98 -10.18
N THR A 55 8.40 0.75 -11.36
CA THR A 55 9.78 0.32 -11.48
C THR A 55 10.69 1.49 -11.84
N ARG A 56 12.00 1.26 -11.78
CA ARG A 56 12.98 2.30 -12.10
C ARG A 56 12.76 2.83 -13.50
N GLU A 57 12.27 1.97 -14.39
CA GLU A 57 12.00 2.37 -15.78
C GLU A 57 10.65 3.05 -15.90
N GLY A 58 9.71 2.66 -15.03
CA GLY A 58 8.38 3.24 -15.07
C GLY A 58 7.32 2.23 -15.48
N ARG A 59 7.35 1.06 -14.86
CA ARG A 59 6.38 0.01 -15.17
C ARG A 59 5.66 -0.46 -13.92
N GLN A 60 4.56 -1.17 -14.10
CA GLN A 60 3.78 -1.68 -12.98
C GLN A 60 4.38 -2.97 -12.43
N SER A 61 5.27 -2.83 -11.45
CA SER A 61 5.92 -3.98 -10.85
C SER A 61 4.90 -5.00 -10.37
N GLY A 62 3.73 -4.52 -9.97
CA GLY A 62 2.68 -5.40 -9.50
C GLY A 62 2.24 -5.09 -8.08
N GLU A 63 3.19 -4.63 -7.26
CA GLU A 63 2.91 -4.30 -5.87
C GLU A 63 2.18 -2.95 -5.78
N ALA A 64 1.25 -2.86 -4.82
CA ALA A 64 0.49 -1.63 -4.62
C ALA A 64 -0.05 -1.56 -3.20
N PHE A 65 0.34 -0.50 -2.48
CA PHE A 65 -0.10 -0.31 -1.10
C PHE A 65 -1.48 0.33 -1.07
N VAL A 66 -2.12 0.27 0.10
CA VAL A 66 -3.45 0.84 0.28
C VAL A 66 -3.68 1.28 1.72
N GLU A 67 -4.22 2.48 1.90
CA GLU A 67 -4.48 3.01 3.22
C GLU A 67 -5.89 2.66 3.67
N LEU A 68 -6.06 2.44 4.97
CA LEU A 68 -7.36 2.10 5.53
C LEU A 68 -7.85 3.19 6.49
N GLU A 69 -9.03 2.98 7.07
CA GLU A 69 -9.60 3.94 8.00
C GLU A 69 -9.29 3.56 9.44
N SER A 70 -9.51 2.29 9.77
CA SER A 70 -9.26 1.80 11.12
C SER A 70 -8.53 0.46 11.08
N GLU A 71 -8.24 -0.10 12.25
CA GLU A 71 -7.55 -1.37 12.35
C GLU A 71 -8.36 -2.48 11.67
N ASP A 72 -9.59 -2.68 12.12
CA ASP A 72 -10.46 -3.70 11.56
C ASP A 72 -10.21 -3.86 10.06
N ASP A 73 -10.13 -2.74 9.35
CA ASP A 73 -9.89 -2.76 7.92
C ASP A 73 -8.72 -3.67 7.57
N VAL A 74 -7.60 -3.48 8.26
CA VAL A 74 -6.41 -4.29 8.03
C VAL A 74 -6.72 -5.77 8.13
N LYS A 75 -7.18 -6.20 9.31
CA LYS A 75 -7.52 -7.59 9.54
C LYS A 75 -8.38 -8.14 8.39
N LEU A 76 -9.34 -7.34 7.94
CA LEU A 76 -10.21 -7.75 6.85
C LEU A 76 -9.44 -7.88 5.55
N ALA A 77 -8.63 -6.89 5.24
CA ALA A 77 -7.82 -6.90 4.03
C ALA A 77 -6.98 -8.16 3.94
N LEU A 78 -6.39 -8.56 5.06
CA LEU A 78 -5.56 -9.75 5.12
C LEU A 78 -6.36 -11.00 4.75
N LYS A 79 -7.68 -10.90 4.86
CA LYS A 79 -8.56 -12.01 4.53
C LYS A 79 -8.66 -12.20 3.01
N LYS A 80 -8.22 -11.19 2.28
CA LYS A 80 -8.26 -11.25 0.82
C LYS A 80 -6.98 -11.86 0.26
N ASP A 81 -6.27 -12.59 1.10
CA ASP A 81 -5.03 -13.24 0.70
C ASP A 81 -5.31 -14.42 -0.24
N ARG A 82 -4.35 -14.72 -1.11
CA ARG A 82 -4.49 -15.81 -2.06
C ARG A 82 -5.83 -15.72 -2.79
N GLU A 83 -6.31 -14.49 -2.98
CA GLU A 83 -7.57 -14.26 -3.66
C GLU A 83 -7.37 -14.18 -5.18
N SER A 84 -8.44 -13.89 -5.90
CA SER A 84 -8.38 -13.80 -7.35
C SER A 84 -9.02 -12.50 -7.84
N MET A 85 -8.22 -11.65 -8.50
CA MET A 85 -8.70 -10.39 -9.01
C MET A 85 -8.76 -10.40 -10.53
N GLY A 86 -9.97 -10.38 -11.08
CA GLY A 86 -10.13 -10.39 -12.52
C GLY A 86 -9.76 -11.73 -13.13
N HIS A 87 -8.53 -11.85 -13.61
CA HIS A 87 -8.05 -13.08 -14.22
C HIS A 87 -6.69 -13.47 -13.67
N ARG A 88 -6.32 -12.91 -12.52
CA ARG A 88 -5.04 -13.19 -11.89
C ARG A 88 -5.21 -13.36 -10.38
N TYR A 89 -4.11 -13.72 -9.71
CA TYR A 89 -4.14 -13.92 -8.27
C TYR A 89 -3.56 -12.71 -7.54
N ILE A 90 -4.10 -12.42 -6.37
CA ILE A 90 -3.64 -11.30 -5.57
C ILE A 90 -3.20 -11.75 -4.17
N GLU A 91 -2.15 -11.13 -3.66
CA GLU A 91 -1.64 -11.46 -2.33
C GLU A 91 -1.63 -10.23 -1.43
N VAL A 92 -2.31 -10.33 -0.29
CA VAL A 92 -2.38 -9.23 0.66
C VAL A 92 -1.25 -9.32 1.69
N PHE A 93 -0.65 -8.18 2.00
CA PHE A 93 0.44 -8.13 2.97
C PHE A 93 0.20 -7.03 4.01
N LYS A 94 0.45 -7.36 5.27
CA LYS A 94 0.26 -6.40 6.35
C LYS A 94 1.46 -5.45 6.46
N SER A 95 1.20 -4.15 6.29
CA SER A 95 2.25 -3.16 6.36
C SER A 95 1.70 -1.83 6.89
N HIS A 96 2.61 -0.95 7.30
CA HIS A 96 2.22 0.36 7.83
C HIS A 96 2.37 1.45 6.77
N ARG A 97 2.16 2.69 7.16
CA ARG A 97 2.26 3.82 6.24
C ARG A 97 3.71 4.29 6.13
N THR A 98 4.42 4.25 7.25
CA THR A 98 5.81 4.68 7.28
C THR A 98 6.66 3.87 6.32
N GLU A 99 6.34 2.58 6.18
CA GLU A 99 7.07 1.70 5.29
C GLU A 99 6.66 1.93 3.83
N MET A 100 5.40 2.30 3.63
CA MET A 100 4.89 2.55 2.29
C MET A 100 5.37 3.90 1.77
N ASP A 101 5.78 4.77 2.68
CA ASP A 101 6.27 6.10 2.31
C ASP A 101 7.65 6.01 1.66
N TRP A 102 8.43 5.01 2.07
CA TRP A 102 9.76 4.81 1.52
C TRP A 102 9.70 4.00 0.23
N VAL A 103 8.97 2.90 0.26
CA VAL A 103 8.83 2.04 -0.91
C VAL A 103 8.37 2.83 -2.13
N LEU A 104 7.60 3.88 -1.88
CA LEU A 104 7.10 4.73 -2.95
C LEU A 104 8.17 5.68 -3.46
N LYS A 105 8.62 6.57 -2.58
CA LYS A 105 9.66 7.53 -2.92
C LYS A 105 10.73 6.89 -3.81
N HIS A 106 10.93 5.60 -3.64
CA HIS A 106 11.93 4.86 -4.41
C HIS A 106 11.25 3.82 -5.29
N SER A 107 10.18 4.22 -5.98
CA SER A 107 9.45 3.31 -6.85
C SER A 107 9.37 3.87 -8.28
N GLY A 108 8.90 5.10 -8.40
CA GLY A 108 8.79 5.73 -9.71
C GLY A 108 10.14 5.91 -10.37
N PRO A 109 10.13 5.98 -11.71
CA PRO A 109 11.35 6.16 -12.50
C PRO A 109 11.95 7.55 -12.34
N ASN A 110 11.33 8.37 -11.49
CA ASN A 110 11.79 9.72 -11.26
C ASN A 110 12.15 9.92 -9.77
N SER A 111 13.41 9.68 -9.45
CA SER A 111 13.88 9.83 -8.07
C SER A 111 14.08 11.30 -7.72
N ALA A 112 13.05 11.91 -7.15
CA ALA A 112 13.10 13.32 -6.77
C ALA A 112 12.98 13.47 -5.25
N SER A 113 13.61 12.57 -4.52
CA SER A 113 13.57 12.61 -3.06
C SER A 113 14.36 13.80 -2.52
N GLY A 114 13.69 14.94 -2.39
CA GLY A 114 14.34 16.14 -1.90
C GLY A 114 15.78 16.24 -2.34
N PRO A 115 16.60 16.96 -1.56
CA PRO A 115 18.02 17.14 -1.85
C PRO A 115 18.83 15.86 -1.69
N SER A 116 19.17 15.23 -2.81
CA SER A 116 19.94 13.99 -2.78
C SER A 116 21.27 14.19 -2.07
N SER A 117 21.79 13.11 -1.49
CA SER A 117 23.06 13.16 -0.78
C SER A 117 24.14 12.39 -1.52
N GLY A 118 25.38 12.56 -1.09
CA GLY A 118 26.49 11.87 -1.73
C GLY A 118 27.81 12.13 -1.04
N GLY A 1 19.80 7.07 17.46
CA GLY A 1 18.37 7.32 17.56
C GLY A 1 17.56 6.36 16.70
N SER A 2 17.88 6.30 15.42
CA SER A 2 17.16 5.42 14.50
C SER A 2 15.66 5.49 14.74
N SER A 3 15.16 6.69 14.96
CA SER A 3 13.73 6.89 15.21
C SER A 3 13.30 8.30 14.80
N GLY A 4 12.26 8.38 13.98
CA GLY A 4 11.77 9.67 13.53
C GLY A 4 11.03 10.42 14.63
N SER A 5 10.22 11.39 14.23
CA SER A 5 9.47 12.20 15.18
C SER A 5 7.97 11.93 15.06
N SER A 6 7.61 10.66 14.89
CA SER A 6 6.21 10.28 14.76
C SER A 6 5.84 9.22 15.80
N GLY A 7 4.61 9.30 16.29
CA GLY A 7 4.14 8.35 17.29
C GLY A 7 4.63 8.68 18.68
N MET A 8 4.27 7.85 19.65
CA MET A 8 4.68 8.07 21.03
C MET A 8 5.76 7.08 21.44
N MET A 9 6.67 7.51 22.31
CA MET A 9 7.75 6.66 22.77
C MET A 9 7.34 5.90 24.03
N LEU A 10 6.12 5.40 24.03
CA LEU A 10 5.59 4.64 25.17
C LEU A 10 5.59 3.15 24.87
N GLY A 11 6.17 2.36 25.77
CA GLY A 11 6.22 0.92 25.58
C GLY A 11 6.38 0.53 24.13
N PRO A 12 5.25 0.21 23.48
CA PRO A 12 5.23 -0.19 22.07
C PRO A 12 5.55 0.97 21.13
N GLU A 13 6.73 0.91 20.51
CA GLU A 13 7.15 1.96 19.59
C GLU A 13 6.11 2.19 18.49
N GLY A 14 5.28 3.20 18.68
CA GLY A 14 4.26 3.51 17.71
C GLY A 14 4.75 4.42 16.60
N GLY A 15 3.85 4.78 15.69
CA GLY A 15 4.22 5.66 14.59
C GLY A 15 3.94 5.04 13.23
N GLU A 16 2.76 4.45 13.09
CA GLU A 16 2.36 3.81 11.84
C GLU A 16 0.87 3.96 11.60
N GLY A 17 0.40 3.44 10.47
CA GLY A 17 -1.01 3.52 10.14
C GLY A 17 -1.53 2.26 9.48
N TYR A 18 -2.85 2.14 9.37
CA TYR A 18 -3.46 0.97 8.78
C TYR A 18 -3.21 0.92 7.28
N VAL A 19 -2.20 0.16 6.87
CA VAL A 19 -1.85 0.03 5.45
C VAL A 19 -1.72 -1.44 5.06
N VAL A 20 -1.91 -1.72 3.77
CA VAL A 20 -1.80 -3.08 3.26
C VAL A 20 -1.12 -3.10 1.90
N LYS A 21 -0.35 -4.16 1.65
CA LYS A 21 0.36 -4.30 0.39
C LYS A 21 -0.22 -5.45 -0.44
N LEU A 22 -0.49 -5.18 -1.71
CA LEU A 22 -1.04 -6.19 -2.60
C LEU A 22 -0.02 -6.62 -3.65
N ARG A 23 0.22 -7.92 -3.74
CA ARG A 23 1.17 -8.46 -4.70
C ARG A 23 0.49 -9.40 -5.69
N GLY A 24 1.00 -9.45 -6.92
CA GLY A 24 0.42 -10.30 -7.93
C GLY A 24 -0.56 -9.58 -8.81
N LEU A 25 -0.69 -8.27 -8.59
CA LEU A 25 -1.62 -7.46 -9.38
C LEU A 25 -1.20 -7.42 -10.85
N PRO A 26 -2.19 -7.31 -11.74
CA PRO A 26 -1.96 -7.25 -13.18
C PRO A 26 -1.29 -5.96 -13.63
N TRP A 27 -0.51 -6.03 -14.70
CA TRP A 27 0.18 -4.86 -15.21
C TRP A 27 -0.80 -3.78 -15.64
N SER A 28 -2.08 -4.13 -15.66
CA SER A 28 -3.12 -3.20 -16.06
C SER A 28 -4.04 -2.87 -14.89
N CYS A 29 -3.61 -3.25 -13.69
CA CYS A 29 -4.39 -3.00 -12.48
C CYS A 29 -4.69 -1.52 -12.32
N SER A 30 -5.94 -1.20 -12.01
CA SER A 30 -6.36 0.19 -11.85
C SER A 30 -6.96 0.41 -10.45
N ILE A 31 -6.75 1.60 -9.91
CA ILE A 31 -7.26 1.93 -8.59
C ILE A 31 -8.61 1.26 -8.33
N GLU A 32 -9.50 1.36 -9.31
CA GLU A 32 -10.83 0.76 -9.21
C GLU A 32 -10.73 -0.71 -8.81
N ASP A 33 -9.93 -1.47 -9.57
CA ASP A 33 -9.75 -2.89 -9.31
C ASP A 33 -9.35 -3.13 -7.86
N VAL A 34 -8.56 -2.21 -7.31
CA VAL A 34 -8.10 -2.32 -5.93
C VAL A 34 -9.23 -2.00 -4.95
N GLN A 35 -9.85 -0.82 -5.13
CA GLN A 35 -10.93 -0.40 -4.26
C GLN A 35 -12.00 -1.48 -4.16
N ASN A 36 -12.36 -2.07 -5.29
CA ASN A 36 -13.37 -3.11 -5.32
C ASN A 36 -12.86 -4.39 -4.68
N PHE A 37 -11.57 -4.65 -4.84
CA PHE A 37 -10.94 -5.84 -4.27
C PHE A 37 -11.01 -5.81 -2.74
N LEU A 38 -10.70 -4.65 -2.16
CA LEU A 38 -10.72 -4.49 -0.72
C LEU A 38 -12.03 -3.85 -0.26
N SER A 39 -13.13 -4.26 -0.89
CA SER A 39 -14.44 -3.74 -0.55
C SER A 39 -14.71 -3.85 0.95
N ASP A 40 -14.58 -5.07 1.47
CA ASP A 40 -14.80 -5.32 2.89
C ASP A 40 -14.04 -4.32 3.74
N CYS A 41 -13.03 -3.70 3.16
CA CYS A 41 -12.21 -2.71 3.86
C CYS A 41 -12.63 -1.30 3.49
N THR A 42 -12.30 -0.34 4.35
CA THR A 42 -12.65 1.06 4.13
C THR A 42 -11.40 1.88 3.80
N ILE A 43 -10.98 1.83 2.54
CA ILE A 43 -9.81 2.57 2.11
C ILE A 43 -9.94 4.06 2.44
N HIS A 44 -8.92 4.61 3.10
CA HIS A 44 -8.92 6.02 3.48
C HIS A 44 -8.76 6.90 2.25
N ASP A 45 -9.67 7.86 2.08
CA ASP A 45 -9.63 8.77 0.95
C ASP A 45 -9.83 8.02 -0.37
N GLY A 46 -10.49 6.87 -0.29
CA GLY A 46 -10.73 6.07 -1.48
C GLY A 46 -9.58 6.13 -2.46
N VAL A 47 -9.88 6.42 -3.72
CA VAL A 47 -8.86 6.51 -4.76
C VAL A 47 -7.63 7.27 -4.26
N ALA A 48 -7.86 8.23 -3.38
CA ALA A 48 -6.77 9.03 -2.82
C ALA A 48 -6.09 8.30 -1.67
N GLY A 49 -6.24 6.98 -1.64
CA GLY A 49 -5.63 6.19 -0.58
C GLY A 49 -4.82 5.03 -1.12
N VAL A 50 -5.06 4.68 -2.38
CA VAL A 50 -4.34 3.57 -3.01
C VAL A 50 -3.04 4.05 -3.64
N HIS A 51 -1.96 3.36 -3.33
CA HIS A 51 -0.64 3.72 -3.87
C HIS A 51 -0.04 2.54 -4.64
N PHE A 52 0.13 2.72 -5.95
CA PHE A 52 0.70 1.67 -6.79
C PHE A 52 2.21 1.76 -6.82
N ILE A 53 2.86 0.62 -7.05
CA ILE A 53 4.32 0.58 -7.10
C ILE A 53 4.81 0.46 -8.53
N TYR A 54 5.73 1.35 -8.91
CA TYR A 54 6.28 1.35 -10.26
C TYR A 54 7.79 1.11 -10.23
N THR A 55 8.35 0.79 -11.39
CA THR A 55 9.79 0.53 -11.50
C THR A 55 10.56 1.82 -11.81
N ARG A 56 11.86 1.69 -11.99
CA ARG A 56 12.71 2.84 -12.29
C ARG A 56 12.52 3.28 -13.74
N GLU A 57 11.80 2.47 -14.52
CA GLU A 57 11.55 2.78 -15.92
C GLU A 57 10.17 3.41 -16.11
N GLY A 58 9.22 2.97 -15.29
CA GLY A 58 7.87 3.49 -15.38
C GLY A 58 6.83 2.40 -15.58
N ARG A 59 7.17 1.19 -15.14
CA ARG A 59 6.25 0.05 -15.28
C ARG A 59 5.53 -0.21 -13.96
N GLN A 60 4.75 -1.29 -13.94
CA GLN A 60 3.99 -1.66 -12.74
C GLN A 60 4.51 -2.98 -12.17
N SER A 61 5.53 -2.89 -11.33
CA SER A 61 6.13 -4.07 -10.71
C SER A 61 5.03 -5.03 -10.24
N GLY A 62 3.88 -4.49 -9.88
CA GLY A 62 2.77 -5.31 -9.42
C GLY A 62 2.34 -4.95 -8.01
N GLU A 63 3.31 -4.64 -7.16
CA GLU A 63 3.01 -4.29 -5.78
C GLU A 63 2.24 -2.98 -5.70
N ALA A 64 1.28 -2.91 -4.78
CA ALA A 64 0.47 -1.72 -4.60
C ALA A 64 -0.08 -1.63 -3.18
N PHE A 65 0.31 -0.58 -2.47
CA PHE A 65 -0.14 -0.36 -1.10
C PHE A 65 -1.52 0.28 -1.06
N VAL A 66 -2.19 0.17 0.08
CA VAL A 66 -3.52 0.74 0.24
C VAL A 66 -3.77 1.15 1.69
N GLU A 67 -4.14 2.42 1.88
CA GLU A 67 -4.41 2.94 3.21
C GLU A 67 -5.84 2.62 3.64
N LEU A 68 -6.00 2.33 4.93
CA LEU A 68 -7.32 2.00 5.48
C LEU A 68 -7.83 3.11 6.40
N GLU A 69 -8.98 2.89 7.00
CA GLU A 69 -9.57 3.88 7.90
C GLU A 69 -9.31 3.51 9.36
N SER A 70 -9.58 2.25 9.71
CA SER A 70 -9.38 1.78 11.07
C SER A 70 -8.62 0.46 11.07
N GLU A 71 -8.36 -0.07 12.27
CA GLU A 71 -7.63 -1.32 12.41
C GLU A 71 -8.41 -2.49 11.80
N ASP A 72 -9.65 -2.65 12.25
CA ASP A 72 -10.50 -3.72 11.76
C ASP A 72 -10.30 -3.93 10.25
N ASP A 73 -10.10 -2.83 9.53
CA ASP A 73 -9.90 -2.88 8.09
C ASP A 73 -8.71 -3.78 7.75
N VAL A 74 -7.58 -3.54 8.41
CA VAL A 74 -6.38 -4.33 8.19
C VAL A 74 -6.67 -5.81 8.28
N LYS A 75 -7.21 -6.24 9.41
CA LYS A 75 -7.54 -7.64 9.63
C LYS A 75 -8.38 -8.19 8.49
N LEU A 76 -9.35 -7.40 8.04
CA LEU A 76 -10.23 -7.80 6.95
C LEU A 76 -9.44 -7.95 5.65
N ALA A 77 -8.63 -6.93 5.34
CA ALA A 77 -7.82 -6.96 4.12
C ALA A 77 -6.98 -8.22 4.03
N LEU A 78 -6.43 -8.63 5.16
CA LEU A 78 -5.59 -9.84 5.21
C LEU A 78 -6.41 -11.07 4.83
N LYS A 79 -7.72 -10.95 4.91
CA LYS A 79 -8.62 -12.06 4.58
C LYS A 79 -8.77 -12.19 3.06
N LYS A 80 -8.23 -11.23 2.33
CA LYS A 80 -8.30 -11.23 0.88
C LYS A 80 -7.06 -11.90 0.28
N ASP A 81 -6.25 -12.51 1.14
CA ASP A 81 -5.04 -13.20 0.69
C ASP A 81 -5.38 -14.34 -0.26
N ARG A 82 -4.45 -14.65 -1.16
CA ARG A 82 -4.65 -15.72 -2.13
C ARG A 82 -5.98 -15.55 -2.87
N GLU A 83 -6.38 -14.30 -3.07
CA GLU A 83 -7.63 -13.99 -3.76
C GLU A 83 -7.41 -13.95 -5.27
N SER A 84 -8.48 -13.72 -6.01
CA SER A 84 -8.41 -13.65 -7.46
C SER A 84 -9.03 -12.36 -7.98
N MET A 85 -8.19 -11.49 -8.55
CA MET A 85 -8.65 -10.22 -9.08
C MET A 85 -8.81 -10.29 -10.60
N GLY A 86 -10.05 -10.38 -11.06
CA GLY A 86 -10.31 -10.45 -12.48
C GLY A 86 -9.96 -11.81 -13.07
N HIS A 87 -8.70 -11.97 -13.46
CA HIS A 87 -8.25 -13.24 -14.04
C HIS A 87 -6.92 -13.68 -13.41
N ARG A 88 -6.41 -12.86 -12.49
CA ARG A 88 -5.15 -13.15 -11.83
C ARG A 88 -5.36 -13.32 -10.32
N TYR A 89 -4.28 -13.62 -9.61
CA TYR A 89 -4.35 -13.82 -8.17
C TYR A 89 -3.69 -12.65 -7.43
N ILE A 90 -4.22 -12.32 -6.26
CA ILE A 90 -3.69 -11.23 -5.45
C ILE A 90 -3.25 -11.72 -4.08
N GLU A 91 -2.17 -11.14 -3.57
CA GLU A 91 -1.64 -11.52 -2.27
C GLU A 91 -1.57 -10.31 -1.34
N VAL A 92 -2.35 -10.34 -0.26
CA VAL A 92 -2.37 -9.25 0.71
C VAL A 92 -1.23 -9.37 1.70
N PHE A 93 -0.67 -8.24 2.10
CA PHE A 93 0.43 -8.22 3.05
C PHE A 93 0.25 -7.10 4.09
N LYS A 94 0.35 -7.46 5.36
CA LYS A 94 0.20 -6.50 6.44
C LYS A 94 1.41 -5.59 6.54
N SER A 95 1.20 -4.30 6.30
CA SER A 95 2.28 -3.33 6.36
C SER A 95 1.79 -2.00 6.95
N HIS A 96 2.73 -1.14 7.32
CA HIS A 96 2.39 0.15 7.90
C HIS A 96 2.49 1.26 6.84
N ARG A 97 2.31 2.50 7.29
CA ARG A 97 2.37 3.64 6.38
C ARG A 97 3.80 4.18 6.28
N THR A 98 4.56 4.03 7.35
CA THR A 98 5.93 4.50 7.38
C THR A 98 6.79 3.76 6.36
N GLU A 99 6.42 2.50 6.10
CA GLU A 99 7.16 1.68 5.14
C GLU A 99 6.72 1.98 3.71
N MET A 100 5.43 2.26 3.54
CA MET A 100 4.89 2.56 2.22
C MET A 100 5.34 3.94 1.75
N ASP A 101 5.75 4.77 2.69
CA ASP A 101 6.22 6.12 2.37
C ASP A 101 7.58 6.08 1.69
N TRP A 102 8.42 5.13 2.11
CA TRP A 102 9.75 4.98 1.54
C TRP A 102 9.70 4.20 0.23
N VAL A 103 9.03 3.05 0.26
CA VAL A 103 8.90 2.21 -0.93
C VAL A 103 8.41 3.02 -2.13
N LEU A 104 7.62 4.05 -1.85
CA LEU A 104 7.08 4.89 -2.91
C LEU A 104 8.13 5.91 -3.38
N LYS A 105 8.55 6.77 -2.47
CA LYS A 105 9.56 7.78 -2.79
C LYS A 105 10.69 7.18 -3.61
N HIS A 106 10.89 5.88 -3.48
CA HIS A 106 11.94 5.18 -4.21
C HIS A 106 11.37 4.04 -5.04
N SER A 107 10.32 4.34 -5.80
CA SER A 107 9.67 3.33 -6.63
C SER A 107 9.47 3.84 -8.06
N GLY A 108 8.76 4.97 -8.17
CA GLY A 108 8.51 5.55 -9.48
C GLY A 108 9.75 5.59 -10.35
N PRO A 109 9.56 5.84 -11.65
CA PRO A 109 10.66 5.90 -12.62
C PRO A 109 11.53 7.14 -12.41
N ASN A 110 11.17 7.95 -11.42
CA ASN A 110 11.91 9.17 -11.13
C ASN A 110 12.19 9.29 -9.63
N SER A 111 12.95 10.32 -9.25
CA SER A 111 13.30 10.54 -7.85
C SER A 111 13.09 12.00 -7.47
N ALA A 112 12.64 12.22 -6.23
CA ALA A 112 12.39 13.56 -5.74
C ALA A 112 13.56 14.06 -4.90
N SER A 113 13.81 13.39 -3.78
CA SER A 113 14.89 13.76 -2.88
C SER A 113 16.01 12.73 -2.92
N GLY A 114 17.20 13.15 -2.52
CA GLY A 114 18.34 12.24 -2.52
C GLY A 114 19.39 12.61 -3.55
N PRO A 115 20.67 12.43 -3.19
CA PRO A 115 21.80 12.74 -4.07
C PRO A 115 21.89 11.79 -5.27
N SER A 116 21.45 10.56 -5.06
CA SER A 116 21.48 9.55 -6.11
C SER A 116 20.89 10.10 -7.40
N SER A 117 21.76 10.53 -8.32
CA SER A 117 21.33 11.08 -9.59
C SER A 117 20.14 12.02 -9.40
N GLY A 118 20.22 12.87 -8.37
CA GLY A 118 19.14 13.80 -8.10
C GLY A 118 19.63 15.23 -8.06
N GLY A 1 17.48 9.64 2.28
CA GLY A 1 17.59 11.04 1.90
C GLY A 1 17.36 11.99 3.07
N SER A 2 16.15 12.50 3.17
CA SER A 2 15.81 13.42 4.25
C SER A 2 15.52 12.67 5.54
N SER A 3 14.77 11.58 5.43
CA SER A 3 14.42 10.77 6.59
C SER A 3 14.58 9.29 6.29
N GLY A 4 15.26 8.57 7.18
CA GLY A 4 15.47 7.15 6.99
C GLY A 4 14.16 6.36 7.04
N SER A 5 14.25 5.09 7.43
CA SER A 5 13.08 4.24 7.51
C SER A 5 12.69 3.99 8.96
N SER A 6 13.67 3.61 9.78
CA SER A 6 13.42 3.34 11.20
C SER A 6 12.57 4.44 11.82
N GLY A 7 11.49 4.05 12.48
CA GLY A 7 10.60 5.01 13.11
C GLY A 7 10.27 4.64 14.54
N MET A 8 9.09 4.06 14.73
CA MET A 8 8.64 3.66 16.06
C MET A 8 9.60 2.65 16.67
N MET A 9 10.62 3.14 17.36
CA MET A 9 11.61 2.28 17.99
C MET A 9 11.32 2.13 19.48
N LEU A 10 11.51 3.20 20.24
CA LEU A 10 11.27 3.17 21.68
C LEU A 10 9.91 3.79 22.01
N GLY A 11 8.96 3.63 21.10
CA GLY A 11 7.64 4.17 21.32
C GLY A 11 7.59 5.68 21.18
N PRO A 12 8.27 6.20 20.14
CA PRO A 12 8.32 7.64 19.88
C PRO A 12 6.98 8.20 19.41
N GLU A 13 7.02 9.40 18.84
CA GLU A 13 5.80 10.05 18.35
C GLU A 13 5.10 9.17 17.31
N GLY A 14 5.88 8.33 16.64
CA GLY A 14 5.32 7.46 15.62
C GLY A 14 4.62 8.23 14.52
N GLY A 15 3.48 7.72 14.08
CA GLY A 15 2.73 8.38 13.02
C GLY A 15 2.16 7.39 12.01
N GLU A 16 2.77 6.22 11.92
CA GLU A 16 2.31 5.19 11.00
C GLU A 16 0.79 5.01 11.10
N GLY A 17 0.24 4.20 10.19
CA GLY A 17 -1.18 3.95 10.19
C GLY A 17 -1.55 2.65 9.51
N TYR A 18 -2.84 2.32 9.51
CA TYR A 18 -3.31 1.09 8.90
C TYR A 18 -3.07 1.10 7.40
N VAL A 19 -2.26 0.15 6.93
CA VAL A 19 -1.95 0.05 5.51
C VAL A 19 -1.79 -1.41 5.08
N VAL A 20 -1.98 -1.67 3.79
CA VAL A 20 -1.87 -3.02 3.25
C VAL A 20 -1.18 -3.01 1.89
N LYS A 21 -0.38 -4.04 1.64
CA LYS A 21 0.34 -4.16 0.37
C LYS A 21 -0.25 -5.27 -0.49
N LEU A 22 -0.55 -4.94 -1.74
CA LEU A 22 -1.11 -5.92 -2.67
C LEU A 22 -0.08 -6.36 -3.70
N ARG A 23 0.40 -7.59 -3.57
CA ARG A 23 1.40 -8.12 -4.49
C ARG A 23 0.77 -9.16 -5.41
N GLY A 24 1.16 -9.12 -6.69
CA GLY A 24 0.63 -10.06 -7.66
C GLY A 24 -0.45 -9.45 -8.54
N LEU A 25 -0.46 -8.12 -8.60
CA LEU A 25 -1.45 -7.41 -9.41
C LEU A 25 -1.04 -7.40 -10.88
N PRO A 26 -2.03 -7.38 -11.78
CA PRO A 26 -1.80 -7.36 -13.22
C PRO A 26 -1.21 -6.04 -13.70
N TRP A 27 -0.54 -6.07 -14.85
CA TRP A 27 0.07 -4.87 -15.41
C TRP A 27 -1.00 -3.87 -15.85
N SER A 28 -2.26 -4.27 -15.73
CA SER A 28 -3.37 -3.41 -16.11
C SER A 28 -4.25 -3.09 -14.91
N CYS A 29 -3.71 -3.33 -13.72
CA CYS A 29 -4.44 -3.06 -12.48
C CYS A 29 -4.63 -1.56 -12.28
N SER A 30 -5.84 -1.18 -11.89
CA SER A 30 -6.16 0.24 -11.67
C SER A 30 -6.75 0.44 -10.28
N ILE A 31 -6.59 1.64 -9.74
CA ILE A 31 -7.11 1.97 -8.42
C ILE A 31 -8.48 1.32 -8.19
N GLU A 32 -9.33 1.40 -9.21
CA GLU A 32 -10.67 0.82 -9.11
C GLU A 32 -10.60 -0.65 -8.69
N ASP A 33 -9.88 -1.44 -9.47
CA ASP A 33 -9.73 -2.86 -9.17
C ASP A 33 -9.36 -3.08 -7.71
N VAL A 34 -8.52 -2.19 -7.18
CA VAL A 34 -8.09 -2.30 -5.79
C VAL A 34 -9.22 -1.94 -4.83
N GLN A 35 -9.83 -0.78 -5.04
CA GLN A 35 -10.93 -0.32 -4.21
C GLN A 35 -11.99 -1.41 -4.07
N ASN A 36 -12.38 -1.99 -5.20
CA ASN A 36 -13.39 -3.04 -5.20
C ASN A 36 -12.83 -4.34 -4.62
N PHE A 37 -11.55 -4.60 -4.92
CA PHE A 37 -10.91 -5.81 -4.43
C PHE A 37 -10.89 -5.85 -2.90
N LEU A 38 -10.67 -4.69 -2.29
CA LEU A 38 -10.63 -4.59 -0.83
C LEU A 38 -11.90 -3.92 -0.30
N SER A 39 -13.04 -4.28 -0.88
CA SER A 39 -14.32 -3.72 -0.46
C SER A 39 -14.58 -3.99 1.02
N ASP A 40 -14.05 -5.10 1.52
CA ASP A 40 -14.23 -5.47 2.92
C ASP A 40 -13.57 -4.44 3.83
N CYS A 41 -12.62 -3.68 3.28
CA CYS A 41 -11.92 -2.67 4.05
C CYS A 41 -12.44 -1.28 3.72
N THR A 42 -12.18 -0.32 4.61
CA THR A 42 -12.62 1.05 4.41
C THR A 42 -11.45 1.96 4.04
N ILE A 43 -10.95 1.81 2.82
CA ILE A 43 -9.84 2.62 2.34
C ILE A 43 -10.06 4.10 2.67
N HIS A 44 -9.01 4.77 3.12
CA HIS A 44 -9.08 6.19 3.46
C HIS A 44 -8.90 7.05 2.21
N ASP A 45 -9.84 7.97 2.00
CA ASP A 45 -9.77 8.87 0.85
C ASP A 45 -9.89 8.07 -0.45
N GLY A 46 -10.51 6.90 -0.38
CA GLY A 46 -10.68 6.08 -1.55
C GLY A 46 -9.50 6.16 -2.50
N VAL A 47 -9.77 6.44 -3.77
CA VAL A 47 -8.72 6.56 -4.78
C VAL A 47 -7.51 7.31 -4.22
N ALA A 48 -7.78 8.29 -3.37
CA ALA A 48 -6.72 9.09 -2.77
C ALA A 48 -6.09 8.37 -1.58
N GLY A 49 -6.21 7.05 -1.57
CA GLY A 49 -5.66 6.26 -0.49
C GLY A 49 -4.87 5.05 -0.98
N VAL A 50 -4.93 4.81 -2.29
CA VAL A 50 -4.23 3.69 -2.89
C VAL A 50 -2.92 4.14 -3.54
N HIS A 51 -1.82 3.54 -3.12
CA HIS A 51 -0.51 3.87 -3.67
C HIS A 51 0.07 2.71 -4.46
N PHE A 52 0.12 2.86 -5.78
CA PHE A 52 0.65 1.81 -6.64
C PHE A 52 2.18 1.86 -6.69
N ILE A 53 2.80 0.73 -7.00
CA ILE A 53 4.25 0.64 -7.07
C ILE A 53 4.72 0.50 -8.51
N TYR A 54 5.66 1.34 -8.91
CA TYR A 54 6.19 1.30 -10.27
C TYR A 54 7.63 0.79 -10.28
N THR A 55 8.18 0.59 -11.48
CA THR A 55 9.54 0.10 -11.63
C THR A 55 10.49 1.23 -11.98
N ARG A 56 11.76 0.88 -12.20
CA ARG A 56 12.77 1.87 -12.54
C ARG A 56 12.54 2.43 -13.95
N GLU A 57 11.88 1.63 -14.79
CA GLU A 57 11.59 2.05 -16.16
C GLU A 57 10.27 2.80 -16.23
N GLY A 58 9.42 2.61 -15.22
CA GLY A 58 8.14 3.28 -15.18
C GLY A 58 6.99 2.36 -15.58
N ARG A 59 6.88 1.23 -14.90
CA ARG A 59 5.82 0.27 -15.19
C ARG A 59 5.25 -0.32 -13.90
N GLN A 60 4.03 -0.82 -13.98
CA GLN A 60 3.37 -1.40 -12.81
C GLN A 60 4.09 -2.67 -12.36
N SER A 61 4.98 -2.54 -11.40
CA SER A 61 5.73 -3.67 -10.88
C SER A 61 4.80 -4.77 -10.38
N GLY A 62 3.62 -4.36 -9.92
CA GLY A 62 2.65 -5.33 -9.42
C GLY A 62 2.22 -5.03 -8.00
N GLU A 63 3.14 -4.49 -7.21
CA GLU A 63 2.85 -4.17 -5.81
C GLU A 63 2.11 -2.85 -5.70
N ALA A 64 1.17 -2.77 -4.77
CA ALA A 64 0.38 -1.57 -4.56
C ALA A 64 -0.14 -1.49 -3.13
N PHE A 65 0.25 -0.44 -2.42
CA PHE A 65 -0.18 -0.25 -1.03
C PHE A 65 -1.56 0.39 -0.98
N VAL A 66 -2.15 0.40 0.21
CA VAL A 66 -3.48 0.97 0.41
C VAL A 66 -3.68 1.42 1.85
N GLU A 67 -4.22 2.62 2.03
CA GLU A 67 -4.47 3.16 3.36
C GLU A 67 -5.88 2.81 3.83
N LEU A 68 -5.99 2.44 5.10
CA LEU A 68 -7.28 2.08 5.68
C LEU A 68 -7.76 3.15 6.66
N GLU A 69 -8.92 2.92 7.25
CA GLU A 69 -9.49 3.88 8.21
C GLU A 69 -9.18 3.45 9.65
N SER A 70 -9.40 2.18 9.94
CA SER A 70 -9.15 1.64 11.27
C SER A 70 -8.46 0.28 11.20
N GLU A 71 -8.18 -0.30 12.36
CA GLU A 71 -7.52 -1.60 12.42
C GLU A 71 -8.37 -2.68 11.74
N ASP A 72 -9.59 -2.84 12.22
CA ASP A 72 -10.50 -3.83 11.65
C ASP A 72 -10.28 -3.98 10.15
N ASP A 73 -10.16 -2.85 9.46
CA ASP A 73 -9.95 -2.85 8.02
C ASP A 73 -8.79 -3.77 7.64
N VAL A 74 -7.66 -3.61 8.33
CA VAL A 74 -6.49 -4.44 8.07
C VAL A 74 -6.83 -5.92 8.12
N LYS A 75 -7.32 -6.37 9.27
CA LYS A 75 -7.69 -7.76 9.45
C LYS A 75 -8.53 -8.27 8.28
N LEU A 76 -9.46 -7.43 7.83
CA LEU A 76 -10.34 -7.78 6.71
C LEU A 76 -9.53 -7.91 5.42
N ALA A 77 -8.74 -6.89 5.12
CA ALA A 77 -7.92 -6.90 3.91
C ALA A 77 -7.11 -8.18 3.81
N LEU A 78 -6.53 -8.60 4.93
CA LEU A 78 -5.71 -9.81 4.97
C LEU A 78 -6.52 -11.03 4.55
N LYS A 79 -7.85 -10.91 4.67
CA LYS A 79 -8.75 -12.00 4.30
C LYS A 79 -8.82 -12.15 2.78
N LYS A 80 -8.33 -11.16 2.06
CA LYS A 80 -8.33 -11.18 0.60
C LYS A 80 -7.03 -11.74 0.07
N ASP A 81 -6.32 -12.50 0.90
CA ASP A 81 -5.06 -13.10 0.51
C ASP A 81 -5.27 -14.17 -0.56
N ARG A 82 -4.20 -14.54 -1.26
CA ARG A 82 -4.28 -15.54 -2.31
C ARG A 82 -5.62 -15.48 -3.03
N GLU A 83 -6.16 -14.27 -3.16
CA GLU A 83 -7.45 -14.07 -3.83
C GLU A 83 -7.28 -14.07 -5.34
N SER A 84 -8.37 -13.81 -6.05
CA SER A 84 -8.34 -13.77 -7.51
C SER A 84 -8.93 -12.46 -8.04
N MET A 85 -8.07 -11.64 -8.64
CA MET A 85 -8.50 -10.37 -9.19
C MET A 85 -8.55 -10.42 -10.71
N GLY A 86 -9.76 -10.39 -11.27
CA GLY A 86 -9.91 -10.43 -12.72
C GLY A 86 -9.52 -11.78 -13.30
N HIS A 87 -8.25 -11.92 -13.68
CA HIS A 87 -7.76 -13.16 -14.26
C HIS A 87 -6.43 -13.56 -13.63
N ARG A 88 -6.13 -12.99 -12.47
CA ARG A 88 -4.88 -13.28 -11.77
C ARG A 88 -5.12 -13.40 -10.27
N TYR A 89 -4.08 -13.78 -9.54
CA TYR A 89 -4.18 -13.95 -8.09
C TYR A 89 -3.53 -12.77 -7.37
N ILE A 90 -4.06 -12.44 -6.20
CA ILE A 90 -3.54 -11.33 -5.40
C ILE A 90 -3.16 -11.79 -4.01
N GLU A 91 -2.04 -11.28 -3.51
CA GLU A 91 -1.55 -11.64 -2.18
C GLU A 91 -1.48 -10.42 -1.28
N VAL A 92 -2.35 -10.38 -0.27
CA VAL A 92 -2.40 -9.27 0.66
C VAL A 92 -1.26 -9.35 1.68
N PHE A 93 -0.69 -8.20 2.02
CA PHE A 93 0.41 -8.16 2.97
C PHE A 93 0.18 -7.05 4.02
N LYS A 94 0.34 -7.41 5.29
CA LYS A 94 0.15 -6.45 6.37
C LYS A 94 1.36 -5.53 6.50
N SER A 95 1.13 -4.23 6.33
CA SER A 95 2.20 -3.25 6.43
C SER A 95 1.68 -1.95 7.04
N HIS A 96 2.62 -1.08 7.44
CA HIS A 96 2.25 0.20 8.03
C HIS A 96 2.34 1.32 7.01
N ARG A 97 2.11 2.56 7.45
CA ARG A 97 2.17 3.72 6.57
C ARG A 97 3.62 4.15 6.33
N THR A 98 4.29 4.55 7.39
CA THR A 98 5.68 4.99 7.30
C THR A 98 6.43 4.21 6.23
N GLU A 99 6.22 2.89 6.20
CA GLU A 99 6.88 2.03 5.23
C GLU A 99 6.45 2.39 3.81
N MET A 100 5.16 2.20 3.52
CA MET A 100 4.63 2.51 2.20
C MET A 100 5.17 3.84 1.69
N ASP A 101 5.61 4.69 2.61
CA ASP A 101 6.15 5.99 2.25
C ASP A 101 7.53 5.85 1.61
N TRP A 102 8.35 4.98 2.19
CA TRP A 102 9.70 4.75 1.68
C TRP A 102 9.66 4.00 0.35
N VAL A 103 8.93 2.89 0.34
CA VAL A 103 8.81 2.08 -0.87
C VAL A 103 8.34 2.91 -2.05
N LEU A 104 7.53 3.92 -1.78
CA LEU A 104 7.00 4.81 -2.82
C LEU A 104 8.10 5.73 -3.34
N LYS A 105 8.66 6.55 -2.45
CA LYS A 105 9.71 7.47 -2.82
C LYS A 105 10.71 6.82 -3.76
N HIS A 106 10.82 5.50 -3.67
CA HIS A 106 11.75 4.75 -4.53
C HIS A 106 11.00 3.69 -5.33
N SER A 107 9.90 4.10 -5.97
CA SER A 107 9.10 3.18 -6.77
C SER A 107 9.05 3.64 -8.23
N GLY A 108 9.05 4.96 -8.43
CA GLY A 108 9.01 5.51 -9.77
C GLY A 108 10.33 5.37 -10.50
N PRO A 109 10.30 5.47 -11.83
CA PRO A 109 11.50 5.36 -12.67
C PRO A 109 12.42 6.55 -12.51
N ASN A 110 11.92 7.62 -11.89
CA ASN A 110 12.71 8.82 -11.67
C ASN A 110 13.79 8.58 -10.62
N SER A 111 13.37 8.16 -9.43
CA SER A 111 14.30 7.89 -8.34
C SER A 111 14.17 6.46 -7.86
N ALA A 112 14.77 5.53 -8.60
CA ALA A 112 14.73 4.12 -8.25
C ALA A 112 15.82 3.77 -7.23
N SER A 113 15.64 2.65 -6.53
CA SER A 113 16.59 2.21 -5.53
C SER A 113 17.72 1.41 -6.18
N GLY A 114 17.35 0.36 -6.89
CA GLY A 114 18.33 -0.49 -7.55
C GLY A 114 18.31 -1.92 -7.05
N PRO A 115 19.40 -2.65 -7.29
CA PRO A 115 19.52 -4.05 -6.86
C PRO A 115 19.63 -4.20 -5.35
N SER A 116 18.94 -5.20 -4.81
CA SER A 116 18.95 -5.44 -3.36
C SER A 116 20.26 -6.11 -2.94
N SER A 117 20.52 -6.10 -1.65
CA SER A 117 21.73 -6.70 -1.11
C SER A 117 21.47 -7.36 0.25
N GLY A 118 21.47 -8.68 0.27
CA GLY A 118 21.22 -9.41 1.50
C GLY A 118 22.47 -10.07 2.04
N GLY A 1 7.86 -6.03 7.92
CA GLY A 1 9.28 -5.83 8.13
C GLY A 1 9.58 -4.99 9.35
N SER A 2 10.13 -5.62 10.38
CA SER A 2 10.45 -4.92 11.62
C SER A 2 11.56 -3.89 11.38
N SER A 3 11.26 -2.63 11.68
CA SER A 3 12.23 -1.55 11.50
C SER A 3 11.77 -0.29 12.23
N GLY A 4 12.74 0.51 12.66
CA GLY A 4 12.42 1.74 13.37
C GLY A 4 11.31 2.53 12.69
N SER A 5 10.41 3.08 13.50
CA SER A 5 9.30 3.85 12.97
C SER A 5 9.64 5.34 12.92
N SER A 6 8.73 6.13 12.36
CA SER A 6 8.94 7.58 12.25
C SER A 6 8.06 8.33 13.24
N GLY A 7 8.69 8.98 14.21
CA GLY A 7 7.95 9.73 15.20
C GLY A 7 8.31 9.32 16.62
N MET A 8 7.33 8.75 17.33
CA MET A 8 7.55 8.32 18.70
C MET A 8 7.46 6.80 18.81
N MET A 9 7.92 6.26 19.93
CA MET A 9 7.89 4.82 20.16
C MET A 9 6.45 4.32 20.27
N LEU A 10 6.29 3.01 20.23
CA LEU A 10 4.97 2.39 20.32
C LEU A 10 4.20 2.94 21.52
N GLY A 11 3.17 3.74 21.25
CA GLY A 11 2.38 4.31 22.31
C GLY A 11 1.27 5.21 21.79
N PRO A 12 1.60 6.48 21.50
CA PRO A 12 0.64 7.45 20.98
C PRO A 12 0.20 7.14 19.56
N GLU A 13 -0.65 7.99 19.00
CA GLU A 13 -1.15 7.81 17.64
C GLU A 13 -0.03 7.33 16.72
N GLY A 14 1.11 8.02 16.78
CA GLY A 14 2.24 7.66 15.94
C GLY A 14 2.06 8.12 14.51
N GLY A 15 3.10 7.92 13.70
CA GLY A 15 3.04 8.32 12.31
C GLY A 15 2.47 7.24 11.42
N GLU A 16 2.83 5.99 11.69
CA GLU A 16 2.35 4.86 10.91
C GLU A 16 0.83 4.81 10.91
N GLY A 17 0.27 4.07 9.96
CA GLY A 17 -1.18 3.95 9.87
C GLY A 17 -1.61 2.66 9.19
N TYR A 18 -2.90 2.36 9.26
CA TYR A 18 -3.44 1.14 8.66
C TYR A 18 -3.15 1.11 7.16
N VAL A 19 -2.26 0.20 6.76
CA VAL A 19 -1.89 0.05 5.36
C VAL A 19 -1.72 -1.41 4.98
N VAL A 20 -1.95 -1.72 3.71
CA VAL A 20 -1.81 -3.09 3.22
C VAL A 20 -1.12 -3.12 1.86
N LYS A 21 -0.32 -4.16 1.64
CA LYS A 21 0.40 -4.31 0.37
C LYS A 21 -0.20 -5.45 -0.45
N LEU A 22 -0.52 -5.15 -1.71
CA LEU A 22 -1.09 -6.16 -2.61
C LEU A 22 -0.08 -6.57 -3.67
N ARG A 23 0.21 -7.88 -3.72
CA ARG A 23 1.15 -8.40 -4.69
C ARG A 23 0.45 -9.29 -5.72
N GLY A 24 1.09 -9.49 -6.87
CA GLY A 24 0.51 -10.31 -7.91
C GLY A 24 -0.54 -9.57 -8.71
N LEU A 25 -0.47 -8.25 -8.71
CA LEU A 25 -1.41 -7.41 -9.44
C LEU A 25 -1.05 -7.35 -10.92
N PRO A 26 -2.07 -7.29 -11.78
CA PRO A 26 -1.88 -7.22 -13.24
C PRO A 26 -1.31 -5.87 -13.68
N TRP A 27 -0.58 -5.88 -14.78
CA TRP A 27 0.02 -4.66 -15.31
C TRP A 27 -1.05 -3.66 -15.72
N SER A 28 -2.30 -4.09 -15.67
CA SER A 28 -3.42 -3.23 -16.03
C SER A 28 -4.29 -2.91 -14.81
N CYS A 29 -3.76 -3.22 -13.64
CA CYS A 29 -4.48 -2.97 -12.39
C CYS A 29 -4.67 -1.48 -12.16
N SER A 30 -5.91 -1.08 -11.88
CA SER A 30 -6.23 0.33 -11.65
C SER A 30 -6.86 0.52 -10.27
N ILE A 31 -6.68 1.70 -9.71
CA ILE A 31 -7.23 2.02 -8.39
C ILE A 31 -8.60 1.37 -8.20
N GLU A 32 -9.45 1.49 -9.20
CA GLU A 32 -10.78 0.92 -9.14
C GLU A 32 -10.72 -0.55 -8.72
N ASP A 33 -9.94 -1.33 -9.45
CA ASP A 33 -9.79 -2.76 -9.15
C ASP A 33 -9.40 -2.97 -7.69
N VAL A 34 -8.57 -2.07 -7.17
CA VAL A 34 -8.11 -2.15 -5.79
C VAL A 34 -9.24 -1.81 -4.82
N GLN A 35 -9.94 -0.71 -5.11
CA GLN A 35 -11.05 -0.27 -4.26
C GLN A 35 -12.10 -1.37 -4.12
N ASN A 36 -12.49 -1.97 -5.24
CA ASN A 36 -13.49 -3.02 -5.24
C ASN A 36 -12.94 -4.29 -4.60
N PHE A 37 -11.68 -4.60 -4.88
CA PHE A 37 -11.04 -5.79 -4.33
C PHE A 37 -11.09 -5.76 -2.80
N LEU A 38 -10.71 -4.63 -2.22
CA LEU A 38 -10.72 -4.47 -0.77
C LEU A 38 -12.02 -3.84 -0.29
N SER A 39 -13.12 -4.22 -0.92
CA SER A 39 -14.43 -3.70 -0.55
C SER A 39 -14.70 -3.90 0.93
N ASP A 40 -14.59 -5.14 1.39
CA ASP A 40 -14.82 -5.46 2.80
C ASP A 40 -14.10 -4.47 3.71
N CYS A 41 -13.06 -3.83 3.17
CA CYS A 41 -12.29 -2.86 3.93
C CYS A 41 -12.69 -1.43 3.57
N THR A 42 -12.39 -0.49 4.46
CA THR A 42 -12.72 0.91 4.23
C THR A 42 -11.47 1.72 3.93
N ILE A 43 -11.09 1.78 2.65
CA ILE A 43 -9.91 2.53 2.25
C ILE A 43 -10.03 4.00 2.63
N HIS A 44 -8.97 4.54 3.23
CA HIS A 44 -8.96 5.93 3.65
C HIS A 44 -8.80 6.86 2.45
N ASP A 45 -9.75 7.78 2.28
CA ASP A 45 -9.71 8.72 1.17
C ASP A 45 -9.87 8.00 -0.16
N GLY A 46 -10.51 6.83 -0.12
CA GLY A 46 -10.73 6.06 -1.34
C GLY A 46 -9.56 6.15 -2.30
N VAL A 47 -9.85 6.48 -3.55
CA VAL A 47 -8.82 6.60 -4.57
C VAL A 47 -7.61 7.35 -4.04
N ALA A 48 -7.85 8.30 -3.14
CA ALA A 48 -6.77 9.09 -2.55
C ALA A 48 -6.12 8.34 -1.39
N GLY A 49 -6.24 7.02 -1.41
CA GLY A 49 -5.66 6.19 -0.36
C GLY A 49 -4.85 5.04 -0.91
N VAL A 50 -5.04 4.73 -2.19
CA VAL A 50 -4.33 3.64 -2.84
C VAL A 50 -3.04 4.13 -3.50
N HIS A 51 -1.95 3.43 -3.23
CA HIS A 51 -0.65 3.80 -3.80
C HIS A 51 -0.05 2.63 -4.58
N PHE A 52 0.07 2.80 -5.89
CA PHE A 52 0.62 1.77 -6.75
C PHE A 52 2.15 1.86 -6.79
N ILE A 53 2.79 0.73 -7.08
CA ILE A 53 4.25 0.68 -7.14
C ILE A 53 4.72 0.58 -8.59
N TYR A 54 5.70 1.41 -8.95
CA TYR A 54 6.24 1.41 -10.30
C TYR A 54 7.69 0.93 -10.31
N THR A 55 8.27 0.83 -11.50
CA THR A 55 9.65 0.38 -11.65
C THR A 55 10.56 1.54 -12.06
N ARG A 56 11.86 1.32 -11.94
CA ARG A 56 12.83 2.34 -12.30
C ARG A 56 12.65 2.79 -13.75
N GLU A 57 12.01 1.93 -14.55
CA GLU A 57 11.77 2.23 -15.95
C GLU A 57 10.39 2.84 -16.14
N GLY A 58 9.51 2.64 -15.16
CA GLY A 58 8.16 3.17 -15.24
C GLY A 58 7.14 2.11 -15.59
N ARG A 59 7.27 0.94 -14.97
CA ARG A 59 6.35 -0.16 -15.21
C ARG A 59 5.75 -0.68 -13.91
N GLN A 60 4.50 -1.13 -13.97
CA GLN A 60 3.82 -1.64 -12.79
C GLN A 60 4.53 -2.88 -12.24
N SER A 61 5.37 -2.68 -11.23
CA SER A 61 6.11 -3.78 -10.62
C SER A 61 5.16 -4.88 -10.15
N GLY A 62 3.97 -4.49 -9.75
CA GLY A 62 2.98 -5.46 -9.29
C GLY A 62 2.49 -5.15 -7.89
N GLU A 63 3.35 -4.57 -7.06
CA GLU A 63 3.00 -4.23 -5.69
C GLU A 63 2.17 -2.95 -5.65
N ALA A 64 1.22 -2.90 -4.73
CA ALA A 64 0.36 -1.73 -4.58
C ALA A 64 -0.15 -1.60 -3.15
N PHE A 65 0.23 -0.51 -2.49
CA PHE A 65 -0.18 -0.27 -1.11
C PHE A 65 -1.57 0.38 -1.07
N VAL A 66 -2.19 0.34 0.11
CA VAL A 66 -3.52 0.91 0.28
C VAL A 66 -3.73 1.36 1.73
N GLU A 67 -4.34 2.53 1.89
CA GLU A 67 -4.60 3.06 3.23
C GLU A 67 -6.01 2.71 3.68
N LEU A 68 -6.15 2.39 4.97
CA LEU A 68 -7.44 2.03 5.53
C LEU A 68 -7.93 3.10 6.50
N GLU A 69 -9.15 2.93 7.00
CA GLU A 69 -9.73 3.88 7.94
C GLU A 69 -9.39 3.51 9.38
N SER A 70 -9.65 2.25 9.73
CA SER A 70 -9.37 1.76 11.08
C SER A 70 -8.65 0.42 11.04
N GLU A 71 -8.35 -0.12 12.21
CA GLU A 71 -7.67 -1.40 12.31
C GLU A 71 -8.49 -2.51 11.64
N ASP A 72 -9.73 -2.65 12.09
CA ASP A 72 -10.62 -3.68 11.55
C ASP A 72 -10.35 -3.88 10.05
N ASP A 73 -10.20 -2.79 9.32
CA ASP A 73 -9.94 -2.85 7.90
C ASP A 73 -8.74 -3.75 7.59
N VAL A 74 -7.66 -3.54 8.33
CA VAL A 74 -6.45 -4.34 8.14
C VAL A 74 -6.75 -5.83 8.24
N LYS A 75 -7.29 -6.25 9.39
CA LYS A 75 -7.62 -7.65 9.60
C LYS A 75 -8.43 -8.20 8.43
N LEU A 76 -9.36 -7.39 7.92
CA LEU A 76 -10.20 -7.80 6.80
C LEU A 76 -9.36 -8.00 5.54
N ALA A 77 -8.54 -7.01 5.22
CA ALA A 77 -7.70 -7.07 4.03
C ALA A 77 -6.90 -8.38 4.00
N LEU A 78 -6.31 -8.73 5.15
CA LEU A 78 -5.52 -9.95 5.25
C LEU A 78 -6.35 -11.17 4.85
N LYS A 79 -7.67 -11.01 4.86
CA LYS A 79 -8.57 -12.09 4.49
C LYS A 79 -8.65 -12.25 2.98
N LYS A 80 -8.30 -11.20 2.25
CA LYS A 80 -8.33 -11.22 0.80
C LYS A 80 -7.05 -11.83 0.24
N ASP A 81 -6.26 -12.45 1.12
CA ASP A 81 -5.01 -13.08 0.72
C ASP A 81 -5.25 -14.11 -0.38
N ARG A 82 -4.19 -14.47 -1.09
CA ARG A 82 -4.28 -15.44 -2.18
C ARG A 82 -5.65 -15.37 -2.84
N GLU A 83 -6.11 -14.16 -3.12
CA GLU A 83 -7.41 -13.96 -3.75
C GLU A 83 -7.28 -13.99 -5.28
N SER A 84 -8.39 -13.76 -5.96
CA SER A 84 -8.40 -13.76 -7.42
C SER A 84 -9.03 -12.47 -7.96
N MET A 85 -8.19 -11.60 -8.52
CA MET A 85 -8.66 -10.34 -9.08
C MET A 85 -8.69 -10.40 -10.60
N GLY A 86 -9.89 -10.42 -11.18
CA GLY A 86 -10.02 -10.47 -12.62
C GLY A 86 -9.59 -11.81 -13.20
N HIS A 87 -8.37 -11.86 -13.73
CA HIS A 87 -7.84 -13.08 -14.32
C HIS A 87 -6.49 -13.44 -13.70
N ARG A 88 -6.21 -12.88 -12.53
CA ARG A 88 -4.96 -13.13 -11.84
C ARG A 88 -5.19 -13.30 -10.34
N TYR A 89 -4.11 -13.56 -9.60
CA TYR A 89 -4.19 -13.74 -8.16
C TYR A 89 -3.60 -12.55 -7.42
N ILE A 90 -4.09 -12.30 -6.21
CA ILE A 90 -3.60 -11.19 -5.40
C ILE A 90 -3.19 -11.67 -4.01
N GLU A 91 -2.04 -11.19 -3.55
CA GLU A 91 -1.53 -11.57 -2.23
C GLU A 91 -1.48 -10.36 -1.30
N VAL A 92 -2.28 -10.38 -0.25
CA VAL A 92 -2.32 -9.29 0.71
C VAL A 92 -1.19 -9.41 1.72
N PHE A 93 -0.62 -8.27 2.09
CA PHE A 93 0.48 -8.24 3.05
C PHE A 93 0.28 -7.12 4.07
N LYS A 94 0.34 -7.46 5.35
CA LYS A 94 0.18 -6.48 6.42
C LYS A 94 1.40 -5.57 6.51
N SER A 95 1.18 -4.28 6.27
CA SER A 95 2.26 -3.30 6.33
C SER A 95 1.78 -1.99 6.97
N HIS A 96 2.73 -1.14 7.32
CA HIS A 96 2.41 0.15 7.94
C HIS A 96 2.48 1.28 6.91
N ARG A 97 2.30 2.51 7.38
CA ARG A 97 2.34 3.67 6.50
C ARG A 97 3.78 4.12 6.25
N THR A 98 4.48 4.43 7.34
CA THR A 98 5.87 4.87 7.24
C THR A 98 6.61 4.14 6.13
N GLU A 99 6.50 2.81 6.13
CA GLU A 99 7.16 2.00 5.11
C GLU A 99 6.68 2.37 3.72
N MET A 100 5.38 2.22 3.48
CA MET A 100 4.79 2.54 2.19
C MET A 100 5.30 3.89 1.68
N ASP A 101 5.78 4.71 2.61
CA ASP A 101 6.29 6.04 2.25
C ASP A 101 7.63 5.92 1.53
N TRP A 102 8.50 5.06 2.04
CA TRP A 102 9.82 4.87 1.45
C TRP A 102 9.71 4.05 0.16
N VAL A 103 8.97 2.95 0.21
CA VAL A 103 8.80 2.10 -0.95
C VAL A 103 8.29 2.90 -2.16
N LEU A 104 7.50 3.93 -1.88
CA LEU A 104 6.95 4.78 -2.93
C LEU A 104 8.01 5.72 -3.49
N LYS A 105 8.57 6.56 -2.62
CA LYS A 105 9.60 7.50 -3.03
C LYS A 105 10.60 6.85 -3.98
N HIS A 106 10.85 5.56 -3.77
CA HIS A 106 11.77 4.82 -4.61
C HIS A 106 11.04 3.76 -5.44
N SER A 107 9.93 4.16 -6.04
CA SER A 107 9.13 3.26 -6.86
C SER A 107 9.08 3.73 -8.31
N GLY A 108 8.78 5.02 -8.49
CA GLY A 108 8.70 5.57 -9.83
C GLY A 108 10.02 5.46 -10.58
N PRO A 109 9.96 5.64 -11.91
CA PRO A 109 11.15 5.56 -12.77
C PRO A 109 12.10 6.74 -12.55
N ASN A 110 11.76 7.60 -11.60
CA ASN A 110 12.58 8.77 -11.29
C ASN A 110 12.60 9.03 -9.79
N SER A 111 13.79 9.27 -9.25
CA SER A 111 13.94 9.55 -7.83
C SER A 111 14.16 11.04 -7.58
N ALA A 112 13.80 11.49 -6.38
CA ALA A 112 13.95 12.88 -6.02
C ALA A 112 15.37 13.17 -5.51
N SER A 113 15.80 14.43 -5.66
CA SER A 113 17.13 14.83 -5.22
C SER A 113 17.15 15.14 -3.74
N GLY A 114 16.56 14.25 -2.94
CA GLY A 114 16.51 14.45 -1.51
C GLY A 114 17.22 13.35 -0.74
N PRO A 115 16.79 13.12 0.50
CA PRO A 115 17.37 12.08 1.37
C PRO A 115 17.05 10.68 0.88
N SER A 116 17.86 10.18 -0.05
CA SER A 116 17.64 8.83 -0.59
C SER A 116 18.68 7.85 -0.04
N SER A 117 18.35 7.21 1.07
CA SER A 117 19.24 6.26 1.70
C SER A 117 18.55 4.91 1.89
N GLY A 118 19.29 3.84 1.60
CA GLY A 118 18.74 2.50 1.73
C GLY A 118 17.60 2.25 0.76
N GLY A 1 7.26 -9.93 8.01
CA GLY A 1 7.36 -9.86 9.45
C GLY A 1 8.55 -9.04 9.90
N SER A 2 9.75 -9.54 9.64
CA SER A 2 10.97 -8.85 10.02
C SER A 2 11.20 -7.61 9.16
N SER A 3 10.48 -6.54 9.48
CA SER A 3 10.60 -5.29 8.73
C SER A 3 11.81 -4.49 9.19
N GLY A 4 12.69 -4.16 8.25
CA GLY A 4 13.88 -3.39 8.58
C GLY A 4 13.54 -2.05 9.20
N SER A 5 12.46 -1.43 8.73
CA SER A 5 12.04 -0.13 9.24
C SER A 5 10.64 -0.21 9.86
N SER A 6 10.58 -0.53 11.14
CA SER A 6 9.31 -0.65 11.84
C SER A 6 8.83 0.72 12.32
N GLY A 7 8.72 1.67 11.38
CA GLY A 7 8.27 3.00 11.73
C GLY A 7 9.42 3.96 11.97
N MET A 8 10.06 3.84 13.13
CA MET A 8 11.18 4.70 13.48
C MET A 8 12.44 4.27 12.73
N MET A 9 12.72 4.95 11.62
CA MET A 9 13.89 4.64 10.81
C MET A 9 14.90 5.78 10.88
N LEU A 10 16.11 5.47 11.37
CA LEU A 10 17.16 6.47 11.48
C LEU A 10 16.65 7.73 12.18
N GLY A 11 16.05 7.54 13.34
CA GLY A 11 15.52 8.67 14.09
C GLY A 11 14.16 8.39 14.69
N PRO A 12 14.06 8.49 16.03
CA PRO A 12 12.80 8.25 16.74
C PRO A 12 11.77 9.34 16.49
N GLU A 13 10.85 9.08 15.56
CA GLU A 13 9.81 10.03 15.22
C GLU A 13 8.43 9.38 15.28
N GLY A 14 8.31 8.20 14.67
CA GLY A 14 7.04 7.50 14.66
C GLY A 14 6.02 8.15 13.74
N GLY A 15 5.12 7.33 13.19
CA GLY A 15 4.11 7.85 12.30
C GLY A 15 3.56 6.79 11.37
N GLU A 16 3.20 5.64 11.93
CA GLU A 16 2.66 4.53 11.15
C GLU A 16 1.13 4.52 11.21
N GLY A 17 0.51 3.91 10.20
CA GLY A 17 -0.94 3.83 10.17
C GLY A 17 -1.44 2.59 9.47
N TYR A 18 -2.76 2.46 9.37
CA TYR A 18 -3.36 1.29 8.72
C TYR A 18 -3.05 1.28 7.22
N VAL A 19 -2.34 0.23 6.78
CA VAL A 19 -1.98 0.09 5.38
C VAL A 19 -1.84 -1.37 4.99
N VAL A 20 -1.95 -1.64 3.70
CA VAL A 20 -1.83 -3.00 3.18
C VAL A 20 -1.15 -3.03 1.83
N LYS A 21 -0.29 -4.02 1.62
CA LYS A 21 0.44 -4.16 0.37
C LYS A 21 -0.13 -5.31 -0.47
N LEU A 22 -0.46 -5.02 -1.72
CA LEU A 22 -1.00 -6.03 -2.62
C LEU A 22 0.06 -6.55 -3.57
N ARG A 23 0.04 -7.86 -3.81
CA ARG A 23 1.01 -8.48 -4.70
C ARG A 23 0.32 -9.37 -5.73
N GLY A 24 0.89 -9.45 -6.93
CA GLY A 24 0.31 -10.26 -7.97
C GLY A 24 -0.72 -9.50 -8.80
N LEU A 25 -0.68 -8.17 -8.71
CA LEU A 25 -1.62 -7.33 -9.44
C LEU A 25 -1.25 -7.27 -10.92
N PRO A 26 -2.28 -7.22 -11.78
CA PRO A 26 -2.09 -7.16 -13.23
C PRO A 26 -1.53 -5.81 -13.68
N TRP A 27 -0.82 -5.82 -14.80
CA TRP A 27 -0.23 -4.59 -15.33
C TRP A 27 -1.31 -3.59 -15.73
N SER A 28 -2.56 -4.05 -15.73
CA SER A 28 -3.68 -3.20 -16.09
C SER A 28 -4.55 -2.88 -14.87
N CYS A 29 -4.02 -3.21 -13.69
CA CYS A 29 -4.75 -2.96 -12.44
C CYS A 29 -4.98 -1.48 -12.24
N SER A 30 -6.22 -1.11 -11.92
CA SER A 30 -6.58 0.28 -11.70
C SER A 30 -7.16 0.48 -10.31
N ILE A 31 -6.98 1.68 -9.76
CA ILE A 31 -7.48 1.99 -8.44
C ILE A 31 -8.84 1.34 -8.19
N GLU A 32 -9.72 1.45 -9.18
CA GLU A 32 -11.06 0.86 -9.08
C GLU A 32 -10.98 -0.62 -8.72
N ASP A 33 -10.17 -1.36 -9.46
CA ASP A 33 -10.00 -2.79 -9.22
C ASP A 33 -9.57 -3.05 -7.78
N VAL A 34 -8.71 -2.19 -7.26
CA VAL A 34 -8.22 -2.33 -5.90
C VAL A 34 -9.30 -2.00 -4.89
N GLN A 35 -9.99 -0.88 -5.10
CA GLN A 35 -11.06 -0.45 -4.21
C GLN A 35 -12.11 -1.54 -4.05
N ASN A 36 -12.56 -2.10 -5.17
CA ASN A 36 -13.56 -3.16 -5.15
C ASN A 36 -13.01 -4.42 -4.50
N PHE A 37 -11.75 -4.73 -4.79
CA PHE A 37 -11.10 -5.91 -4.22
C PHE A 37 -11.13 -5.88 -2.70
N LEU A 38 -10.72 -4.76 -2.13
CA LEU A 38 -10.70 -4.59 -0.68
C LEU A 38 -12.00 -3.97 -0.18
N SER A 39 -13.12 -4.36 -0.81
CA SER A 39 -14.42 -3.84 -0.44
C SER A 39 -14.65 -3.98 1.07
N ASP A 40 -14.57 -5.21 1.56
CA ASP A 40 -14.76 -5.48 2.99
C ASP A 40 -13.99 -4.46 3.84
N CYS A 41 -12.99 -3.84 3.25
CA CYS A 41 -12.17 -2.86 3.95
C CYS A 41 -12.56 -1.44 3.53
N THR A 42 -12.28 -0.47 4.39
CA THR A 42 -12.60 0.93 4.12
C THR A 42 -11.34 1.73 3.83
N ILE A 43 -10.95 1.76 2.56
CA ILE A 43 -9.76 2.50 2.14
C ILE A 43 -9.88 3.98 2.51
N HIS A 44 -8.84 4.51 3.14
CA HIS A 44 -8.82 5.91 3.55
C HIS A 44 -8.68 6.82 2.33
N ASP A 45 -9.62 7.75 2.19
CA ASP A 45 -9.61 8.69 1.06
C ASP A 45 -9.82 7.96 -0.25
N GLY A 46 -10.47 6.80 -0.18
CA GLY A 46 -10.72 6.03 -1.39
C GLY A 46 -9.59 6.12 -2.39
N VAL A 47 -9.94 6.43 -3.64
CA VAL A 47 -8.95 6.54 -4.70
C VAL A 47 -7.71 7.31 -4.22
N ALA A 48 -7.93 8.26 -3.32
CA ALA A 48 -6.84 9.06 -2.77
C ALA A 48 -6.14 8.32 -1.64
N GLY A 49 -6.26 7.00 -1.63
CA GLY A 49 -5.62 6.20 -0.60
C GLY A 49 -4.82 5.04 -1.16
N VAL A 50 -5.09 4.69 -2.41
CA VAL A 50 -4.39 3.60 -3.07
C VAL A 50 -3.09 4.08 -3.70
N HIS A 51 -2.01 3.34 -3.47
CA HIS A 51 -0.71 3.69 -4.02
C HIS A 51 -0.07 2.49 -4.72
N PHE A 52 0.15 2.62 -6.03
CA PHE A 52 0.75 1.55 -6.81
C PHE A 52 2.27 1.67 -6.82
N ILE A 53 2.94 0.54 -7.02
CA ILE A 53 4.40 0.51 -7.05
C ILE A 53 4.91 0.45 -8.48
N TYR A 54 5.85 1.35 -8.81
CA TYR A 54 6.43 1.39 -10.14
C TYR A 54 7.91 1.03 -10.11
N THR A 55 8.48 0.79 -11.28
CA THR A 55 9.89 0.43 -11.39
C THR A 55 10.74 1.64 -11.73
N ARG A 56 12.06 1.47 -11.70
CA ARG A 56 12.99 2.55 -12.00
C ARG A 56 12.80 3.04 -13.44
N GLU A 57 12.27 2.17 -14.28
CA GLU A 57 12.04 2.51 -15.69
C GLU A 57 10.70 3.22 -15.86
N GLY A 58 9.75 2.92 -14.98
CA GLY A 58 8.45 3.54 -15.05
C GLY A 58 7.37 2.55 -15.44
N ARG A 59 7.50 1.32 -14.97
CA ARG A 59 6.53 0.27 -15.28
C ARG A 59 5.79 -0.17 -14.02
N GLN A 60 4.77 -1.01 -14.20
CA GLN A 60 3.98 -1.50 -13.07
C GLN A 60 4.56 -2.80 -12.53
N SER A 61 5.44 -2.67 -11.54
CA SER A 61 6.07 -3.84 -10.92
C SER A 61 5.03 -4.84 -10.44
N GLY A 62 3.85 -4.33 -10.07
CA GLY A 62 2.78 -5.18 -9.60
C GLY A 62 2.35 -4.85 -8.18
N GLU A 63 3.32 -4.64 -7.30
CA GLU A 63 3.04 -4.32 -5.91
C GLU A 63 2.30 -2.99 -5.81
N ALA A 64 1.41 -2.88 -4.83
CA ALA A 64 0.63 -1.67 -4.62
C ALA A 64 0.06 -1.62 -3.21
N PHE A 65 0.39 -0.55 -2.48
CA PHE A 65 -0.09 -0.39 -1.11
C PHE A 65 -1.48 0.25 -1.10
N VAL A 66 -2.12 0.24 0.07
CA VAL A 66 -3.46 0.81 0.21
C VAL A 66 -3.70 1.27 1.65
N GLU A 67 -4.17 2.50 1.80
CA GLU A 67 -4.45 3.06 3.12
C GLU A 67 -5.86 2.68 3.58
N LEU A 68 -6.01 2.43 4.88
CA LEU A 68 -7.30 2.07 5.44
C LEU A 68 -7.82 3.17 6.36
N GLU A 69 -9.07 3.02 6.80
CA GLU A 69 -9.69 4.00 7.69
C GLU A 69 -9.40 3.66 9.15
N SER A 70 -9.57 2.39 9.50
CA SER A 70 -9.34 1.94 10.87
C SER A 70 -8.56 0.63 10.88
N GLU A 71 -8.26 0.13 12.09
CA GLU A 71 -7.51 -1.12 12.23
C GLU A 71 -8.29 -2.28 11.65
N ASP A 72 -9.52 -2.48 12.13
CA ASP A 72 -10.37 -3.56 11.65
C ASP A 72 -10.16 -3.80 10.16
N ASP A 73 -10.05 -2.71 9.40
CA ASP A 73 -9.84 -2.80 7.95
C ASP A 73 -8.64 -3.69 7.64
N VAL A 74 -7.53 -3.45 8.32
CA VAL A 74 -6.31 -4.22 8.11
C VAL A 74 -6.58 -5.72 8.23
N LYS A 75 -7.07 -6.12 9.40
CA LYS A 75 -7.38 -7.53 9.65
C LYS A 75 -8.24 -8.11 8.54
N LEU A 76 -9.19 -7.31 8.05
CA LEU A 76 -10.08 -7.75 6.98
C LEU A 76 -9.31 -7.95 5.68
N ALA A 77 -8.54 -6.94 5.29
CA ALA A 77 -7.75 -7.00 4.07
C ALA A 77 -6.94 -8.30 4.02
N LEU A 78 -6.31 -8.64 5.13
CA LEU A 78 -5.50 -9.85 5.21
C LEU A 78 -6.33 -11.08 4.87
N LYS A 79 -7.64 -10.96 5.00
CA LYS A 79 -8.55 -12.06 4.69
C LYS A 79 -8.70 -12.26 3.20
N LYS A 80 -8.29 -11.24 2.43
CA LYS A 80 -8.38 -11.30 0.97
C LYS A 80 -7.12 -11.94 0.38
N ASP A 81 -6.33 -12.58 1.23
CA ASP A 81 -5.10 -13.24 0.79
C ASP A 81 -5.42 -14.36 -0.19
N ARG A 82 -4.44 -14.71 -1.01
CA ARG A 82 -4.61 -15.78 -2.00
C ARG A 82 -5.93 -15.62 -2.74
N GLU A 83 -6.36 -14.38 -2.92
CA GLU A 83 -7.61 -14.09 -3.61
C GLU A 83 -7.40 -14.08 -5.12
N SER A 84 -8.46 -13.79 -5.86
CA SER A 84 -8.39 -13.74 -7.32
C SER A 84 -9.03 -12.46 -7.85
N MET A 85 -8.21 -11.62 -8.48
CA MET A 85 -8.70 -10.36 -9.04
C MET A 85 -8.72 -10.43 -10.56
N GLY A 86 -9.91 -10.44 -11.14
CA GLY A 86 -10.05 -10.49 -12.58
C GLY A 86 -9.66 -11.85 -13.15
N HIS A 87 -8.44 -11.93 -13.68
CA HIS A 87 -7.94 -13.18 -14.25
C HIS A 87 -6.59 -13.55 -13.65
N ARG A 88 -6.28 -12.97 -12.49
CA ARG A 88 -5.02 -13.24 -11.82
C ARG A 88 -5.24 -13.40 -10.31
N TYR A 89 -4.19 -13.81 -9.61
CA TYR A 89 -4.27 -14.00 -8.16
C TYR A 89 -3.67 -12.81 -7.44
N ILE A 90 -4.21 -12.51 -6.25
CA ILE A 90 -3.73 -11.39 -5.44
C ILE A 90 -3.30 -11.87 -4.06
N GLU A 91 -2.18 -11.33 -3.59
CA GLU A 91 -1.67 -11.70 -2.27
C GLU A 91 -1.56 -10.47 -1.37
N VAL A 92 -2.40 -10.42 -0.34
CA VAL A 92 -2.40 -9.30 0.60
C VAL A 92 -1.24 -9.41 1.58
N PHE A 93 -0.64 -8.27 1.89
CA PHE A 93 0.49 -8.24 2.82
C PHE A 93 0.29 -7.15 3.87
N LYS A 94 0.41 -7.53 5.14
CA LYS A 94 0.24 -6.59 6.24
C LYS A 94 1.43 -5.64 6.33
N SER A 95 1.18 -4.35 6.09
CA SER A 95 2.23 -3.35 6.14
C SER A 95 1.71 -2.05 6.76
N HIS A 96 2.63 -1.21 7.20
CA HIS A 96 2.27 0.07 7.81
C HIS A 96 2.41 1.21 6.82
N ARG A 97 2.21 2.43 7.30
CA ARG A 97 2.32 3.62 6.45
C ARG A 97 3.78 3.97 6.19
N THR A 98 4.50 4.34 7.26
CA THR A 98 5.90 4.70 7.15
C THR A 98 6.60 3.89 6.06
N GLU A 99 6.37 2.57 6.07
CA GLU A 99 6.98 1.68 5.09
C GLU A 99 6.52 2.04 3.69
N MET A 100 5.21 2.13 3.50
CA MET A 100 4.65 2.45 2.19
C MET A 100 5.14 3.82 1.71
N ASP A 101 5.63 4.63 2.65
CA ASP A 101 6.12 5.96 2.33
C ASP A 101 7.47 5.87 1.61
N TRP A 102 8.39 5.10 2.19
CA TRP A 102 9.72 4.93 1.60
C TRP A 102 9.64 4.12 0.30
N VAL A 103 8.95 2.99 0.35
CA VAL A 103 8.81 2.13 -0.81
C VAL A 103 8.36 2.93 -2.02
N LEU A 104 7.57 3.98 -1.78
CA LEU A 104 7.08 4.82 -2.86
C LEU A 104 8.13 5.83 -3.30
N LYS A 105 8.55 6.69 -2.38
CA LYS A 105 9.56 7.70 -2.68
C LYS A 105 10.70 7.10 -3.49
N HIS A 106 10.95 5.81 -3.29
CA HIS A 106 12.01 5.11 -4.01
C HIS A 106 11.44 4.02 -4.90
N SER A 107 10.40 4.35 -5.66
CA SER A 107 9.76 3.40 -6.55
C SER A 107 9.66 3.96 -7.96
N GLY A 108 9.00 5.09 -8.11
CA GLY A 108 8.84 5.71 -9.40
C GLY A 108 10.17 5.98 -10.08
N PRO A 109 10.16 6.06 -11.42
CA PRO A 109 11.36 6.30 -12.21
C PRO A 109 11.89 7.72 -12.03
N ASN A 110 11.19 8.51 -11.23
CA ASN A 110 11.59 9.90 -10.98
C ASN A 110 11.12 10.35 -9.61
N SER A 111 11.86 11.28 -9.01
CA SER A 111 11.52 11.80 -7.69
C SER A 111 11.45 13.32 -7.71
N ALA A 112 10.24 13.85 -7.60
CA ALA A 112 10.03 15.30 -7.61
C ALA A 112 10.36 15.91 -6.25
N SER A 113 9.60 15.52 -5.23
CA SER A 113 9.81 16.03 -3.88
C SER A 113 10.67 15.07 -3.07
N GLY A 114 11.69 15.61 -2.41
CA GLY A 114 12.57 14.79 -1.61
C GLY A 114 13.77 15.55 -1.10
N PRO A 115 14.57 14.91 -0.24
CA PRO A 115 15.78 15.52 0.35
C PRO A 115 16.88 15.72 -0.68
N SER A 116 16.86 16.88 -1.34
CA SER A 116 17.86 17.19 -2.36
C SER A 116 18.59 18.49 -2.01
N SER A 117 19.92 18.46 -2.14
CA SER A 117 20.73 19.64 -1.84
C SER A 117 20.16 20.88 -2.51
N GLY A 118 20.53 22.05 -1.98
CA GLY A 118 20.04 23.30 -2.54
C GLY A 118 18.79 23.79 -1.85
N GLY A 1 16.68 -4.43 12.62
CA GLY A 1 16.64 -5.61 13.46
C GLY A 1 17.98 -5.92 14.11
N SER A 2 19.04 -5.85 13.32
CA SER A 2 20.38 -6.12 13.82
C SER A 2 21.06 -4.83 14.28
N SER A 3 21.13 -3.85 13.38
CA SER A 3 21.76 -2.57 13.70
C SER A 3 20.73 -1.58 14.24
N GLY A 4 19.85 -2.07 15.11
CA GLY A 4 18.83 -1.21 15.69
C GLY A 4 17.54 -1.25 14.90
N SER A 5 16.44 -0.91 15.56
CA SER A 5 15.13 -0.91 14.91
C SER A 5 14.34 0.34 15.28
N SER A 6 14.13 1.22 14.31
CA SER A 6 13.40 2.46 14.54
C SER A 6 11.93 2.17 14.83
N GLY A 7 11.58 2.06 16.10
CA GLY A 7 10.21 1.78 16.49
C GLY A 7 9.71 2.75 17.56
N MET A 8 8.90 2.23 18.47
CA MET A 8 8.35 3.04 19.55
C MET A 8 9.43 3.45 20.54
N MET A 9 10.47 2.62 20.64
CA MET A 9 11.57 2.90 21.55
C MET A 9 12.36 4.12 21.10
N LEU A 10 12.74 4.14 19.82
CA LEU A 10 13.49 5.25 19.27
C LEU A 10 12.56 6.31 18.70
N GLY A 11 12.56 7.49 19.31
CA GLY A 11 11.72 8.58 18.86
C GLY A 11 10.34 8.54 19.49
N PRO A 12 9.34 9.09 18.78
CA PRO A 12 7.96 9.15 19.27
C PRO A 12 7.31 7.76 19.31
N GLU A 13 6.02 7.73 19.63
CA GLU A 13 5.28 6.47 19.69
C GLU A 13 4.92 5.99 18.29
N GLY A 14 5.87 5.33 17.64
CA GLY A 14 5.62 4.82 16.29
C GLY A 14 5.26 5.91 15.32
N GLY A 15 3.95 6.09 15.11
CA GLY A 15 3.49 7.12 14.18
C GLY A 15 3.19 6.55 12.81
N GLU A 16 2.45 5.45 12.76
CA GLU A 16 2.09 4.82 11.51
C GLU A 16 0.57 4.74 11.35
N GLY A 17 0.13 4.12 10.26
CA GLY A 17 -1.30 3.99 10.02
C GLY A 17 -1.65 2.65 9.38
N TYR A 18 -2.94 2.33 9.36
CA TYR A 18 -3.41 1.07 8.79
C TYR A 18 -3.16 1.05 7.27
N VAL A 19 -2.27 0.16 6.84
CA VAL A 19 -1.95 0.03 5.43
C VAL A 19 -1.79 -1.44 5.03
N VAL A 20 -1.88 -1.70 3.73
CA VAL A 20 -1.75 -3.06 3.22
C VAL A 20 -1.09 -3.08 1.85
N LYS A 21 -0.26 -4.09 1.61
CA LYS A 21 0.45 -4.21 0.34
C LYS A 21 -0.15 -5.34 -0.50
N LEU A 22 -0.56 -5.00 -1.72
CA LEU A 22 -1.16 -5.99 -2.63
C LEU A 22 -0.18 -6.34 -3.75
N ARG A 23 0.19 -7.61 -3.81
CA ARG A 23 1.11 -8.08 -4.83
C ARG A 23 0.41 -9.02 -5.81
N GLY A 24 1.02 -9.22 -6.97
CA GLY A 24 0.44 -10.10 -7.97
C GLY A 24 -0.52 -9.37 -8.89
N LEU A 25 -0.80 -8.11 -8.57
CA LEU A 25 -1.72 -7.31 -9.37
C LEU A 25 -1.27 -7.27 -10.84
N PRO A 26 -2.24 -7.15 -11.75
CA PRO A 26 -1.98 -7.10 -13.18
C PRO A 26 -1.30 -5.80 -13.60
N TRP A 27 -0.46 -5.88 -14.63
CA TRP A 27 0.27 -4.71 -15.12
C TRP A 27 -0.71 -3.61 -15.53
N SER A 28 -1.99 -3.95 -15.61
CA SER A 28 -3.01 -2.99 -15.99
C SER A 28 -4.00 -2.77 -14.84
N CYS A 29 -3.55 -3.02 -13.62
CA CYS A 29 -4.39 -2.86 -12.44
C CYS A 29 -4.69 -1.38 -12.20
N SER A 30 -5.98 -1.07 -12.01
CA SER A 30 -6.41 0.31 -11.78
C SER A 30 -6.96 0.47 -10.37
N ILE A 31 -6.93 1.70 -9.87
CA ILE A 31 -7.43 1.99 -8.53
C ILE A 31 -8.78 1.33 -8.29
N GLU A 32 -9.65 1.40 -9.28
CA GLU A 32 -10.98 0.81 -9.19
C GLU A 32 -10.89 -0.66 -8.82
N ASP A 33 -10.03 -1.39 -9.52
CA ASP A 33 -9.84 -2.82 -9.27
C ASP A 33 -9.41 -3.07 -7.83
N VAL A 34 -8.59 -2.16 -7.29
CA VAL A 34 -8.11 -2.29 -5.93
C VAL A 34 -9.21 -1.98 -4.93
N GLN A 35 -9.86 -0.83 -5.10
CA GLN A 35 -10.94 -0.42 -4.21
C GLN A 35 -11.99 -1.52 -4.08
N ASN A 36 -12.44 -2.05 -5.22
CA ASN A 36 -13.44 -3.10 -5.23
C ASN A 36 -12.90 -4.37 -4.57
N PHE A 37 -11.64 -4.68 -4.83
CA PHE A 37 -11.01 -5.86 -4.25
C PHE A 37 -11.08 -5.83 -2.72
N LEU A 38 -10.61 -4.74 -2.14
CA LEU A 38 -10.62 -4.59 -0.69
C LEU A 38 -11.93 -3.96 -0.22
N SER A 39 -13.03 -4.35 -0.84
CA SER A 39 -14.35 -3.81 -0.50
C SER A 39 -14.61 -3.96 1.00
N ASP A 40 -14.50 -5.19 1.50
CA ASP A 40 -14.73 -5.46 2.91
C ASP A 40 -13.98 -4.45 3.78
N CYS A 41 -12.98 -3.80 3.21
CA CYS A 41 -12.20 -2.82 3.94
C CYS A 41 -12.63 -1.40 3.58
N THR A 42 -12.29 -0.44 4.43
CA THR A 42 -12.65 0.95 4.19
C THR A 42 -11.42 1.79 3.87
N ILE A 43 -11.03 1.79 2.60
CA ILE A 43 -9.88 2.56 2.16
C ILE A 43 -10.01 4.04 2.51
N HIS A 44 -8.99 4.59 3.14
CA HIS A 44 -9.00 6.00 3.52
C HIS A 44 -8.85 6.91 2.32
N ASP A 45 -9.78 7.84 2.16
CA ASP A 45 -9.76 8.77 1.04
C ASP A 45 -9.96 8.03 -0.29
N GLY A 46 -10.62 6.88 -0.22
CA GLY A 46 -10.87 6.09 -1.42
C GLY A 46 -9.71 6.14 -2.38
N VAL A 47 -10.00 6.44 -3.65
CA VAL A 47 -8.97 6.51 -4.68
C VAL A 47 -7.76 7.30 -4.19
N ALA A 48 -8.00 8.26 -3.31
CA ALA A 48 -6.94 9.09 -2.76
C ALA A 48 -6.23 8.38 -1.60
N GLY A 49 -6.31 7.05 -1.59
CA GLY A 49 -5.67 6.28 -0.55
C GLY A 49 -4.87 5.11 -1.09
N VAL A 50 -4.98 4.88 -2.39
CA VAL A 50 -4.27 3.78 -3.03
C VAL A 50 -2.98 4.26 -3.69
N HIS A 51 -1.87 3.60 -3.39
CA HIS A 51 -0.58 3.96 -3.96
C HIS A 51 0.04 2.78 -4.69
N PHE A 52 0.05 2.85 -6.02
CA PHE A 52 0.62 1.78 -6.83
C PHE A 52 2.14 1.85 -6.84
N ILE A 53 2.79 0.71 -7.10
CA ILE A 53 4.24 0.65 -7.14
C ILE A 53 4.75 0.51 -8.57
N TYR A 54 5.78 1.28 -8.89
CA TYR A 54 6.35 1.25 -10.23
C TYR A 54 7.82 0.81 -10.18
N THR A 55 8.35 0.38 -11.32
CA THR A 55 9.73 -0.07 -11.41
C THR A 55 10.66 1.09 -11.73
N ARG A 56 11.97 0.83 -11.65
CA ARG A 56 12.97 1.86 -11.93
C ARG A 56 12.84 2.37 -13.37
N GLU A 57 12.32 1.51 -14.25
CA GLU A 57 12.14 1.88 -15.65
C GLU A 57 10.87 2.71 -15.84
N GLY A 58 9.84 2.39 -15.07
CA GLY A 58 8.59 3.11 -15.17
C GLY A 58 7.42 2.20 -15.51
N ARG A 59 7.45 0.98 -15.00
CA ARG A 59 6.39 0.01 -15.26
C ARG A 59 5.71 -0.40 -13.96
N GLN A 60 4.48 -0.89 -14.07
CA GLN A 60 3.72 -1.33 -12.90
C GLN A 60 4.35 -2.57 -12.28
N SER A 61 5.27 -2.35 -11.36
CA SER A 61 5.96 -3.46 -10.68
C SER A 61 4.96 -4.53 -10.26
N GLY A 62 3.75 -4.10 -9.89
CA GLY A 62 2.72 -5.03 -9.48
C GLY A 62 2.22 -4.76 -8.07
N GLU A 63 3.13 -4.41 -7.17
CA GLU A 63 2.78 -4.11 -5.79
C GLU A 63 2.05 -2.78 -5.68
N ALA A 64 1.12 -2.68 -4.74
CA ALA A 64 0.36 -1.45 -4.54
C ALA A 64 -0.16 -1.36 -3.11
N PHE A 65 0.29 -0.34 -2.39
CA PHE A 65 -0.14 -0.13 -1.01
C PHE A 65 -1.51 0.53 -0.95
N VAL A 66 -2.25 0.24 0.11
CA VAL A 66 -3.58 0.80 0.29
C VAL A 66 -3.81 1.24 1.74
N GLU A 67 -4.30 2.47 1.89
CA GLU A 67 -4.55 3.02 3.23
C GLU A 67 -5.97 2.69 3.69
N LEU A 68 -6.10 2.23 4.93
CA LEU A 68 -7.40 1.88 5.49
C LEU A 68 -7.89 2.96 6.43
N GLU A 69 -9.10 2.78 6.95
CA GLU A 69 -9.70 3.75 7.87
C GLU A 69 -9.36 3.40 9.33
N SER A 70 -9.57 2.14 9.68
CA SER A 70 -9.31 1.67 11.04
C SER A 70 -8.56 0.34 11.02
N GLU A 71 -8.24 -0.16 12.21
CA GLU A 71 -7.52 -1.42 12.32
C GLU A 71 -8.31 -2.56 11.69
N ASP A 72 -9.53 -2.76 12.18
CA ASP A 72 -10.39 -3.83 11.65
C ASP A 72 -10.17 -4.01 10.16
N ASP A 73 -10.09 -2.91 9.42
CA ASP A 73 -9.87 -2.95 7.98
C ASP A 73 -8.69 -3.86 7.64
N VAL A 74 -7.58 -3.64 8.31
CA VAL A 74 -6.37 -4.42 8.07
C VAL A 74 -6.66 -5.92 8.21
N LYS A 75 -7.08 -6.33 9.40
CA LYS A 75 -7.39 -7.73 9.66
C LYS A 75 -8.22 -8.32 8.53
N LEU A 76 -9.23 -7.57 8.09
CA LEU A 76 -10.10 -8.02 7.01
C LEU A 76 -9.33 -8.14 5.69
N ALA A 77 -8.58 -7.09 5.36
CA ALA A 77 -7.79 -7.09 4.13
C ALA A 77 -6.93 -8.34 4.02
N LEU A 78 -6.27 -8.71 5.11
CA LEU A 78 -5.43 -9.90 5.13
C LEU A 78 -6.22 -11.14 4.73
N LYS A 79 -7.54 -11.07 4.91
CA LYS A 79 -8.41 -12.19 4.56
C LYS A 79 -8.53 -12.35 3.05
N LYS A 80 -8.17 -11.29 2.32
CA LYS A 80 -8.23 -11.31 0.86
C LYS A 80 -6.96 -11.92 0.28
N ASP A 81 -6.24 -12.67 1.10
CA ASP A 81 -5.01 -13.31 0.66
C ASP A 81 -5.28 -14.37 -0.41
N ARG A 82 -4.24 -14.77 -1.13
CA ARG A 82 -4.37 -15.77 -2.17
C ARG A 82 -5.73 -15.65 -2.87
N GLU A 83 -6.20 -14.42 -3.03
CA GLU A 83 -7.48 -14.17 -3.68
C GLU A 83 -7.32 -14.11 -5.20
N SER A 84 -8.42 -13.83 -5.89
CA SER A 84 -8.40 -13.75 -7.34
C SER A 84 -9.09 -12.47 -7.81
N MET A 85 -8.32 -11.60 -8.45
CA MET A 85 -8.85 -10.34 -8.96
C MET A 85 -9.03 -10.39 -10.47
N GLY A 86 -10.29 -10.53 -10.91
CA GLY A 86 -10.56 -10.60 -12.34
C GLY A 86 -10.16 -11.93 -12.94
N HIS A 87 -8.91 -12.03 -13.36
CA HIS A 87 -8.39 -13.25 -13.97
C HIS A 87 -7.04 -13.63 -13.38
N ARG A 88 -6.56 -12.81 -12.44
CA ARG A 88 -5.27 -13.05 -11.81
C ARG A 88 -5.43 -13.20 -10.29
N TYR A 89 -4.33 -13.51 -9.62
CA TYR A 89 -4.35 -13.67 -8.17
C TYR A 89 -3.76 -12.45 -7.47
N ILE A 90 -4.25 -12.16 -6.27
CA ILE A 90 -3.76 -11.02 -5.50
C ILE A 90 -3.33 -11.44 -4.11
N GLU A 91 -2.08 -11.16 -3.76
CA GLU A 91 -1.53 -11.51 -2.46
C GLU A 91 -1.53 -10.31 -1.53
N VAL A 92 -2.16 -10.46 -0.36
CA VAL A 92 -2.22 -9.37 0.62
C VAL A 92 -1.07 -9.46 1.60
N PHE A 93 -0.50 -8.31 1.93
CA PHE A 93 0.63 -8.26 2.88
C PHE A 93 0.40 -7.16 3.93
N LYS A 94 0.54 -7.54 5.18
CA LYS A 94 0.36 -6.59 6.29
C LYS A 94 1.53 -5.62 6.37
N SER A 95 1.25 -4.35 6.14
CA SER A 95 2.29 -3.31 6.19
C SER A 95 1.74 -2.02 6.79
N HIS A 96 2.64 -1.14 7.20
CA HIS A 96 2.25 0.14 7.79
C HIS A 96 2.35 1.27 6.76
N ARG A 97 2.13 2.49 7.22
CA ARG A 97 2.20 3.65 6.34
C ARG A 97 3.64 4.12 6.16
N THR A 98 4.25 4.57 7.25
CA THR A 98 5.63 5.04 7.21
C THR A 98 6.45 4.27 6.18
N GLU A 99 6.15 2.99 6.03
CA GLU A 99 6.85 2.14 5.08
C GLU A 99 6.46 2.48 3.65
N MET A 100 5.15 2.42 3.37
CA MET A 100 4.64 2.72 2.04
C MET A 100 5.17 4.06 1.55
N ASP A 101 5.61 4.89 2.47
CA ASP A 101 6.14 6.21 2.13
C ASP A 101 7.51 6.09 1.47
N TRP A 102 8.36 5.23 2.03
CA TRP A 102 9.70 5.02 1.49
C TRP A 102 9.65 4.19 0.21
N VAL A 103 8.94 3.07 0.26
CA VAL A 103 8.80 2.19 -0.90
C VAL A 103 8.40 2.97 -2.14
N LEU A 104 7.60 4.02 -1.94
CA LEU A 104 7.13 4.84 -3.04
C LEU A 104 8.23 5.79 -3.50
N LYS A 105 8.67 6.67 -2.62
CA LYS A 105 9.72 7.63 -2.94
C LYS A 105 10.85 6.96 -3.71
N HIS A 106 11.06 5.67 -3.46
CA HIS A 106 12.11 4.92 -4.13
C HIS A 106 11.51 3.78 -4.95
N SER A 107 10.49 4.09 -5.74
CA SER A 107 9.84 3.09 -6.57
C SER A 107 9.76 3.55 -8.02
N GLY A 108 9.09 4.68 -8.25
CA GLY A 108 8.95 5.21 -9.58
C GLY A 108 10.29 5.61 -10.20
N PRO A 109 10.33 5.70 -11.53
CA PRO A 109 11.54 6.07 -12.27
C PRO A 109 11.93 7.52 -12.05
N ASN A 110 10.94 8.42 -12.10
CA ASN A 110 11.19 9.84 -11.91
C ASN A 110 11.62 10.12 -10.48
N SER A 111 12.12 11.34 -10.25
CA SER A 111 12.58 11.74 -8.94
C SER A 111 11.93 13.06 -8.52
N ALA A 112 11.83 13.26 -7.21
CA ALA A 112 11.22 14.48 -6.67
C ALA A 112 11.89 14.89 -5.36
N SER A 113 11.91 16.19 -5.10
CA SER A 113 12.51 16.72 -3.88
C SER A 113 11.53 17.61 -3.12
N GLY A 114 11.91 18.00 -1.91
CA GLY A 114 11.07 18.85 -1.10
C GLY A 114 11.84 19.60 -0.04
N PRO A 115 11.11 20.20 0.92
CA PRO A 115 11.71 20.96 2.01
C PRO A 115 12.47 20.07 3.00
N SER A 116 12.49 18.77 2.72
CA SER A 116 13.18 17.82 3.58
C SER A 116 14.25 17.05 2.80
N SER A 117 15.04 16.26 3.52
CA SER A 117 16.10 15.48 2.89
C SER A 117 15.88 13.99 3.10
N GLY A 118 15.37 13.32 2.06
CA GLY A 118 15.11 11.90 2.14
C GLY A 118 13.83 11.59 2.88
N GLY A 1 14.42 -3.73 10.27
CA GLY A 1 15.82 -3.35 10.43
C GLY A 1 15.99 -2.09 11.26
N SER A 2 16.91 -2.16 12.22
CA SER A 2 17.17 -1.01 13.09
C SER A 2 17.59 0.21 12.28
N SER A 3 17.29 1.39 12.81
CA SER A 3 17.62 2.65 12.14
C SER A 3 17.11 2.63 10.70
N GLY A 4 15.86 2.22 10.52
CA GLY A 4 15.27 2.17 9.20
C GLY A 4 14.19 3.22 9.01
N SER A 5 14.57 4.49 9.07
CA SER A 5 13.62 5.58 8.90
C SER A 5 12.62 5.61 10.06
N SER A 6 13.10 5.36 11.26
CA SER A 6 12.25 5.35 12.45
C SER A 6 12.06 6.76 12.99
N GLY A 7 10.95 6.98 13.69
CA GLY A 7 10.66 8.28 14.25
C GLY A 7 10.71 8.28 15.76
N MET A 8 9.77 7.57 16.38
CA MET A 8 9.70 7.49 17.84
C MET A 8 10.54 6.33 18.35
N MET A 9 11.58 6.65 19.11
CA MET A 9 12.46 5.63 19.67
C MET A 9 11.65 4.48 20.27
N LEU A 10 10.84 4.80 21.26
CA LEU A 10 10.00 3.79 21.92
C LEU A 10 9.21 2.98 20.89
N GLY A 11 9.73 1.81 20.55
CA GLY A 11 9.05 0.96 19.58
C GLY A 11 9.14 1.51 18.16
N PRO A 12 9.47 0.64 17.21
CA PRO A 12 9.60 1.01 15.80
C PRO A 12 8.25 1.34 15.16
N GLU A 13 7.18 1.11 15.91
CA GLU A 13 5.83 1.39 15.42
C GLU A 13 5.38 2.79 15.83
N GLY A 14 5.72 3.78 15.00
CA GLY A 14 5.34 5.15 15.29
C GLY A 14 5.03 5.94 14.04
N GLY A 15 4.21 6.98 14.19
CA GLY A 15 3.85 7.80 13.05
C GLY A 15 3.48 6.98 11.83
N GLU A 16 2.63 5.98 12.03
CA GLU A 16 2.20 5.12 10.94
C GLU A 16 0.68 5.06 10.85
N GLY A 17 0.18 4.26 9.92
CA GLY A 17 -1.26 4.13 9.76
C GLY A 17 -1.66 2.82 9.08
N TYR A 18 -2.88 2.37 9.33
CA TYR A 18 -3.37 1.13 8.75
C TYR A 18 -3.11 1.10 7.25
N VAL A 19 -2.25 0.19 6.82
CA VAL A 19 -1.91 0.06 5.40
C VAL A 19 -1.77 -1.41 5.01
N VAL A 20 -1.98 -1.70 3.73
CA VAL A 20 -1.87 -3.06 3.23
C VAL A 20 -1.18 -3.09 1.87
N LYS A 21 -0.36 -4.11 1.65
CA LYS A 21 0.36 -4.27 0.38
C LYS A 21 -0.25 -5.38 -0.45
N LEU A 22 -0.44 -5.11 -1.74
CA LEU A 22 -1.01 -6.10 -2.66
C LEU A 22 0.02 -6.53 -3.70
N ARG A 23 0.29 -7.83 -3.75
CA ARG A 23 1.26 -8.37 -4.71
C ARG A 23 0.57 -9.32 -5.68
N GLY A 24 1.16 -9.46 -6.87
CA GLY A 24 0.60 -10.34 -7.88
C GLY A 24 -0.46 -9.65 -8.73
N LEU A 25 -0.48 -8.32 -8.67
CA LEU A 25 -1.45 -7.54 -9.43
C LEU A 25 -1.05 -7.49 -10.91
N PRO A 26 -2.05 -7.40 -11.78
CA PRO A 26 -1.85 -7.34 -13.23
C PRO A 26 -1.22 -6.01 -13.67
N TRP A 27 -0.56 -6.03 -14.82
CA TRP A 27 0.08 -4.83 -15.34
C TRP A 27 -0.96 -3.80 -15.78
N SER A 28 -2.24 -4.17 -15.66
CA SER A 28 -3.33 -3.29 -16.04
C SER A 28 -4.21 -2.96 -14.84
N CYS A 29 -3.70 -3.27 -13.65
CA CYS A 29 -4.45 -3.00 -12.42
C CYS A 29 -4.63 -1.51 -12.19
N SER A 30 -5.84 -1.11 -11.81
CA SER A 30 -6.14 0.29 -11.57
C SER A 30 -6.77 0.48 -10.19
N ILE A 31 -6.64 1.69 -9.65
CA ILE A 31 -7.20 2.00 -8.33
C ILE A 31 -8.56 1.33 -8.14
N GLU A 32 -9.41 1.46 -9.15
CA GLU A 32 -10.75 0.87 -9.10
C GLU A 32 -10.68 -0.60 -8.69
N ASP A 33 -9.88 -1.37 -9.43
CA ASP A 33 -9.73 -2.79 -9.16
C ASP A 33 -9.37 -3.02 -7.68
N VAL A 34 -8.53 -2.15 -7.14
CA VAL A 34 -8.11 -2.26 -5.75
C VAL A 34 -9.27 -1.94 -4.80
N GLN A 35 -9.90 -0.80 -5.01
CA GLN A 35 -11.02 -0.38 -4.18
C GLN A 35 -12.08 -1.47 -4.11
N ASN A 36 -12.45 -2.01 -5.27
CA ASN A 36 -13.46 -3.06 -5.33
C ASN A 36 -12.91 -4.37 -4.74
N PHE A 37 -11.65 -4.66 -5.01
CA PHE A 37 -11.01 -5.87 -4.52
C PHE A 37 -11.04 -5.91 -2.99
N LEU A 38 -10.73 -4.78 -2.37
CA LEU A 38 -10.72 -4.68 -0.91
C LEU A 38 -11.98 -4.00 -0.41
N SER A 39 -13.12 -4.32 -1.02
CA SER A 39 -14.39 -3.72 -0.63
C SER A 39 -14.67 -3.97 0.84
N ASP A 40 -14.17 -5.09 1.37
CA ASP A 40 -14.37 -5.45 2.76
C ASP A 40 -13.66 -4.45 3.68
N CYS A 41 -12.76 -3.66 3.10
CA CYS A 41 -12.02 -2.67 3.87
C CYS A 41 -12.48 -1.25 3.53
N THR A 42 -12.30 -0.34 4.47
CA THR A 42 -12.70 1.05 4.26
C THR A 42 -11.50 1.93 3.94
N ILE A 43 -11.00 1.80 2.72
CA ILE A 43 -9.85 2.59 2.28
C ILE A 43 -10.02 4.06 2.65
N HIS A 44 -8.95 4.67 3.16
CA HIS A 44 -8.97 6.07 3.55
C HIS A 44 -8.82 6.97 2.33
N ASP A 45 -9.72 7.94 2.22
CA ASP A 45 -9.68 8.89 1.09
C ASP A 45 -9.86 8.16 -0.23
N GLY A 46 -10.51 6.99 -0.18
CA GLY A 46 -10.74 6.21 -1.39
C GLY A 46 -9.56 6.27 -2.34
N VAL A 47 -9.86 6.52 -3.62
CA VAL A 47 -8.82 6.61 -4.64
C VAL A 47 -7.59 7.35 -4.11
N ALA A 48 -7.83 8.29 -3.21
CA ALA A 48 -6.74 9.07 -2.63
C ALA A 48 -6.08 8.33 -1.47
N GLY A 49 -6.18 7.00 -1.50
CA GLY A 49 -5.59 6.19 -0.45
C GLY A 49 -4.85 4.99 -0.99
N VAL A 50 -4.90 4.81 -2.31
CA VAL A 50 -4.22 3.68 -2.95
C VAL A 50 -2.92 4.13 -3.61
N HIS A 51 -1.82 3.52 -3.20
CA HIS A 51 -0.51 3.85 -3.75
C HIS A 51 0.05 2.68 -4.56
N PHE A 52 0.19 2.87 -5.86
CA PHE A 52 0.71 1.83 -6.75
C PHE A 52 2.22 1.91 -6.83
N ILE A 53 2.85 0.79 -7.15
CA ILE A 53 4.31 0.73 -7.27
C ILE A 53 4.73 0.58 -8.73
N TYR A 54 5.74 1.35 -9.13
CA TYR A 54 6.24 1.30 -10.50
C TYR A 54 7.69 0.85 -10.52
N THR A 55 8.19 0.53 -11.72
CA THR A 55 9.56 0.08 -11.89
C THR A 55 10.46 1.22 -12.37
N ARG A 56 11.76 1.00 -12.31
CA ARG A 56 12.72 2.00 -12.74
C ARG A 56 12.52 2.34 -14.22
N GLU A 57 11.81 1.48 -14.93
CA GLU A 57 11.55 1.70 -16.35
C GLU A 57 10.30 2.56 -16.55
N GLY A 58 9.31 2.37 -15.69
CA GLY A 58 8.08 3.13 -15.79
C GLY A 58 6.86 2.24 -15.97
N ARG A 59 6.97 0.99 -15.57
CA ARG A 59 5.88 0.03 -15.69
C ARG A 59 5.35 -0.36 -14.32
N GLN A 60 4.18 -1.01 -14.30
CA GLN A 60 3.57 -1.45 -13.06
C GLN A 60 4.31 -2.65 -12.48
N SER A 61 5.17 -2.41 -11.50
CA SER A 61 5.94 -3.47 -10.87
C SER A 61 5.03 -4.60 -10.42
N GLY A 62 3.83 -4.25 -9.98
CA GLY A 62 2.88 -5.25 -9.51
C GLY A 62 2.41 -5.00 -8.10
N GLU A 63 3.32 -4.51 -7.26
CA GLU A 63 2.99 -4.23 -5.86
C GLU A 63 2.29 -2.89 -5.73
N ALA A 64 1.35 -2.81 -4.80
CA ALA A 64 0.60 -1.57 -4.56
C ALA A 64 0.05 -1.53 -3.14
N PHE A 65 0.38 -0.46 -2.42
CA PHE A 65 -0.08 -0.29 -1.04
C PHE A 65 -1.47 0.36 -1.01
N VAL A 66 -2.15 0.22 0.12
CA VAL A 66 -3.48 0.78 0.28
C VAL A 66 -3.72 1.20 1.73
N GLU A 67 -4.19 2.44 1.91
CA GLU A 67 -4.46 2.96 3.25
C GLU A 67 -5.88 2.60 3.68
N LEU A 68 -6.07 2.43 4.99
CA LEU A 68 -7.38 2.09 5.54
C LEU A 68 -7.86 3.17 6.50
N GLU A 69 -9.03 2.95 7.09
CA GLU A 69 -9.61 3.91 8.02
C GLU A 69 -9.28 3.52 9.46
N SER A 70 -9.52 2.25 9.79
CA SER A 70 -9.25 1.75 11.14
C SER A 70 -8.54 0.41 11.09
N GLU A 71 -8.27 -0.16 12.26
CA GLU A 71 -7.58 -1.45 12.35
C GLU A 71 -8.41 -2.54 11.68
N ASP A 72 -9.66 -2.69 12.11
CA ASP A 72 -10.55 -3.70 11.57
C ASP A 72 -10.31 -3.87 10.07
N ASP A 73 -10.16 -2.76 9.37
CA ASP A 73 -9.92 -2.80 7.92
C ASP A 73 -8.75 -3.71 7.59
N VAL A 74 -7.63 -3.54 8.31
CA VAL A 74 -6.44 -4.34 8.09
C VAL A 74 -6.77 -5.83 8.15
N LYS A 75 -7.31 -6.26 9.29
CA LYS A 75 -7.67 -7.67 9.48
C LYS A 75 -8.51 -8.18 8.33
N LEU A 76 -9.42 -7.33 7.84
CA LEU A 76 -10.30 -7.70 6.73
C LEU A 76 -9.49 -7.87 5.44
N ALA A 77 -8.67 -6.88 5.12
CA ALA A 77 -7.85 -6.91 3.92
C ALA A 77 -7.02 -8.20 3.87
N LEU A 78 -6.51 -8.61 5.02
CA LEU A 78 -5.69 -9.82 5.11
C LEU A 78 -6.51 -11.05 4.72
N LYS A 79 -7.83 -10.93 4.80
CA LYS A 79 -8.72 -12.03 4.46
C LYS A 79 -8.81 -12.20 2.95
N LYS A 80 -8.33 -11.21 2.21
CA LYS A 80 -8.34 -11.26 0.75
C LYS A 80 -7.08 -11.92 0.21
N ASP A 81 -6.35 -12.60 1.09
CA ASP A 81 -5.11 -13.28 0.70
C ASP A 81 -5.42 -14.48 -0.18
N ARG A 82 -4.53 -14.76 -1.13
CA ARG A 82 -4.71 -15.88 -2.04
C ARG A 82 -6.02 -15.76 -2.79
N GLU A 83 -6.47 -14.54 -3.03
CA GLU A 83 -7.71 -14.30 -3.74
C GLU A 83 -7.49 -14.25 -5.25
N SER A 84 -8.55 -13.98 -5.99
CA SER A 84 -8.47 -13.91 -7.45
C SER A 84 -9.08 -12.62 -7.97
N MET A 85 -8.23 -11.73 -8.48
CA MET A 85 -8.68 -10.45 -9.00
C MET A 85 -8.73 -10.48 -10.53
N GLY A 86 -9.93 -10.52 -11.09
CA GLY A 86 -10.09 -10.55 -12.53
C GLY A 86 -9.70 -11.89 -13.12
N HIS A 87 -8.44 -12.00 -13.54
CA HIS A 87 -7.94 -13.24 -14.13
C HIS A 87 -6.58 -13.63 -13.54
N ARG A 88 -6.22 -12.97 -12.44
CA ARG A 88 -4.95 -13.23 -11.78
C ARG A 88 -5.14 -13.39 -10.27
N TYR A 89 -4.08 -13.80 -9.58
CA TYR A 89 -4.14 -13.98 -8.14
C TYR A 89 -3.52 -12.80 -7.41
N ILE A 90 -4.12 -12.43 -6.28
CA ILE A 90 -3.63 -11.30 -5.49
C ILE A 90 -3.22 -11.75 -4.10
N GLU A 91 -2.10 -11.24 -3.62
CA GLU A 91 -1.60 -11.59 -2.29
C GLU A 91 -1.55 -10.36 -1.38
N VAL A 92 -2.32 -10.42 -0.30
CA VAL A 92 -2.37 -9.30 0.65
C VAL A 92 -1.25 -9.42 1.68
N PHE A 93 -0.69 -8.27 2.06
CA PHE A 93 0.39 -8.24 3.03
C PHE A 93 0.17 -7.13 4.06
N LYS A 94 0.30 -7.45 5.33
CA LYS A 94 0.12 -6.49 6.40
C LYS A 94 1.34 -5.58 6.52
N SER A 95 1.15 -4.29 6.28
CA SER A 95 2.23 -3.31 6.36
C SER A 95 1.74 -2.01 6.98
N HIS A 96 2.69 -1.19 7.42
CA HIS A 96 2.35 0.10 8.04
C HIS A 96 2.52 1.24 7.05
N ARG A 97 2.30 2.46 7.52
CA ARG A 97 2.42 3.64 6.66
C ARG A 97 3.88 4.06 6.52
N THR A 98 4.53 4.31 7.64
CA THR A 98 5.93 4.71 7.64
C THR A 98 6.73 3.96 6.59
N GLU A 99 6.30 2.72 6.30
CA GLU A 99 6.97 1.90 5.32
C GLU A 99 6.58 2.31 3.90
N MET A 100 5.30 2.20 3.59
CA MET A 100 4.79 2.55 2.27
C MET A 100 5.29 3.94 1.86
N ASP A 101 5.71 4.73 2.85
CA ASP A 101 6.21 6.07 2.59
C ASP A 101 7.58 6.03 1.92
N TRP A 102 8.45 5.13 2.40
CA TRP A 102 9.79 5.00 1.85
C TRP A 102 9.75 4.23 0.53
N VAL A 103 8.98 3.14 0.51
CA VAL A 103 8.85 2.32 -0.69
C VAL A 103 8.36 3.14 -1.87
N LEU A 104 7.58 4.18 -1.59
CA LEU A 104 7.05 5.05 -2.64
C LEU A 104 8.09 6.08 -3.07
N LYS A 105 8.50 6.92 -2.13
CA LYS A 105 9.50 7.95 -2.42
C LYS A 105 10.61 7.40 -3.30
N HIS A 106 10.88 6.11 -3.17
CA HIS A 106 11.93 5.46 -3.96
C HIS A 106 11.33 4.42 -4.90
N SER A 107 10.21 4.77 -5.52
CA SER A 107 9.54 3.86 -6.45
C SER A 107 9.55 4.43 -7.86
N GLY A 108 8.98 3.68 -8.80
CA GLY A 108 8.93 4.12 -10.19
C GLY A 108 10.27 4.63 -10.68
N PRO A 109 10.31 5.09 -11.93
CA PRO A 109 11.54 5.62 -12.55
C PRO A 109 11.96 6.95 -11.95
N ASN A 110 10.97 7.76 -11.57
CA ASN A 110 11.25 9.08 -10.98
C ASN A 110 11.21 9.00 -9.46
N SER A 111 11.93 9.91 -8.82
CA SER A 111 11.99 9.94 -7.35
C SER A 111 11.83 11.38 -6.85
N ALA A 112 10.79 11.60 -6.06
CA ALA A 112 10.52 12.92 -5.49
C ALA A 112 11.48 13.23 -4.35
N SER A 113 12.50 14.03 -4.65
CA SER A 113 13.49 14.41 -3.64
C SER A 113 12.97 15.54 -2.76
N GLY A 114 12.43 15.17 -1.59
CA GLY A 114 11.90 16.16 -0.68
C GLY A 114 10.39 16.25 -0.73
N PRO A 115 9.77 16.52 0.43
CA PRO A 115 8.31 16.64 0.53
C PRO A 115 7.78 17.90 -0.15
N SER A 116 8.69 18.80 -0.52
CA SER A 116 8.32 20.04 -1.17
C SER A 116 9.01 20.17 -2.53
N SER A 117 8.53 21.11 -3.34
CA SER A 117 9.10 21.32 -4.66
C SER A 117 9.07 20.04 -5.49
N GLY A 118 7.94 19.35 -5.47
CA GLY A 118 7.81 18.11 -6.22
C GLY A 118 6.60 18.10 -7.12
N GLY A 1 -1.48 -14.08 23.20
CA GLY A 1 -1.74 -12.84 22.51
C GLY A 1 -1.17 -11.65 23.24
N SER A 2 -0.81 -10.60 22.48
CA SER A 2 -0.24 -9.40 23.07
C SER A 2 -0.55 -8.17 22.21
N SER A 3 -0.74 -7.03 22.85
CA SER A 3 -1.04 -5.80 22.15
C SER A 3 0.17 -4.87 22.11
N GLY A 4 0.51 -4.41 20.91
CA GLY A 4 1.65 -3.53 20.76
C GLY A 4 1.91 -3.15 19.31
N SER A 5 0.85 -2.72 18.62
CA SER A 5 0.97 -2.34 17.22
C SER A 5 1.61 -0.97 17.08
N SER A 6 2.93 -0.96 16.91
CA SER A 6 3.67 0.29 16.77
C SER A 6 4.77 0.15 15.71
N GLY A 7 5.14 1.27 15.09
CA GLY A 7 6.18 1.25 14.08
C GLY A 7 7.54 0.91 14.65
N MET A 8 8.37 1.94 14.84
CA MET A 8 9.70 1.75 15.39
C MET A 8 10.24 3.04 15.98
N MET A 9 11.35 2.94 16.71
CA MET A 9 11.96 4.11 17.34
C MET A 9 13.22 4.52 16.59
N LEU A 10 13.08 5.51 15.72
CA LEU A 10 14.22 6.01 14.94
C LEU A 10 14.29 7.53 14.99
N GLY A 11 15.32 8.09 14.37
CA GLY A 11 15.48 9.53 14.36
C GLY A 11 14.16 10.27 14.28
N PRO A 12 13.42 10.04 13.18
CA PRO A 12 12.12 10.68 12.96
C PRO A 12 11.05 10.15 13.91
N GLU A 13 9.82 10.61 13.71
CA GLU A 13 8.70 10.19 14.55
C GLU A 13 7.98 8.98 13.94
N GLY A 14 7.69 7.99 14.77
CA GLY A 14 7.01 6.80 14.28
C GLY A 14 5.54 7.06 13.98
N GLY A 15 5.28 7.67 12.84
CA GLY A 15 3.91 7.98 12.45
C GLY A 15 3.41 7.06 11.35
N GLU A 16 2.92 5.89 11.73
CA GLU A 16 2.40 4.93 10.76
C GLU A 16 0.87 4.94 10.73
N GLY A 17 0.29 4.14 9.84
CA GLY A 17 -1.15 4.07 9.74
C GLY A 17 -1.63 2.79 9.07
N TYR A 18 -2.90 2.49 9.23
CA TYR A 18 -3.48 1.28 8.64
C TYR A 18 -3.21 1.22 7.14
N VAL A 19 -2.33 0.30 6.74
CA VAL A 19 -1.98 0.14 5.33
C VAL A 19 -1.81 -1.33 4.97
N VAL A 20 -2.00 -1.65 3.69
CA VAL A 20 -1.86 -3.02 3.22
C VAL A 20 -1.16 -3.07 1.87
N LYS A 21 -0.33 -4.08 1.68
CA LYS A 21 0.41 -4.24 0.42
C LYS A 21 -0.18 -5.38 -0.40
N LEU A 22 -0.50 -5.09 -1.66
CA LEU A 22 -1.06 -6.09 -2.56
C LEU A 22 -0.04 -6.51 -3.62
N ARG A 23 0.13 -7.81 -3.78
CA ARG A 23 1.06 -8.34 -4.77
C ARG A 23 0.34 -9.25 -5.77
N GLY A 24 0.95 -9.42 -6.93
CA GLY A 24 0.36 -10.26 -7.96
C GLY A 24 -0.67 -9.53 -8.79
N LEU A 25 -0.72 -8.21 -8.65
CA LEU A 25 -1.66 -7.40 -9.40
C LEU A 25 -1.29 -7.34 -10.87
N PRO A 26 -2.31 -7.22 -11.74
CA PRO A 26 -2.11 -7.14 -13.19
C PRO A 26 -1.45 -5.84 -13.63
N TRP A 27 -0.59 -5.93 -14.63
CA TRP A 27 0.12 -4.77 -15.14
C TRP A 27 -0.86 -3.67 -15.55
N SER A 28 -2.13 -4.04 -15.65
CA SER A 28 -3.17 -3.09 -16.03
C SER A 28 -4.13 -2.84 -14.87
N CYS A 29 -3.66 -3.08 -13.65
CA CYS A 29 -4.49 -2.89 -12.47
C CYS A 29 -4.80 -1.41 -12.25
N SER A 30 -6.07 -1.11 -12.00
CA SER A 30 -6.50 0.27 -11.79
C SER A 30 -7.08 0.44 -10.39
N ILE A 31 -6.97 1.66 -9.86
CA ILE A 31 -7.48 1.95 -8.53
C ILE A 31 -8.82 1.28 -8.28
N GLU A 32 -9.68 1.31 -9.30
CA GLU A 32 -11.00 0.70 -9.20
C GLU A 32 -10.90 -0.76 -8.77
N ASP A 33 -10.08 -1.52 -9.48
CA ASP A 33 -9.88 -2.93 -9.17
C ASP A 33 -9.47 -3.12 -7.71
N VAL A 34 -8.66 -2.19 -7.21
CA VAL A 34 -8.19 -2.25 -5.83
C VAL A 34 -9.32 -1.95 -4.85
N GLN A 35 -10.00 -0.83 -5.08
CA GLN A 35 -11.10 -0.42 -4.21
C GLN A 35 -12.12 -1.54 -4.07
N ASN A 36 -12.55 -2.08 -5.21
CA ASN A 36 -13.53 -3.16 -5.22
C ASN A 36 -12.97 -4.41 -4.55
N PHE A 37 -11.70 -4.70 -4.82
CA PHE A 37 -11.04 -5.87 -4.25
C PHE A 37 -11.11 -5.83 -2.73
N LEU A 38 -10.72 -4.70 -2.15
CA LEU A 38 -10.73 -4.54 -0.70
C LEU A 38 -12.04 -3.91 -0.23
N SER A 39 -13.14 -4.31 -0.86
CA SER A 39 -14.45 -3.79 -0.50
C SER A 39 -14.69 -3.92 1.00
N ASP A 40 -14.55 -5.13 1.52
CA ASP A 40 -14.75 -5.38 2.94
C ASP A 40 -13.98 -4.37 3.79
N CYS A 41 -12.97 -3.75 3.19
CA CYS A 41 -12.16 -2.76 3.89
C CYS A 41 -12.59 -1.34 3.53
N THR A 42 -12.30 -0.41 4.41
CA THR A 42 -12.66 1.00 4.19
C THR A 42 -11.43 1.84 3.88
N ILE A 43 -10.94 1.73 2.65
CA ILE A 43 -9.77 2.49 2.21
C ILE A 43 -9.91 3.96 2.56
N HIS A 44 -8.88 4.52 3.19
CA HIS A 44 -8.88 5.92 3.57
C HIS A 44 -8.74 6.83 2.35
N ASP A 45 -9.69 7.73 2.17
CA ASP A 45 -9.67 8.66 1.04
C ASP A 45 -9.85 7.91 -0.27
N GLY A 46 -10.49 6.74 -0.20
CA GLY A 46 -10.71 5.95 -1.40
C GLY A 46 -9.57 6.06 -2.39
N VAL A 47 -9.91 6.37 -3.64
CA VAL A 47 -8.90 6.49 -4.69
C VAL A 47 -7.69 7.27 -4.19
N ALA A 48 -7.93 8.23 -3.31
CA ALA A 48 -6.85 9.04 -2.75
C ALA A 48 -6.15 8.31 -1.61
N GLY A 49 -6.21 6.98 -1.63
CA GLY A 49 -5.58 6.19 -0.59
C GLY A 49 -4.76 5.05 -1.16
N VAL A 50 -5.08 4.64 -2.38
CA VAL A 50 -4.37 3.55 -3.02
C VAL A 50 -3.07 4.04 -3.68
N HIS A 51 -1.97 3.36 -3.39
CA HIS A 51 -0.68 3.73 -3.94
C HIS A 51 -0.05 2.55 -4.68
N PHE A 52 0.04 2.67 -6.00
CA PHE A 52 0.62 1.61 -6.83
C PHE A 52 2.15 1.69 -6.82
N ILE A 53 2.79 0.55 -7.04
CA ILE A 53 4.25 0.49 -7.05
C ILE A 53 4.77 0.37 -8.48
N TYR A 54 5.71 1.23 -8.83
CA TYR A 54 6.31 1.22 -10.16
C TYR A 54 7.82 1.05 -10.09
N THR A 55 8.42 0.68 -11.22
CA THR A 55 9.87 0.48 -11.29
C THR A 55 10.57 1.73 -11.79
N ARG A 56 11.88 1.80 -11.54
CA ARG A 56 12.67 2.95 -11.96
C ARG A 56 12.49 3.23 -13.45
N GLU A 57 12.04 2.21 -14.19
CA GLU A 57 11.82 2.34 -15.62
C GLU A 57 10.46 2.97 -15.91
N GLY A 58 9.54 2.84 -14.96
CA GLY A 58 8.22 3.40 -15.12
C GLY A 58 7.19 2.35 -15.51
N ARG A 59 7.26 1.18 -14.87
CA ARG A 59 6.34 0.10 -15.15
C ARG A 59 5.52 -0.26 -13.92
N GLN A 60 4.72 -1.31 -14.03
CA GLN A 60 3.89 -1.75 -12.92
C GLN A 60 4.43 -3.05 -12.31
N SER A 61 5.44 -2.92 -11.45
CA SER A 61 6.04 -4.07 -10.81
C SER A 61 4.99 -5.06 -10.33
N GLY A 62 3.83 -4.52 -9.91
CA GLY A 62 2.75 -5.36 -9.44
C GLY A 62 2.30 -4.98 -8.05
N GLU A 63 3.26 -4.65 -7.19
CA GLU A 63 2.96 -4.27 -5.81
C GLU A 63 2.15 -2.98 -5.77
N ALA A 64 1.30 -2.85 -4.75
CA ALA A 64 0.47 -1.66 -4.59
C ALA A 64 -0.06 -1.55 -3.17
N PHE A 65 0.32 -0.48 -2.47
CA PHE A 65 -0.12 -0.27 -1.10
C PHE A 65 -1.50 0.36 -1.08
N VAL A 66 -2.13 0.38 0.10
CA VAL A 66 -3.46 0.94 0.26
C VAL A 66 -3.70 1.37 1.70
N GLU A 67 -4.20 2.59 1.88
CA GLU A 67 -4.48 3.12 3.21
C GLU A 67 -5.89 2.75 3.66
N LEU A 68 -6.04 2.50 4.96
CA LEU A 68 -7.34 2.12 5.51
C LEU A 68 -7.85 3.21 6.46
N GLU A 69 -9.04 2.98 7.02
CA GLU A 69 -9.63 3.93 7.95
C GLU A 69 -9.33 3.55 9.39
N SER A 70 -9.52 2.27 9.71
CA SER A 70 -9.28 1.78 11.06
C SER A 70 -8.54 0.44 11.02
N GLU A 71 -8.22 -0.08 12.20
CA GLU A 71 -7.51 -1.36 12.31
C GLU A 71 -8.31 -2.47 11.65
N ASP A 72 -9.55 -2.67 12.12
CA ASP A 72 -10.42 -3.69 11.57
C ASP A 72 -10.16 -3.89 10.08
N ASP A 73 -10.07 -2.79 9.35
CA ASP A 73 -9.83 -2.84 7.91
C ASP A 73 -8.63 -3.74 7.59
N VAL A 74 -7.55 -3.53 8.30
CA VAL A 74 -6.33 -4.33 8.09
C VAL A 74 -6.63 -5.81 8.22
N LYS A 75 -7.08 -6.22 9.40
CA LYS A 75 -7.39 -7.63 9.65
C LYS A 75 -8.25 -8.20 8.52
N LEU A 76 -9.25 -7.44 8.10
CA LEU A 76 -10.14 -7.87 7.02
C LEU A 76 -9.36 -8.03 5.71
N ALA A 77 -8.59 -7.01 5.37
CA ALA A 77 -7.80 -7.04 4.15
C ALA A 77 -6.98 -8.32 4.04
N LEU A 78 -6.33 -8.69 5.15
CA LEU A 78 -5.51 -9.90 5.18
C LEU A 78 -6.34 -11.13 4.80
N LYS A 79 -7.65 -11.02 4.94
CA LYS A 79 -8.55 -12.11 4.61
C LYS A 79 -8.67 -12.28 3.10
N LYS A 80 -8.28 -11.24 2.36
CA LYS A 80 -8.34 -11.27 0.90
C LYS A 80 -7.08 -11.90 0.32
N ASP A 81 -6.34 -12.62 1.15
CA ASP A 81 -5.10 -13.26 0.72
C ASP A 81 -5.40 -14.36 -0.31
N ARG A 82 -4.39 -14.71 -1.09
CA ARG A 82 -4.54 -15.74 -2.11
C ARG A 82 -5.86 -15.58 -2.86
N GLU A 83 -6.30 -14.34 -3.01
CA GLU A 83 -7.55 -14.05 -3.70
C GLU A 83 -7.34 -14.01 -5.22
N SER A 84 -8.42 -13.80 -5.95
CA SER A 84 -8.36 -13.75 -7.41
C SER A 84 -9.04 -12.49 -7.94
N MET A 85 -8.24 -11.61 -8.54
CA MET A 85 -8.76 -10.36 -9.09
C MET A 85 -8.80 -10.41 -10.60
N GLY A 86 -10.00 -10.52 -11.17
CA GLY A 86 -10.15 -10.58 -12.61
C GLY A 86 -9.65 -11.89 -13.19
N HIS A 87 -8.46 -11.86 -13.78
CA HIS A 87 -7.86 -13.05 -14.37
C HIS A 87 -6.51 -13.35 -13.76
N ARG A 88 -6.23 -12.74 -12.61
CA ARG A 88 -4.97 -12.94 -11.91
C ARG A 88 -5.19 -13.12 -10.41
N TYR A 89 -4.14 -13.52 -9.70
CA TYR A 89 -4.22 -13.73 -8.27
C TYR A 89 -3.67 -12.52 -7.51
N ILE A 90 -4.21 -12.28 -6.32
CA ILE A 90 -3.77 -11.16 -5.50
C ILE A 90 -3.35 -11.64 -4.11
N GLU A 91 -2.23 -11.11 -3.62
CA GLU A 91 -1.72 -11.49 -2.30
C GLU A 91 -1.67 -10.27 -1.38
N VAL A 92 -2.35 -10.38 -0.23
CA VAL A 92 -2.38 -9.30 0.74
C VAL A 92 -1.23 -9.41 1.72
N PHE A 93 -0.67 -8.26 2.10
CA PHE A 93 0.45 -8.23 3.04
C PHE A 93 0.27 -7.11 4.05
N LYS A 94 0.36 -7.45 5.33
CA LYS A 94 0.21 -6.47 6.41
C LYS A 94 1.41 -5.54 6.46
N SER A 95 1.18 -4.26 6.19
CA SER A 95 2.24 -3.27 6.20
C SER A 95 1.75 -1.96 6.83
N HIS A 96 2.69 -1.10 7.21
CA HIS A 96 2.36 0.18 7.83
C HIS A 96 2.47 1.31 6.81
N ARG A 97 2.25 2.54 7.26
CA ARG A 97 2.32 3.70 6.39
C ARG A 97 3.78 4.09 6.12
N THR A 98 4.51 4.38 7.18
CA THR A 98 5.92 4.77 7.06
C THR A 98 6.61 3.97 5.97
N GLU A 99 6.42 2.65 6.00
CA GLU A 99 7.05 1.77 5.01
C GLU A 99 6.59 2.15 3.59
N MET A 100 5.28 2.28 3.41
CA MET A 100 4.72 2.63 2.12
C MET A 100 5.25 3.98 1.64
N ASP A 101 5.76 4.76 2.57
CA ASP A 101 6.31 6.08 2.25
C ASP A 101 7.64 5.95 1.52
N TRP A 102 8.53 5.13 2.07
CA TRP A 102 9.84 4.92 1.47
C TRP A 102 9.73 4.10 0.18
N VAL A 103 9.01 2.99 0.25
CA VAL A 103 8.82 2.13 -0.90
C VAL A 103 8.38 2.92 -2.12
N LEU A 104 7.63 3.99 -1.88
CA LEU A 104 7.14 4.85 -2.96
C LEU A 104 8.22 5.80 -3.43
N LYS A 105 8.69 6.65 -2.52
CA LYS A 105 9.74 7.62 -2.84
C LYS A 105 10.85 6.97 -3.64
N HIS A 106 11.03 5.66 -3.46
CA HIS A 106 12.06 4.93 -4.17
C HIS A 106 11.45 3.80 -5.01
N SER A 107 10.41 4.14 -5.77
CA SER A 107 9.74 3.15 -6.61
C SER A 107 9.52 3.70 -8.01
N GLY A 108 8.74 4.78 -8.10
CA GLY A 108 8.45 5.39 -9.39
C GLY A 108 9.69 5.54 -10.25
N PRO A 109 9.50 5.80 -11.55
CA PRO A 109 10.59 5.97 -12.50
C PRO A 109 11.37 7.26 -12.27
N ASN A 110 10.66 8.29 -11.80
CA ASN A 110 11.27 9.58 -11.53
C ASN A 110 10.64 10.25 -10.31
N SER A 111 11.47 10.92 -9.52
CA SER A 111 10.99 11.60 -8.32
C SER A 111 11.51 13.03 -8.25
N ALA A 112 10.67 13.98 -8.62
CA ALA A 112 11.05 15.39 -8.60
C ALA A 112 11.31 15.87 -7.18
N SER A 113 10.27 15.80 -6.34
CA SER A 113 10.39 16.24 -4.95
C SER A 113 11.56 15.55 -4.27
N GLY A 114 12.14 16.23 -3.28
CA GLY A 114 13.28 15.68 -2.56
C GLY A 114 13.27 16.06 -1.09
N PRO A 115 13.88 17.21 -0.78
CA PRO A 115 13.97 17.71 0.60
C PRO A 115 12.62 18.18 1.12
N SER A 116 12.08 17.46 2.09
CA SER A 116 10.78 17.80 2.68
C SER A 116 10.86 19.15 3.39
N SER A 117 10.01 20.08 2.95
CA SER A 117 9.97 21.41 3.55
C SER A 117 8.98 21.48 4.71
N GLY A 118 9.48 21.84 5.88
CA GLY A 118 8.63 21.92 7.05
C GLY A 118 8.55 20.61 7.81
N GLY A 1 16.59 -9.83 12.25
CA GLY A 1 15.90 -8.90 11.38
C GLY A 1 14.77 -8.17 12.08
N SER A 2 14.78 -6.85 11.99
CA SER A 2 13.76 -6.03 12.63
C SER A 2 12.87 -5.35 11.57
N SER A 3 11.78 -6.01 11.23
CA SER A 3 10.86 -5.48 10.22
C SER A 3 10.00 -4.37 10.82
N GLY A 4 10.06 -3.20 10.20
CA GLY A 4 9.28 -2.06 10.68
C GLY A 4 9.92 -1.39 11.88
N SER A 5 9.39 -1.65 13.06
CA SER A 5 9.90 -1.06 14.29
C SER A 5 9.89 0.46 14.20
N SER A 6 8.82 1.01 13.65
CA SER A 6 8.69 2.46 13.50
C SER A 6 7.81 3.03 14.60
N GLY A 7 7.86 4.35 14.75
CA GLY A 7 7.07 5.01 15.78
C GLY A 7 7.53 4.68 17.18
N MET A 8 7.38 5.63 18.10
CA MET A 8 7.80 5.43 19.47
C MET A 8 6.62 5.62 20.43
N MET A 9 6.58 4.79 21.47
CA MET A 9 5.50 4.87 22.46
C MET A 9 5.28 6.31 22.92
N LEU A 10 6.39 7.02 23.16
CA LEU A 10 6.32 8.40 23.61
C LEU A 10 5.62 9.28 22.56
N GLY A 11 4.45 9.79 22.92
CA GLY A 11 3.69 10.64 22.01
C GLY A 11 2.81 9.84 21.07
N PRO A 12 1.52 10.18 21.02
CA PRO A 12 0.56 9.50 20.16
C PRO A 12 0.79 9.80 18.68
N GLU A 13 1.84 10.57 18.39
CA GLU A 13 2.17 10.93 17.01
C GLU A 13 3.00 9.84 16.36
N GLY A 14 2.67 8.58 16.65
CA GLY A 14 3.39 7.47 16.07
C GLY A 14 3.76 7.71 14.62
N GLY A 15 2.78 8.11 13.82
CA GLY A 15 3.04 8.37 12.41
C GLY A 15 2.48 7.28 11.51
N GLU A 16 2.89 6.04 11.75
CA GLU A 16 2.42 4.91 10.96
C GLU A 16 0.89 4.84 10.95
N GLY A 17 0.34 4.15 9.98
CA GLY A 17 -1.10 4.02 9.88
C GLY A 17 -1.52 2.70 9.23
N TYR A 18 -2.80 2.36 9.36
CA TYR A 18 -3.33 1.14 8.78
C TYR A 18 -3.12 1.11 7.27
N VAL A 19 -2.25 0.23 6.82
CA VAL A 19 -1.96 0.10 5.39
C VAL A 19 -1.80 -1.36 4.99
N VAL A 20 -1.96 -1.65 3.70
CA VAL A 20 -1.84 -3.00 3.19
C VAL A 20 -1.19 -3.01 1.82
N LYS A 21 -0.39 -4.04 1.55
CA LYS A 21 0.30 -4.17 0.27
C LYS A 21 -0.30 -5.31 -0.55
N LEU A 22 -0.54 -5.04 -1.83
CA LEU A 22 -1.10 -6.05 -2.73
C LEU A 22 -0.09 -6.48 -3.77
N ARG A 23 0.13 -7.79 -3.88
CA ARG A 23 1.08 -8.33 -4.84
C ARG A 23 0.38 -9.24 -5.84
N GLY A 24 0.95 -9.37 -7.03
CA GLY A 24 0.37 -10.22 -8.05
C GLY A 24 -0.67 -9.50 -8.88
N LEU A 25 -0.72 -8.18 -8.74
CA LEU A 25 -1.67 -7.36 -9.48
C LEU A 25 -1.32 -7.31 -10.97
N PRO A 26 -2.35 -7.16 -11.81
CA PRO A 26 -2.17 -7.09 -13.27
C PRO A 26 -1.49 -5.80 -13.71
N TRP A 27 -0.64 -5.91 -14.72
CA TRP A 27 0.08 -4.74 -15.23
C TRP A 27 -0.90 -3.63 -15.61
N SER A 28 -2.18 -3.97 -15.71
CA SER A 28 -3.21 -3.00 -16.07
C SER A 28 -4.16 -2.76 -14.90
N CYS A 29 -3.67 -3.00 -13.69
CA CYS A 29 -4.47 -2.82 -12.49
C CYS A 29 -4.78 -1.34 -12.26
N SER A 30 -6.06 -1.03 -12.05
CA SER A 30 -6.49 0.34 -11.84
C SER A 30 -7.05 0.52 -10.42
N ILE A 31 -6.90 1.73 -9.89
CA ILE A 31 -7.38 2.02 -8.55
C ILE A 31 -8.73 1.37 -8.29
N GLU A 32 -9.61 1.41 -9.29
CA GLU A 32 -10.93 0.82 -9.16
C GLU A 32 -10.84 -0.66 -8.79
N ASP A 33 -10.01 -1.39 -9.52
CA ASP A 33 -9.83 -2.82 -9.27
C ASP A 33 -9.39 -3.06 -7.82
N VAL A 34 -8.58 -2.15 -7.29
CA VAL A 34 -8.10 -2.26 -5.92
C VAL A 34 -9.20 -1.92 -4.92
N GLN A 35 -9.88 -0.81 -5.15
CA GLN A 35 -10.96 -0.38 -4.27
C GLN A 35 -12.02 -1.46 -4.14
N ASN A 36 -12.43 -2.02 -5.27
CA ASN A 36 -13.44 -3.07 -5.29
C ASN A 36 -12.92 -4.34 -4.61
N PHE A 37 -11.66 -4.67 -4.86
CA PHE A 37 -11.04 -5.85 -4.28
C PHE A 37 -11.15 -5.82 -2.76
N LEU A 38 -10.69 -4.73 -2.16
CA LEU A 38 -10.73 -4.56 -0.72
C LEU A 38 -12.03 -3.92 -0.26
N SER A 39 -13.13 -4.31 -0.90
CA SER A 39 -14.45 -3.77 -0.57
C SER A 39 -14.76 -3.99 0.90
N ASP A 40 -14.29 -5.11 1.45
CA ASP A 40 -14.52 -5.43 2.84
C ASP A 40 -13.85 -4.43 3.76
N CYS A 41 -12.84 -3.74 3.23
CA CYS A 41 -12.10 -2.74 3.99
C CYS A 41 -12.51 -1.33 3.60
N THR A 42 -12.31 -0.38 4.51
CA THR A 42 -12.66 1.01 4.26
C THR A 42 -11.43 1.84 3.93
N ILE A 43 -10.98 1.76 2.68
CA ILE A 43 -9.82 2.51 2.23
C ILE A 43 -9.94 3.98 2.59
N HIS A 44 -8.89 4.52 3.21
CA HIS A 44 -8.88 5.92 3.61
C HIS A 44 -8.75 6.83 2.39
N ASP A 45 -9.69 7.75 2.23
CA ASP A 45 -9.68 8.69 1.11
C ASP A 45 -9.88 7.94 -0.21
N GLY A 46 -10.53 6.79 -0.13
CA GLY A 46 -10.77 5.99 -1.33
C GLY A 46 -9.64 6.08 -2.32
N VAL A 47 -9.97 6.42 -3.57
CA VAL A 47 -8.97 6.54 -4.63
C VAL A 47 -7.75 7.31 -4.13
N ALA A 48 -7.97 8.26 -3.25
CA ALA A 48 -6.89 9.08 -2.70
C ALA A 48 -6.19 8.34 -1.56
N GLY A 49 -6.29 7.02 -1.56
CA GLY A 49 -5.66 6.22 -0.52
C GLY A 49 -4.85 5.07 -1.08
N VAL A 50 -5.09 4.74 -2.33
CA VAL A 50 -4.38 3.64 -2.99
C VAL A 50 -3.08 4.12 -3.62
N HIS A 51 -1.99 3.43 -3.31
CA HIS A 51 -0.68 3.78 -3.84
C HIS A 51 -0.06 2.62 -4.60
N PHE A 52 0.13 2.79 -5.90
CA PHE A 52 0.71 1.76 -6.75
C PHE A 52 2.23 1.85 -6.75
N ILE A 53 2.89 0.72 -7.02
CA ILE A 53 4.35 0.68 -7.06
C ILE A 53 4.86 0.62 -8.49
N TYR A 54 5.92 1.37 -8.77
CA TYR A 54 6.50 1.40 -10.11
C TYR A 54 7.95 0.93 -10.07
N THR A 55 8.47 0.56 -11.24
CA THR A 55 9.85 0.10 -11.34
C THR A 55 10.79 1.23 -11.73
N ARG A 56 12.08 1.03 -11.47
CA ARG A 56 13.08 2.05 -11.80
C ARG A 56 12.91 2.56 -13.22
N GLU A 57 12.34 1.72 -14.08
CA GLU A 57 12.11 2.08 -15.47
C GLU A 57 10.73 2.73 -15.65
N GLY A 58 9.79 2.33 -14.81
CA GLY A 58 8.45 2.89 -14.90
C GLY A 58 7.43 1.85 -15.33
N ARG A 59 7.48 0.66 -14.73
CA ARG A 59 6.56 -0.41 -15.07
C ARG A 59 5.81 -0.89 -13.83
N GLN A 60 4.54 -1.23 -14.02
CA GLN A 60 3.70 -1.70 -12.92
C GLN A 60 4.22 -3.03 -12.37
N SER A 61 5.25 -2.96 -11.53
CA SER A 61 5.85 -4.15 -10.94
C SER A 61 4.77 -5.09 -10.41
N GLY A 62 3.62 -4.51 -10.03
CA GLY A 62 2.53 -5.31 -9.51
C GLY A 62 2.18 -4.94 -8.08
N GLU A 63 3.20 -4.63 -7.28
CA GLU A 63 2.99 -4.26 -5.89
C GLU A 63 2.26 -2.92 -5.78
N ALA A 64 1.36 -2.83 -4.81
CA ALA A 64 0.59 -1.61 -4.60
C ALA A 64 0.03 -1.55 -3.18
N PHE A 65 0.37 -0.49 -2.46
CA PHE A 65 -0.10 -0.31 -1.09
C PHE A 65 -1.51 0.27 -1.06
N VAL A 66 -2.12 0.27 0.12
CA VAL A 66 -3.47 0.79 0.28
C VAL A 66 -3.72 1.24 1.71
N GLU A 67 -4.20 2.46 1.88
CA GLU A 67 -4.47 3.01 3.19
C GLU A 67 -5.88 2.63 3.65
N LEU A 68 -6.03 2.41 4.95
CA LEU A 68 -7.32 2.04 5.52
C LEU A 68 -7.84 3.14 6.44
N GLU A 69 -9.04 2.94 6.97
CA GLU A 69 -9.67 3.90 7.87
C GLU A 69 -9.40 3.55 9.32
N SER A 70 -9.53 2.26 9.64
CA SER A 70 -9.31 1.79 11.00
C SER A 70 -8.55 0.47 11.01
N GLU A 71 -8.21 -0.01 12.20
CA GLU A 71 -7.48 -1.26 12.34
C GLU A 71 -8.25 -2.43 11.73
N ASP A 72 -9.47 -2.63 12.24
CA ASP A 72 -10.33 -3.71 11.75
C ASP A 72 -10.11 -3.94 10.25
N ASP A 73 -10.08 -2.85 9.49
CA ASP A 73 -9.89 -2.94 8.04
C ASP A 73 -8.69 -3.83 7.71
N VAL A 74 -7.58 -3.59 8.39
CA VAL A 74 -6.37 -4.37 8.16
C VAL A 74 -6.65 -5.86 8.28
N LYS A 75 -7.07 -6.28 9.47
CA LYS A 75 -7.37 -7.69 9.72
C LYS A 75 -8.22 -8.27 8.59
N LEU A 76 -9.20 -7.50 8.13
CA LEU A 76 -10.08 -7.94 7.05
C LEU A 76 -9.31 -8.09 5.74
N ALA A 77 -8.54 -7.05 5.40
CA ALA A 77 -7.75 -7.07 4.18
C ALA A 77 -6.91 -8.33 4.08
N LEU A 78 -6.26 -8.68 5.19
CA LEU A 78 -5.42 -9.88 5.23
C LEU A 78 -6.21 -11.12 4.84
N LYS A 79 -7.53 -11.03 4.97
CA LYS A 79 -8.42 -12.15 4.64
C LYS A 79 -8.55 -12.30 3.13
N LYS A 80 -8.16 -11.27 2.39
CA LYS A 80 -8.23 -11.29 0.94
C LYS A 80 -6.97 -11.91 0.34
N ASP A 81 -6.20 -12.61 1.18
CA ASP A 81 -4.98 -13.25 0.73
C ASP A 81 -5.28 -14.34 -0.29
N ARG A 82 -4.28 -14.66 -1.11
CA ARG A 82 -4.45 -15.69 -2.14
C ARG A 82 -5.78 -15.53 -2.87
N GLU A 83 -6.22 -14.29 -3.00
CA GLU A 83 -7.49 -14.01 -3.67
C GLU A 83 -7.32 -14.01 -5.19
N SER A 84 -8.41 -13.78 -5.91
CA SER A 84 -8.38 -13.76 -7.36
C SER A 84 -9.08 -12.52 -7.91
N MET A 85 -8.29 -11.63 -8.52
CA MET A 85 -8.83 -10.39 -9.08
C MET A 85 -8.89 -10.47 -10.60
N GLY A 86 -10.11 -10.46 -11.14
CA GLY A 86 -10.27 -10.54 -12.58
C GLY A 86 -9.79 -11.85 -13.16
N HIS A 87 -8.62 -11.82 -13.79
CA HIS A 87 -8.05 -13.02 -14.39
C HIS A 87 -6.67 -13.31 -13.82
N ARG A 88 -6.39 -12.74 -12.65
CA ARG A 88 -5.10 -12.94 -11.99
C ARG A 88 -5.28 -13.14 -10.49
N TYR A 89 -4.21 -13.50 -9.81
CA TYR A 89 -4.24 -13.73 -8.37
C TYR A 89 -3.67 -12.53 -7.61
N ILE A 90 -4.14 -12.34 -6.39
CA ILE A 90 -3.68 -11.24 -5.56
C ILE A 90 -3.20 -11.74 -4.20
N GLU A 91 -2.14 -11.12 -3.69
CA GLU A 91 -1.59 -11.50 -2.38
C GLU A 91 -1.53 -10.30 -1.45
N VAL A 92 -2.29 -10.36 -0.36
CA VAL A 92 -2.32 -9.27 0.61
C VAL A 92 -1.13 -9.37 1.57
N PHE A 93 -0.62 -8.21 1.97
CA PHE A 93 0.52 -8.16 2.89
C PHE A 93 0.33 -7.06 3.93
N LYS A 94 0.45 -7.43 5.20
CA LYS A 94 0.29 -6.47 6.29
C LYS A 94 1.48 -5.51 6.34
N SER A 95 1.20 -4.22 6.14
CA SER A 95 2.25 -3.21 6.17
C SER A 95 1.74 -1.92 6.80
N HIS A 96 2.66 -1.07 7.23
CA HIS A 96 2.30 0.20 7.86
C HIS A 96 2.42 1.35 6.86
N ARG A 97 2.19 2.57 7.35
CA ARG A 97 2.26 3.75 6.50
C ARG A 97 3.71 4.12 6.20
N THR A 98 4.45 4.47 7.25
CA THR A 98 5.84 4.85 7.11
C THR A 98 6.52 4.06 5.99
N GLU A 99 6.43 2.74 6.07
CA GLU A 99 7.03 1.86 5.07
C GLU A 99 6.56 2.25 3.66
N MET A 100 5.25 2.30 3.47
CA MET A 100 4.68 2.64 2.18
C MET A 100 5.19 4.02 1.72
N ASP A 101 5.70 4.80 2.66
CA ASP A 101 6.22 6.12 2.34
C ASP A 101 7.56 6.02 1.61
N TRP A 102 8.44 5.17 2.11
CA TRP A 102 9.75 4.98 1.51
C TRP A 102 9.64 4.20 0.20
N VAL A 103 8.92 3.08 0.24
CA VAL A 103 8.74 2.24 -0.94
C VAL A 103 8.19 3.05 -2.11
N LEU A 104 7.39 4.07 -1.79
CA LEU A 104 6.80 4.93 -2.81
C LEU A 104 7.84 5.91 -3.36
N LYS A 105 8.33 6.79 -2.48
CA LYS A 105 9.32 7.78 -2.87
C LYS A 105 10.36 7.18 -3.81
N HIS A 106 10.69 5.91 -3.59
CA HIS A 106 11.66 5.21 -4.42
C HIS A 106 10.99 4.13 -5.25
N SER A 107 9.85 4.47 -5.86
CA SER A 107 9.11 3.52 -6.68
C SER A 107 9.14 3.94 -8.15
N GLY A 108 8.78 5.20 -8.40
CA GLY A 108 8.76 5.71 -9.75
C GLY A 108 10.15 5.84 -10.34
N PRO A 109 10.24 5.80 -11.68
CA PRO A 109 11.51 5.91 -12.40
C PRO A 109 12.10 7.31 -12.31
N ASN A 110 11.43 8.19 -11.57
CA ASN A 110 11.89 9.56 -11.40
C ASN A 110 12.01 9.93 -9.93
N SER A 111 13.06 10.65 -9.59
CA SER A 111 13.29 11.07 -8.21
C SER A 111 13.51 12.57 -8.12
N ALA A 112 12.84 13.20 -7.15
CA ALA A 112 12.96 14.64 -6.96
C ALA A 112 12.42 15.05 -5.60
N SER A 113 13.19 15.87 -4.88
CA SER A 113 12.79 16.33 -3.56
C SER A 113 13.47 17.65 -3.22
N GLY A 114 12.97 18.32 -2.18
CA GLY A 114 13.54 19.59 -1.76
C GLY A 114 14.82 19.42 -0.99
N PRO A 115 15.32 20.53 -0.40
CA PRO A 115 16.55 20.53 0.39
C PRO A 115 16.38 19.79 1.71
N SER A 116 17.45 19.11 2.14
CA SER A 116 17.42 18.37 3.39
C SER A 116 18.48 18.87 4.36
N SER A 117 18.13 18.96 5.63
CA SER A 117 19.05 19.44 6.65
C SER A 117 20.22 18.47 6.82
N GLY A 118 19.92 17.24 7.22
CA GLY A 118 20.94 16.24 7.41
C GLY A 118 21.34 16.09 8.87
N GLY A 1 -9.77 -2.10 27.94
CA GLY A 1 -10.68 -1.57 26.96
C GLY A 1 -10.06 -1.51 25.57
N SER A 2 -10.31 -0.41 24.87
CA SER A 2 -9.77 -0.23 23.52
C SER A 2 -9.65 1.25 23.18
N SER A 3 -8.44 1.68 22.85
CA SER A 3 -8.19 3.07 22.49
C SER A 3 -8.41 3.30 21.00
N GLY A 4 -8.36 4.56 20.59
CA GLY A 4 -8.56 4.90 19.20
C GLY A 4 -7.28 4.80 18.40
N SER A 5 -7.28 5.41 17.20
CA SER A 5 -6.11 5.37 16.33
C SER A 5 -4.82 5.51 17.14
N SER A 6 -3.77 4.86 16.67
CA SER A 6 -2.48 4.91 17.36
C SER A 6 -1.58 5.97 16.74
N GLY A 7 -1.22 6.98 17.54
CA GLY A 7 -0.36 8.05 17.06
C GLY A 7 -0.94 9.43 17.36
N MET A 8 -1.03 9.76 18.64
CA MET A 8 -1.55 11.05 19.06
C MET A 8 -0.42 12.01 19.43
N MET A 9 0.63 12.01 18.62
CA MET A 9 1.78 12.88 18.88
C MET A 9 2.15 12.88 20.36
N LEU A 10 2.22 11.69 20.94
CA LEU A 10 2.57 11.55 22.35
C LEU A 10 3.82 10.69 22.52
N GLY A 11 4.59 10.97 23.56
CA GLY A 11 5.80 10.21 23.83
C GLY A 11 6.58 9.91 22.56
N PRO A 12 6.45 8.67 22.06
CA PRO A 12 7.15 8.23 20.85
C PRO A 12 6.59 8.90 19.59
N GLU A 13 7.18 8.56 18.45
CA GLU A 13 6.74 9.13 17.17
C GLU A 13 5.70 8.24 16.51
N GLY A 14 4.42 8.54 16.78
CA GLY A 14 3.34 7.76 16.20
C GLY A 14 2.97 8.22 14.81
N GLY A 15 3.52 7.55 13.80
CA GLY A 15 3.23 7.92 12.42
C GLY A 15 2.57 6.77 11.66
N GLU A 16 3.09 5.57 11.83
CA GLU A 16 2.55 4.41 11.14
C GLU A 16 1.03 4.46 11.10
N GLY A 17 0.44 3.72 10.16
CA GLY A 17 -1.00 3.69 10.02
C GLY A 17 -1.50 2.44 9.32
N TYR A 18 -2.79 2.18 9.43
CA TYR A 18 -3.40 1.01 8.81
C TYR A 18 -3.14 1.00 7.30
N VAL A 19 -2.24 0.12 6.87
CA VAL A 19 -1.89 0.01 5.46
C VAL A 19 -1.71 -1.45 5.05
N VAL A 20 -1.93 -1.73 3.77
CA VAL A 20 -1.79 -3.09 3.24
C VAL A 20 -1.10 -3.08 1.88
N LYS A 21 -0.33 -4.13 1.61
CA LYS A 21 0.38 -4.24 0.34
C LYS A 21 -0.21 -5.37 -0.50
N LEU A 22 -0.57 -5.06 -1.74
CA LEU A 22 -1.13 -6.05 -2.64
C LEU A 22 -0.11 -6.46 -3.70
N ARG A 23 0.16 -7.77 -3.76
CA ARG A 23 1.12 -8.30 -4.71
C ARG A 23 0.43 -9.24 -5.71
N GLY A 24 0.97 -9.31 -6.92
CA GLY A 24 0.40 -10.18 -7.94
C GLY A 24 -0.63 -9.46 -8.79
N LEU A 25 -0.70 -8.15 -8.65
CA LEU A 25 -1.65 -7.35 -9.41
C LEU A 25 -1.29 -7.32 -10.89
N PRO A 26 -2.30 -7.23 -11.75
CA PRO A 26 -2.11 -7.20 -13.21
C PRO A 26 -1.46 -5.89 -13.67
N TRP A 27 -0.64 -5.98 -14.71
CA TRP A 27 0.03 -4.81 -15.25
C TRP A 27 -0.96 -3.73 -15.63
N SER A 28 -2.24 -4.10 -15.72
CA SER A 28 -3.30 -3.16 -16.07
C SER A 28 -4.21 -2.91 -14.87
N CYS A 29 -3.70 -3.15 -13.67
CA CYS A 29 -4.48 -2.95 -12.45
C CYS A 29 -4.76 -1.46 -12.23
N SER A 30 -6.02 -1.13 -11.98
CA SER A 30 -6.42 0.25 -11.75
C SER A 30 -6.99 0.42 -10.34
N ILE A 31 -6.88 1.64 -9.81
CA ILE A 31 -7.38 1.93 -8.48
C ILE A 31 -8.75 1.29 -8.25
N GLU A 32 -9.60 1.36 -9.27
CA GLU A 32 -10.94 0.79 -9.18
C GLU A 32 -10.88 -0.69 -8.79
N ASP A 33 -10.06 -1.45 -9.51
CA ASP A 33 -9.90 -2.88 -9.23
C ASP A 33 -9.47 -3.11 -7.78
N VAL A 34 -8.62 -2.22 -7.29
CA VAL A 34 -8.11 -2.33 -5.92
C VAL A 34 -9.21 -2.00 -4.91
N GLN A 35 -9.92 -0.89 -5.16
CA GLN A 35 -10.99 -0.46 -4.27
C GLN A 35 -12.03 -1.56 -4.09
N ASN A 36 -12.46 -2.14 -5.21
CA ASN A 36 -13.45 -3.20 -5.18
C ASN A 36 -12.90 -4.45 -4.49
N PHE A 37 -11.64 -4.76 -4.77
CA PHE A 37 -10.98 -5.92 -4.18
C PHE A 37 -11.03 -5.87 -2.66
N LEU A 38 -10.65 -4.71 -2.11
CA LEU A 38 -10.65 -4.53 -0.66
C LEU A 38 -11.96 -3.89 -0.20
N SER A 39 -13.07 -4.33 -0.78
CA SER A 39 -14.39 -3.81 -0.43
C SER A 39 -14.65 -3.97 1.07
N ASP A 40 -14.50 -5.20 1.55
CA ASP A 40 -14.72 -5.49 2.96
C ASP A 40 -14.00 -4.47 3.85
N CYS A 41 -12.98 -3.84 3.29
CA CYS A 41 -12.21 -2.84 4.03
C CYS A 41 -12.61 -1.43 3.62
N THR A 42 -12.37 -0.47 4.51
CA THR A 42 -12.71 0.93 4.25
C THR A 42 -11.46 1.74 3.93
N ILE A 43 -11.10 1.79 2.66
CA ILE A 43 -9.93 2.54 2.22
C ILE A 43 -10.03 4.01 2.61
N HIS A 44 -8.95 4.55 3.16
CA HIS A 44 -8.91 5.95 3.57
C HIS A 44 -8.82 6.87 2.36
N ASP A 45 -9.81 7.76 2.23
CA ASP A 45 -9.84 8.71 1.12
C ASP A 45 -10.04 7.98 -0.21
N GLY A 46 -10.66 6.80 -0.14
CA GLY A 46 -10.92 6.02 -1.34
C GLY A 46 -9.75 6.08 -2.32
N VAL A 47 -10.05 6.38 -3.57
CA VAL A 47 -9.02 6.45 -4.60
C VAL A 47 -7.79 7.22 -4.10
N ALA A 48 -8.02 8.16 -3.20
CA ALA A 48 -6.93 8.95 -2.63
C ALA A 48 -6.26 8.22 -1.49
N GLY A 49 -6.37 6.89 -1.48
CA GLY A 49 -5.77 6.09 -0.43
C GLY A 49 -4.98 4.93 -0.98
N VAL A 50 -5.15 4.64 -2.27
CA VAL A 50 -4.45 3.54 -2.91
C VAL A 50 -3.19 4.03 -3.61
N HIS A 51 -2.09 3.29 -3.43
CA HIS A 51 -0.81 3.66 -4.04
C HIS A 51 -0.21 2.46 -4.77
N PHE A 52 0.19 2.67 -6.02
CA PHE A 52 0.78 1.61 -6.83
C PHE A 52 2.31 1.74 -6.84
N ILE A 53 2.98 0.64 -7.17
CA ILE A 53 4.44 0.63 -7.23
C ILE A 53 4.93 0.52 -8.67
N TYR A 54 6.06 1.16 -8.95
CA TYR A 54 6.64 1.14 -10.29
C TYR A 54 8.11 0.75 -10.24
N THR A 55 8.66 0.43 -11.40
CA THR A 55 10.07 0.03 -11.49
C THR A 55 10.96 1.22 -11.82
N ARG A 56 12.26 1.04 -11.65
CA ARG A 56 13.22 2.12 -11.93
C ARG A 56 13.12 2.57 -13.38
N GLU A 57 12.67 1.67 -14.26
CA GLU A 57 12.53 1.98 -15.67
C GLU A 57 11.20 2.67 -15.95
N GLY A 58 10.23 2.45 -15.07
CA GLY A 58 8.92 3.06 -15.23
C GLY A 58 7.84 2.04 -15.59
N ARG A 59 7.95 0.85 -15.00
CA ARG A 59 6.97 -0.21 -15.25
C ARG A 59 6.06 -0.40 -14.05
N GLN A 60 5.21 -1.42 -14.12
CA GLN A 60 4.27 -1.71 -13.04
C GLN A 60 4.62 -3.04 -12.36
N SER A 61 5.64 -2.99 -11.50
CA SER A 61 6.08 -4.19 -10.78
C SER A 61 4.88 -5.01 -10.30
N GLY A 62 3.77 -4.33 -10.05
CA GLY A 62 2.56 -5.00 -9.58
C GLY A 62 2.21 -4.64 -8.16
N GLU A 63 3.23 -4.54 -7.31
CA GLU A 63 3.01 -4.20 -5.91
C GLU A 63 2.27 -2.86 -5.78
N ALA A 64 1.35 -2.80 -4.82
CA ALA A 64 0.57 -1.58 -4.59
C ALA A 64 0.01 -1.55 -3.18
N PHE A 65 0.33 -0.49 -2.45
CA PHE A 65 -0.14 -0.34 -1.07
C PHE A 65 -1.54 0.28 -1.05
N VAL A 66 -2.25 0.06 0.06
CA VAL A 66 -3.60 0.59 0.22
C VAL A 66 -3.84 1.07 1.65
N GLU A 67 -4.28 2.32 1.77
CA GLU A 67 -4.55 2.90 3.09
C GLU A 67 -5.96 2.52 3.57
N LEU A 68 -6.10 2.34 4.88
CA LEU A 68 -7.38 1.99 5.47
C LEU A 68 -7.90 3.10 6.38
N GLU A 69 -9.07 2.88 6.96
CA GLU A 69 -9.66 3.86 7.86
C GLU A 69 -9.37 3.52 9.32
N SER A 70 -9.58 2.26 9.68
CA SER A 70 -9.34 1.81 11.04
C SER A 70 -8.54 0.50 11.06
N GLU A 71 -8.33 -0.04 12.24
CA GLU A 71 -7.59 -1.28 12.39
C GLU A 71 -8.33 -2.45 11.74
N ASP A 72 -9.55 -2.70 12.19
CA ASP A 72 -10.36 -3.78 11.66
C ASP A 72 -10.10 -3.97 10.17
N ASP A 73 -10.04 -2.86 9.43
CA ASP A 73 -9.78 -2.91 8.00
C ASP A 73 -8.58 -3.79 7.69
N VAL A 74 -7.47 -3.54 8.39
CA VAL A 74 -6.25 -4.32 8.19
C VAL A 74 -6.52 -5.81 8.29
N LYS A 75 -7.02 -6.25 9.45
CA LYS A 75 -7.33 -7.66 9.67
C LYS A 75 -8.18 -8.21 8.53
N LEU A 76 -9.12 -7.39 8.04
CA LEU A 76 -10.00 -7.80 6.97
C LEU A 76 -9.22 -8.02 5.67
N ALA A 77 -8.44 -7.01 5.29
CA ALA A 77 -7.63 -7.09 4.07
C ALA A 77 -6.84 -8.39 4.03
N LEU A 78 -6.22 -8.74 5.15
CA LEU A 78 -5.42 -9.96 5.23
C LEU A 78 -6.26 -11.18 4.85
N LYS A 79 -7.58 -11.06 4.97
CA LYS A 79 -8.49 -12.15 4.65
C LYS A 79 -8.64 -12.28 3.13
N LYS A 80 -8.29 -11.22 2.40
CA LYS A 80 -8.39 -11.23 0.96
C LYS A 80 -7.15 -11.85 0.33
N ASP A 81 -6.35 -12.53 1.15
CA ASP A 81 -5.14 -13.18 0.67
C ASP A 81 -5.47 -14.29 -0.32
N ARG A 82 -4.52 -14.60 -1.19
CA ARG A 82 -4.70 -15.64 -2.19
C ARG A 82 -6.03 -15.47 -2.92
N GLU A 83 -6.47 -14.22 -3.03
CA GLU A 83 -7.72 -13.91 -3.71
C GLU A 83 -7.53 -13.85 -5.23
N SER A 84 -8.59 -13.48 -5.94
CA SER A 84 -8.54 -13.40 -7.39
C SER A 84 -9.13 -12.08 -7.89
N MET A 85 -8.33 -11.31 -8.62
CA MET A 85 -8.78 -10.03 -9.15
C MET A 85 -8.86 -10.07 -10.67
N GLY A 86 -10.09 -10.12 -11.19
CA GLY A 86 -10.28 -10.16 -12.63
C GLY A 86 -9.91 -11.51 -13.23
N HIS A 87 -8.66 -11.65 -13.64
CA HIS A 87 -8.19 -12.89 -14.23
C HIS A 87 -6.85 -13.30 -13.63
N ARG A 88 -6.45 -12.64 -12.55
CA ARG A 88 -5.20 -12.93 -11.87
C ARG A 88 -5.41 -13.10 -10.38
N TYR A 89 -4.36 -13.50 -9.68
CA TYR A 89 -4.42 -13.71 -8.24
C TYR A 89 -3.81 -12.52 -7.50
N ILE A 90 -4.28 -12.28 -6.28
CA ILE A 90 -3.79 -11.19 -5.46
C ILE A 90 -3.34 -11.68 -4.09
N GLU A 91 -2.22 -11.14 -3.61
CA GLU A 91 -1.69 -11.52 -2.30
C GLU A 91 -1.60 -10.31 -1.38
N VAL A 92 -2.36 -10.35 -0.28
CA VAL A 92 -2.37 -9.27 0.69
C VAL A 92 -1.19 -9.39 1.67
N PHE A 93 -0.60 -8.25 2.01
CA PHE A 93 0.53 -8.23 2.94
C PHE A 93 0.37 -7.12 3.97
N LYS A 94 0.46 -7.48 5.24
CA LYS A 94 0.33 -6.52 6.33
C LYS A 94 1.54 -5.58 6.38
N SER A 95 1.28 -4.29 6.17
CA SER A 95 2.34 -3.30 6.19
C SER A 95 1.87 -2.01 6.85
N HIS A 96 2.82 -1.17 7.25
CA HIS A 96 2.49 0.10 7.89
C HIS A 96 2.58 1.26 6.90
N ARG A 97 2.41 2.47 7.41
CA ARG A 97 2.46 3.67 6.56
C ARG A 97 3.90 4.11 6.35
N THR A 98 4.59 4.41 7.44
CA THR A 98 5.98 4.85 7.37
C THR A 98 6.72 4.14 6.25
N GLU A 99 6.51 2.84 6.13
CA GLU A 99 7.15 2.05 5.09
C GLU A 99 6.65 2.44 3.71
N MET A 100 5.35 2.24 3.48
CA MET A 100 4.74 2.57 2.20
C MET A 100 5.16 3.96 1.73
N ASP A 101 5.63 4.77 2.68
CA ASP A 101 6.07 6.13 2.37
C ASP A 101 7.40 6.11 1.62
N TRP A 102 8.32 5.29 2.08
CA TRP A 102 9.64 5.18 1.46
C TRP A 102 9.56 4.40 0.15
N VAL A 103 8.85 3.27 0.19
CA VAL A 103 8.69 2.44 -1.00
C VAL A 103 8.11 3.23 -2.16
N LEU A 104 7.30 4.23 -1.84
CA LEU A 104 6.66 5.07 -2.86
C LEU A 104 7.67 6.08 -3.41
N LYS A 105 8.19 6.92 -2.53
CA LYS A 105 9.16 7.94 -2.94
C LYS A 105 10.20 7.36 -3.88
N HIS A 106 10.50 6.07 -3.71
CA HIS A 106 11.47 5.38 -4.54
C HIS A 106 10.82 4.26 -5.34
N SER A 107 9.69 4.57 -5.96
CA SER A 107 8.96 3.60 -6.76
C SER A 107 8.97 3.98 -8.23
N GLY A 108 8.88 5.27 -8.51
CA GLY A 108 8.88 5.75 -9.88
C GLY A 108 10.26 5.72 -10.51
N PRO A 109 10.30 5.70 -11.84
CA PRO A 109 11.56 5.66 -12.59
C PRO A 109 12.33 6.97 -12.49
N ASN A 110 11.66 8.02 -11.99
CA ASN A 110 12.29 9.32 -11.84
C ASN A 110 11.84 9.99 -10.55
N SER A 111 12.74 10.05 -9.57
CA SER A 111 12.44 10.66 -8.28
C SER A 111 13.72 10.99 -7.53
N ALA A 112 13.83 12.25 -7.10
CA ALA A 112 15.01 12.70 -6.36
C ALA A 112 15.15 11.94 -5.04
N SER A 113 16.34 11.42 -4.80
CA SER A 113 16.61 10.68 -3.57
C SER A 113 17.68 11.37 -2.73
N GLY A 114 17.26 11.90 -1.58
CA GLY A 114 18.19 12.59 -0.71
C GLY A 114 18.69 13.90 -1.29
N PRO A 115 18.07 15.01 -0.87
CA PRO A 115 18.45 16.35 -1.35
C PRO A 115 19.82 16.79 -0.84
N SER A 116 20.46 15.92 -0.06
CA SER A 116 21.77 16.23 0.50
C SER A 116 22.87 15.48 -0.26
N SER A 117 24.04 16.11 -0.37
CA SER A 117 25.16 15.51 -1.07
C SER A 117 25.72 14.32 -0.29
N GLY A 118 25.67 14.42 1.03
CA GLY A 118 26.18 13.35 1.87
C GLY A 118 26.86 13.86 3.12
N GLY A 1 3.13 -6.19 21.79
CA GLY A 1 1.98 -5.40 22.20
C GLY A 1 1.17 -4.89 21.02
N SER A 2 1.82 -4.14 20.14
CA SER A 2 1.16 -3.59 18.96
C SER A 2 -0.02 -2.71 19.37
N SER A 3 0.18 -1.90 20.42
CA SER A 3 -0.87 -1.01 20.91
C SER A 3 -0.46 0.44 20.75
N GLY A 4 0.75 0.78 21.21
CA GLY A 4 1.24 2.13 21.11
C GLY A 4 2.20 2.49 22.23
N SER A 5 3.29 1.74 22.32
CA SER A 5 4.29 1.98 23.36
C SER A 5 5.38 2.93 22.86
N SER A 6 5.90 2.65 21.67
CA SER A 6 6.94 3.47 21.08
C SER A 6 6.39 4.83 20.66
N GLY A 7 5.28 4.81 19.92
CA GLY A 7 4.68 6.05 19.46
C GLY A 7 3.30 6.26 20.06
N MET A 8 3.14 7.35 20.79
CA MET A 8 1.86 7.68 21.43
C MET A 8 1.01 8.54 20.50
N MET A 9 1.50 9.76 20.21
CA MET A 9 0.78 10.68 19.34
C MET A 9 1.43 10.75 17.96
N LEU A 10 2.68 11.22 17.93
CA LEU A 10 3.41 11.33 16.67
C LEU A 10 4.86 11.70 16.93
N GLY A 11 5.76 11.18 16.09
CA GLY A 11 7.17 11.46 16.25
C GLY A 11 8.05 10.49 15.48
N PRO A 12 9.33 10.40 15.86
CA PRO A 12 10.30 9.51 15.21
C PRO A 12 10.01 8.05 15.50
N GLU A 13 9.05 7.79 16.37
CA GLU A 13 8.68 6.43 16.75
C GLU A 13 7.25 6.12 16.30
N GLY A 14 6.38 7.11 16.40
CA GLY A 14 4.99 6.91 16.00
C GLY A 14 4.65 7.63 14.71
N GLY A 15 3.43 7.42 14.23
CA GLY A 15 3.00 8.05 12.99
C GLY A 15 2.42 7.06 12.00
N GLU A 16 2.98 5.86 11.96
CA GLU A 16 2.52 4.82 11.06
C GLU A 16 0.99 4.75 11.05
N GLY A 17 0.44 4.01 10.10
CA GLY A 17 -1.00 3.86 10.01
C GLY A 17 -1.42 2.56 9.36
N TYR A 18 -2.71 2.29 9.37
CA TYR A 18 -3.24 1.07 8.78
C TYR A 18 -3.01 1.04 7.27
N VAL A 19 -2.13 0.15 6.82
CA VAL A 19 -1.81 0.02 5.41
C VAL A 19 -1.67 -1.44 5.00
N VAL A 20 -1.88 -1.72 3.72
CA VAL A 20 -1.78 -3.07 3.20
C VAL A 20 -1.11 -3.10 1.82
N LYS A 21 -0.31 -4.12 1.57
CA LYS A 21 0.38 -4.25 0.30
C LYS A 21 -0.20 -5.40 -0.52
N LEU A 22 -0.51 -5.12 -1.78
CA LEU A 22 -1.07 -6.14 -2.67
C LEU A 22 -0.06 -6.56 -3.72
N ARG A 23 0.14 -7.87 -3.86
CA ARG A 23 1.08 -8.40 -4.84
C ARG A 23 0.38 -9.31 -5.84
N GLY A 24 1.01 -9.54 -6.98
CA GLY A 24 0.43 -10.40 -8.00
C GLY A 24 -0.61 -9.68 -8.83
N LEU A 25 -0.67 -8.36 -8.69
CA LEU A 25 -1.63 -7.55 -9.43
C LEU A 25 -1.26 -7.48 -10.90
N PRO A 26 -2.28 -7.40 -11.77
CA PRO A 26 -2.09 -7.34 -13.22
C PRO A 26 -1.50 -6.00 -13.66
N TRP A 27 -0.71 -6.04 -14.73
CA TRP A 27 -0.08 -4.83 -15.26
C TRP A 27 -1.13 -3.80 -15.67
N SER A 28 -2.39 -4.23 -15.69
CA SER A 28 -3.48 -3.34 -16.08
C SER A 28 -4.38 -3.04 -14.88
N CYS A 29 -3.85 -3.27 -13.68
CA CYS A 29 -4.61 -3.03 -12.46
C CYS A 29 -4.82 -1.53 -12.25
N SER A 30 -6.06 -1.14 -11.94
CA SER A 30 -6.38 0.25 -11.71
C SER A 30 -6.99 0.45 -10.33
N ILE A 31 -6.81 1.65 -9.77
CA ILE A 31 -7.34 1.97 -8.45
C ILE A 31 -8.71 1.33 -8.24
N GLU A 32 -9.57 1.45 -9.24
CA GLU A 32 -10.91 0.88 -9.16
C GLU A 32 -10.85 -0.60 -8.79
N ASP A 33 -10.03 -1.35 -9.52
CA ASP A 33 -9.87 -2.78 -9.28
C ASP A 33 -9.45 -3.04 -7.84
N VAL A 34 -8.63 -2.15 -7.29
CA VAL A 34 -8.16 -2.28 -5.92
C VAL A 34 -9.26 -1.96 -4.92
N GLN A 35 -9.92 -0.83 -5.12
CA GLN A 35 -11.00 -0.41 -4.23
C GLN A 35 -12.04 -1.51 -4.08
N ASN A 36 -12.50 -2.03 -5.21
CA ASN A 36 -13.51 -3.10 -5.21
C ASN A 36 -12.93 -4.38 -4.61
N PHE A 37 -11.67 -4.67 -4.94
CA PHE A 37 -11.02 -5.87 -4.45
C PHE A 37 -11.01 -5.90 -2.92
N LEU A 38 -10.74 -4.75 -2.32
CA LEU A 38 -10.70 -4.64 -0.87
C LEU A 38 -11.97 -3.98 -0.34
N SER A 39 -13.10 -4.28 -0.98
CA SER A 39 -14.38 -3.71 -0.57
C SER A 39 -14.66 -3.98 0.90
N ASP A 40 -14.13 -5.09 1.40
CA ASP A 40 -14.32 -5.48 2.80
C ASP A 40 -13.66 -4.45 3.72
N CYS A 41 -12.68 -3.72 3.20
CA CYS A 41 -11.97 -2.71 3.98
C CYS A 41 -12.47 -1.32 3.64
N THR A 42 -12.17 -0.35 4.52
CA THR A 42 -12.59 1.02 4.30
C THR A 42 -11.40 1.90 3.93
N ILE A 43 -10.95 1.80 2.68
CA ILE A 43 -9.82 2.59 2.22
C ILE A 43 -10.02 4.07 2.52
N HIS A 44 -9.01 4.67 3.14
CA HIS A 44 -9.07 6.08 3.50
C HIS A 44 -9.02 6.96 2.25
N ASP A 45 -9.97 7.88 2.15
CA ASP A 45 -10.05 8.78 1.00
C ASP A 45 -10.18 7.99 -0.29
N GLY A 46 -10.72 6.78 -0.20
CA GLY A 46 -10.89 5.96 -1.37
C GLY A 46 -9.72 6.05 -2.34
N VAL A 47 -10.02 6.31 -3.61
CA VAL A 47 -8.98 6.44 -4.62
C VAL A 47 -7.78 7.21 -4.09
N ALA A 48 -8.03 8.15 -3.19
CA ALA A 48 -6.96 8.95 -2.61
C ALA A 48 -6.28 8.21 -1.46
N GLY A 49 -6.38 6.88 -1.49
CA GLY A 49 -5.76 6.09 -0.45
C GLY A 49 -4.94 4.94 -1.00
N VAL A 50 -5.15 4.62 -2.28
CA VAL A 50 -4.41 3.54 -2.93
C VAL A 50 -3.14 4.05 -3.58
N HIS A 51 -2.03 3.36 -3.33
CA HIS A 51 -0.74 3.74 -3.89
C HIS A 51 -0.11 2.57 -4.65
N PHE A 52 0.09 2.76 -5.95
CA PHE A 52 0.68 1.72 -6.78
C PHE A 52 2.21 1.82 -6.78
N ILE A 53 2.87 0.71 -7.07
CA ILE A 53 4.34 0.68 -7.10
C ILE A 53 4.85 0.60 -8.52
N TYR A 54 5.98 1.25 -8.78
CA TYR A 54 6.58 1.25 -10.11
C TYR A 54 8.07 0.96 -10.02
N THR A 55 8.68 0.71 -11.18
CA THR A 55 10.11 0.41 -11.24
C THR A 55 10.90 1.62 -11.72
N ARG A 56 12.23 1.54 -11.58
CA ARG A 56 13.10 2.63 -11.99
C ARG A 56 12.92 2.94 -13.48
N GLU A 57 12.35 1.98 -14.21
CA GLU A 57 12.13 2.15 -15.64
C GLU A 57 10.81 2.86 -15.91
N GLY A 58 9.82 2.61 -15.06
CA GLY A 58 8.52 3.23 -15.21
C GLY A 58 7.44 2.23 -15.56
N ARG A 59 7.51 1.04 -14.96
CA ARG A 59 6.53 -0.01 -15.22
C ARG A 59 5.77 -0.37 -13.95
N GLN A 60 4.72 -1.17 -14.09
CA GLN A 60 3.91 -1.59 -12.96
C GLN A 60 4.42 -2.91 -12.38
N SER A 61 5.40 -2.83 -11.51
CA SER A 61 5.97 -4.01 -10.89
C SER A 61 4.87 -4.96 -10.40
N GLY A 62 3.73 -4.39 -10.05
CA GLY A 62 2.62 -5.19 -9.57
C GLY A 62 2.21 -4.83 -8.16
N GLU A 63 3.19 -4.62 -7.30
CA GLU A 63 2.93 -4.26 -5.91
C GLU A 63 2.18 -2.95 -5.81
N ALA A 64 1.21 -2.88 -4.90
CA ALA A 64 0.42 -1.68 -4.71
C ALA A 64 -0.13 -1.59 -3.28
N PHE A 65 0.29 -0.56 -2.56
CA PHE A 65 -0.15 -0.38 -1.18
C PHE A 65 -1.57 0.18 -1.14
N VAL A 66 -2.13 0.28 0.07
CA VAL A 66 -3.48 0.80 0.25
C VAL A 66 -3.69 1.30 1.67
N GLU A 67 -4.20 2.52 1.79
CA GLU A 67 -4.45 3.12 3.10
C GLU A 67 -5.85 2.76 3.61
N LEU A 68 -5.94 2.43 4.89
CA LEU A 68 -7.21 2.06 5.50
C LEU A 68 -7.71 3.17 6.41
N GLU A 69 -8.89 2.96 6.99
CA GLU A 69 -9.47 3.94 7.90
C GLU A 69 -9.17 3.59 9.35
N SER A 70 -9.34 2.32 9.69
CA SER A 70 -9.08 1.86 11.06
C SER A 70 -8.36 0.51 11.05
N GLU A 71 -8.14 -0.04 12.24
CA GLU A 71 -7.47 -1.32 12.37
C GLU A 71 -8.26 -2.43 11.70
N ASP A 72 -9.50 -2.63 12.15
CA ASP A 72 -10.37 -3.66 11.59
C ASP A 72 -10.11 -3.83 10.10
N ASP A 73 -10.08 -2.71 9.38
CA ASP A 73 -9.86 -2.73 7.94
C ASP A 73 -8.69 -3.66 7.59
N VAL A 74 -7.58 -3.50 8.29
CA VAL A 74 -6.40 -4.33 8.06
C VAL A 74 -6.74 -5.81 8.13
N LYS A 75 -7.15 -6.27 9.31
CA LYS A 75 -7.51 -7.65 9.52
C LYS A 75 -8.41 -8.16 8.39
N LEU A 76 -9.35 -7.32 7.98
CA LEU A 76 -10.27 -7.68 6.90
C LEU A 76 -9.53 -7.83 5.58
N ALA A 77 -8.66 -6.88 5.28
CA ALA A 77 -7.87 -6.91 4.05
C ALA A 77 -7.03 -8.18 3.96
N LEU A 78 -6.44 -8.57 5.09
CA LEU A 78 -5.60 -9.76 5.15
C LEU A 78 -6.41 -11.00 4.77
N LYS A 79 -7.73 -10.87 4.76
CA LYS A 79 -8.61 -11.97 4.42
C LYS A 79 -8.71 -12.14 2.90
N LYS A 80 -8.36 -11.09 2.17
CA LYS A 80 -8.40 -11.12 0.71
C LYS A 80 -7.11 -11.67 0.13
N ASP A 81 -6.34 -12.37 0.97
CA ASP A 81 -5.07 -12.94 0.55
C ASP A 81 -5.30 -14.06 -0.47
N ARG A 82 -4.24 -14.42 -1.19
CA ARG A 82 -4.33 -15.46 -2.20
C ARG A 82 -5.70 -15.48 -2.86
N GLU A 83 -6.25 -14.28 -3.07
CA GLU A 83 -7.56 -14.15 -3.70
C GLU A 83 -7.44 -14.16 -5.22
N SER A 84 -8.57 -13.94 -5.89
CA SER A 84 -8.59 -13.93 -7.35
C SER A 84 -9.18 -12.62 -7.87
N MET A 85 -8.33 -11.77 -8.43
CA MET A 85 -8.78 -10.49 -8.98
C MET A 85 -8.91 -10.55 -10.49
N GLY A 86 -10.15 -10.42 -10.98
CA GLY A 86 -10.38 -10.47 -12.41
C GLY A 86 -10.01 -11.80 -13.02
N HIS A 87 -8.76 -11.91 -13.46
CA HIS A 87 -8.27 -13.14 -14.08
C HIS A 87 -6.89 -13.51 -13.53
N ARG A 88 -6.53 -12.91 -12.40
CA ARG A 88 -5.24 -13.17 -11.77
C ARG A 88 -5.38 -13.32 -10.26
N TYR A 89 -4.30 -13.70 -9.61
CA TYR A 89 -4.30 -13.89 -8.16
C TYR A 89 -3.67 -12.69 -7.46
N ILE A 90 -4.15 -12.39 -6.26
CA ILE A 90 -3.63 -11.28 -5.48
C ILE A 90 -3.21 -11.73 -4.09
N GLU A 91 -2.03 -11.26 -3.65
CA GLU A 91 -1.52 -11.61 -2.34
C GLU A 91 -1.44 -10.39 -1.43
N VAL A 92 -2.22 -10.41 -0.35
CA VAL A 92 -2.25 -9.31 0.60
C VAL A 92 -1.09 -9.41 1.59
N PHE A 93 -0.54 -8.26 1.97
CA PHE A 93 0.56 -8.22 2.92
C PHE A 93 0.35 -7.12 3.96
N LYS A 94 0.46 -7.49 5.23
CA LYS A 94 0.27 -6.54 6.32
C LYS A 94 1.48 -5.61 6.44
N SER A 95 1.25 -4.32 6.21
CA SER A 95 2.33 -3.34 6.29
C SER A 95 1.83 -2.05 6.94
N HIS A 96 2.76 -1.19 7.34
CA HIS A 96 2.42 0.08 7.98
C HIS A 96 2.52 1.22 6.99
N ARG A 97 2.30 2.44 7.48
CA ARG A 97 2.36 3.62 6.63
C ARG A 97 3.80 4.01 6.33
N THR A 98 4.55 4.34 7.39
CA THR A 98 5.94 4.73 7.24
C THR A 98 6.62 3.96 6.11
N GLU A 99 6.56 2.64 6.18
CA GLU A 99 7.17 1.79 5.15
C GLU A 99 6.69 2.20 3.76
N MET A 100 5.37 2.21 3.57
CA MET A 100 4.78 2.58 2.29
C MET A 100 5.26 3.95 1.84
N ASP A 101 5.77 4.73 2.79
CA ASP A 101 6.27 6.07 2.51
C ASP A 101 7.58 6.00 1.73
N TRP A 102 8.52 5.20 2.23
CA TRP A 102 9.81 5.05 1.59
C TRP A 102 9.70 4.24 0.31
N VAL A 103 8.94 3.15 0.36
CA VAL A 103 8.74 2.29 -0.80
C VAL A 103 8.21 3.09 -1.98
N LEU A 104 7.44 4.14 -1.69
CA LEU A 104 6.87 4.98 -2.74
C LEU A 104 7.90 5.98 -3.25
N LYS A 105 8.41 6.81 -2.35
CA LYS A 105 9.40 7.82 -2.71
C LYS A 105 10.48 7.22 -3.62
N HIS A 106 10.68 5.91 -3.51
CA HIS A 106 11.67 5.22 -4.32
C HIS A 106 11.02 4.13 -5.17
N SER A 107 9.92 4.48 -5.84
CA SER A 107 9.21 3.53 -6.68
C SER A 107 9.21 3.99 -8.13
N GLY A 108 8.64 5.17 -8.38
CA GLY A 108 8.58 5.69 -9.72
C GLY A 108 9.91 5.62 -10.44
N PRO A 109 9.88 5.75 -11.78
CA PRO A 109 11.09 5.70 -12.60
C PRO A 109 11.99 6.92 -12.40
N ASN A 110 11.38 8.09 -12.34
CA ASN A 110 12.13 9.34 -12.15
C ASN A 110 11.17 10.51 -11.95
N SER A 111 11.65 11.53 -11.24
CA SER A 111 10.84 12.72 -10.98
C SER A 111 11.33 13.90 -11.80
N ALA A 112 10.40 14.53 -12.52
CA ALA A 112 10.74 15.69 -13.35
C ALA A 112 10.12 16.97 -12.78
N SER A 113 8.86 16.87 -12.36
CA SER A 113 8.16 18.03 -11.81
C SER A 113 8.42 18.15 -10.31
N GLY A 114 9.37 19.00 -9.95
CA GLY A 114 9.70 19.19 -8.55
C GLY A 114 11.20 19.21 -8.30
N PRO A 115 11.84 20.34 -8.58
CA PRO A 115 13.28 20.51 -8.39
C PRO A 115 13.68 20.54 -6.91
N SER A 116 14.81 19.93 -6.60
CA SER A 116 15.30 19.89 -5.22
C SER A 116 16.32 20.99 -4.97
N SER A 117 15.91 21.99 -4.18
CA SER A 117 16.79 23.11 -3.86
C SER A 117 16.34 23.81 -2.59
N GLY A 118 17.19 23.78 -1.57
CA GLY A 118 16.86 24.43 -0.31
C GLY A 118 16.03 23.53 0.59
N GLY A 1 10.58 2.17 25.55
CA GLY A 1 11.54 1.85 24.52
C GLY A 1 12.50 2.99 24.25
N SER A 2 11.97 4.16 23.91
CA SER A 2 12.78 5.33 23.63
C SER A 2 12.21 6.57 24.32
N SER A 3 13.02 7.62 24.37
CA SER A 3 12.61 8.87 25.01
C SER A 3 11.36 9.44 24.32
N GLY A 4 10.60 10.24 25.06
CA GLY A 4 9.40 10.83 24.51
C GLY A 4 8.38 9.79 24.08
N SER A 5 7.14 9.99 24.48
CA SER A 5 6.06 9.05 24.13
C SER A 5 5.33 9.52 22.87
N SER A 6 5.50 8.77 21.78
CA SER A 6 4.86 9.10 20.52
C SER A 6 4.07 7.92 19.97
N GLY A 7 4.69 6.74 20.02
CA GLY A 7 4.04 5.54 19.53
C GLY A 7 4.71 4.28 20.02
N MET A 8 6.03 4.18 19.81
CA MET A 8 6.78 3.01 20.24
C MET A 8 6.44 1.79 19.39
N MET A 9 6.27 2.01 18.08
CA MET A 9 5.93 0.94 17.17
C MET A 9 6.80 1.00 15.91
N LEU A 10 7.71 0.04 15.77
CA LEU A 10 8.60 -0.02 14.63
C LEU A 10 9.28 1.33 14.40
N GLY A 11 9.73 1.95 15.49
CA GLY A 11 10.39 3.24 15.39
C GLY A 11 9.87 4.24 16.41
N PRO A 12 10.80 4.98 17.03
CA PRO A 12 10.44 5.98 18.04
C PRO A 12 9.75 7.19 17.44
N GLU A 13 9.62 7.20 16.11
CA GLU A 13 8.98 8.30 15.40
C GLU A 13 7.48 8.31 15.66
N GLY A 14 6.86 7.14 15.54
CA GLY A 14 5.43 7.03 15.76
C GLY A 14 4.62 7.66 14.64
N GLY A 15 4.76 7.13 13.43
CA GLY A 15 4.03 7.67 12.30
C GLY A 15 3.54 6.59 11.36
N GLU A 16 2.97 5.53 11.92
CA GLU A 16 2.47 4.42 11.13
C GLU A 16 0.94 4.45 11.06
N GLY A 17 0.39 3.97 9.95
CA GLY A 17 -1.05 3.95 9.79
C GLY A 17 -1.54 2.70 9.09
N TYR A 18 -2.81 2.36 9.29
CA TYR A 18 -3.39 1.17 8.68
C TYR A 18 -3.11 1.15 7.19
N VAL A 19 -2.24 0.22 6.78
CA VAL A 19 -1.87 0.09 5.37
C VAL A 19 -1.70 -1.38 4.99
N VAL A 20 -1.93 -1.68 3.72
CA VAL A 20 -1.80 -3.05 3.22
C VAL A 20 -1.08 -3.09 1.87
N LYS A 21 -0.29 -4.12 1.65
CA LYS A 21 0.46 -4.27 0.41
C LYS A 21 -0.13 -5.40 -0.43
N LEU A 22 -0.36 -5.13 -1.71
CA LEU A 22 -0.91 -6.14 -2.62
C LEU A 22 0.12 -6.54 -3.66
N ARG A 23 0.19 -7.85 -3.93
CA ARG A 23 1.14 -8.38 -4.91
C ARG A 23 0.43 -9.26 -5.92
N GLY A 24 1.04 -9.42 -7.10
CA GLY A 24 0.45 -10.25 -8.13
C GLY A 24 -0.56 -9.49 -8.98
N LEU A 25 -0.68 -8.20 -8.73
CA LEU A 25 -1.62 -7.36 -9.47
C LEU A 25 -1.25 -7.33 -10.95
N PRO A 26 -2.29 -7.26 -11.81
CA PRO A 26 -2.10 -7.21 -13.26
C PRO A 26 -1.50 -5.89 -13.73
N TRP A 27 -0.71 -5.94 -14.79
CA TRP A 27 -0.07 -4.76 -15.35
C TRP A 27 -1.11 -3.72 -15.76
N SER A 28 -2.37 -4.14 -15.80
CA SER A 28 -3.46 -3.26 -16.20
C SER A 28 -4.35 -2.93 -15.00
N CYS A 29 -3.85 -3.23 -13.81
CA CYS A 29 -4.61 -2.97 -12.58
C CYS A 29 -4.89 -1.48 -12.42
N SER A 30 -6.11 -1.15 -11.99
CA SER A 30 -6.51 0.23 -11.80
C SER A 30 -7.10 0.44 -10.42
N ILE A 31 -6.91 1.63 -9.87
CA ILE A 31 -7.42 1.96 -8.55
C ILE A 31 -8.79 1.31 -8.31
N GLU A 32 -9.66 1.39 -9.32
CA GLU A 32 -10.99 0.81 -9.22
C GLU A 32 -10.91 -0.66 -8.83
N ASP A 33 -10.09 -1.42 -9.54
CA ASP A 33 -9.93 -2.85 -9.26
C ASP A 33 -9.53 -3.07 -7.81
N VAL A 34 -8.70 -2.18 -7.27
CA VAL A 34 -8.24 -2.28 -5.90
C VAL A 34 -9.37 -1.93 -4.92
N GLN A 35 -9.98 -0.77 -5.12
CA GLN A 35 -11.07 -0.32 -4.26
C GLN A 35 -12.12 -1.42 -4.08
N ASN A 36 -12.50 -2.04 -5.19
CA ASN A 36 -13.49 -3.11 -5.16
C ASN A 36 -12.90 -4.38 -4.53
N PHE A 37 -11.65 -4.67 -4.85
CA PHE A 37 -10.99 -5.85 -4.31
C PHE A 37 -11.01 -5.84 -2.79
N LEU A 38 -10.77 -4.68 -2.20
CA LEU A 38 -10.76 -4.54 -0.75
C LEU A 38 -12.08 -3.93 -0.26
N SER A 39 -13.17 -4.32 -0.90
CA SER A 39 -14.49 -3.80 -0.53
C SER A 39 -14.71 -3.91 0.98
N ASP A 40 -14.49 -5.11 1.51
CA ASP A 40 -14.67 -5.36 2.94
C ASP A 40 -13.91 -4.33 3.77
N CYS A 41 -12.91 -3.69 3.14
CA CYS A 41 -12.10 -2.69 3.82
C CYS A 41 -12.57 -1.28 3.44
N THR A 42 -12.32 -0.33 4.34
CA THR A 42 -12.72 1.05 4.12
C THR A 42 -11.51 1.92 3.78
N ILE A 43 -10.98 1.74 2.57
CA ILE A 43 -9.83 2.51 2.13
C ILE A 43 -9.98 3.99 2.48
N HIS A 44 -8.95 4.55 3.10
CA HIS A 44 -8.97 5.96 3.49
C HIS A 44 -8.80 6.86 2.27
N ASP A 45 -9.74 7.79 2.10
CA ASP A 45 -9.70 8.72 0.99
C ASP A 45 -9.88 7.98 -0.34
N GLY A 46 -10.54 6.82 -0.27
CA GLY A 46 -10.77 6.04 -1.48
C GLY A 46 -9.60 6.11 -2.45
N VAL A 47 -9.90 6.43 -3.70
CA VAL A 47 -8.87 6.52 -4.74
C VAL A 47 -7.65 7.29 -4.22
N ALA A 48 -7.90 8.25 -3.34
CA ALA A 48 -6.82 9.06 -2.77
C ALA A 48 -6.14 8.33 -1.61
N GLY A 49 -6.25 7.01 -1.61
CA GLY A 49 -5.63 6.22 -0.56
C GLY A 49 -4.82 5.07 -1.10
N VAL A 50 -5.05 4.71 -2.35
CA VAL A 50 -4.33 3.62 -2.99
C VAL A 50 -3.02 4.10 -3.59
N HIS A 51 -1.95 3.35 -3.38
CA HIS A 51 -0.64 3.71 -3.90
C HIS A 51 -0.02 2.53 -4.66
N PHE A 52 0.11 2.67 -5.97
CA PHE A 52 0.68 1.62 -6.80
C PHE A 52 2.21 1.72 -6.83
N ILE A 53 2.86 0.58 -7.01
CA ILE A 53 4.31 0.53 -7.04
C ILE A 53 4.82 0.46 -8.48
N TYR A 54 5.70 1.38 -8.85
CA TYR A 54 6.26 1.42 -10.19
C TYR A 54 7.77 1.15 -10.16
N THR A 55 8.32 0.78 -11.31
CA THR A 55 9.75 0.49 -11.42
C THR A 55 10.52 1.72 -11.88
N ARG A 56 11.83 1.69 -11.68
CA ARG A 56 12.70 2.80 -12.06
C ARG A 56 12.46 3.17 -13.53
N GLU A 57 11.95 2.22 -14.30
CA GLU A 57 11.68 2.44 -15.72
C GLU A 57 10.36 3.16 -15.91
N GLY A 58 9.36 2.79 -15.11
CA GLY A 58 8.06 3.41 -15.21
C GLY A 58 6.96 2.40 -15.46
N ARG A 59 7.18 1.16 -15.03
CA ARG A 59 6.21 0.09 -15.21
C ARG A 59 5.61 -0.34 -13.87
N GLN A 60 4.48 -1.04 -13.93
CA GLN A 60 3.82 -1.52 -12.72
C GLN A 60 4.34 -2.89 -12.32
N SER A 61 5.43 -2.89 -11.53
CA SER A 61 6.03 -4.15 -11.08
C SER A 61 4.96 -5.12 -10.62
N GLY A 62 3.87 -4.59 -10.06
CA GLY A 62 2.80 -5.44 -9.58
C GLY A 62 2.38 -5.10 -8.17
N GLU A 63 3.33 -4.61 -7.37
CA GLU A 63 3.06 -4.25 -5.99
C GLU A 63 2.26 -2.96 -5.91
N ALA A 64 1.43 -2.84 -4.87
CA ALA A 64 0.61 -1.65 -4.68
C ALA A 64 0.03 -1.60 -3.27
N PHE A 65 0.40 -0.58 -2.51
CA PHE A 65 -0.09 -0.42 -1.15
C PHE A 65 -1.47 0.22 -1.14
N VAL A 66 -2.13 0.15 0.02
CA VAL A 66 -3.48 0.72 0.16
C VAL A 66 -3.72 1.17 1.59
N GLU A 67 -4.19 2.41 1.75
CA GLU A 67 -4.47 2.96 3.07
C GLU A 67 -5.86 2.58 3.54
N LEU A 68 -6.02 2.42 4.84
CA LEU A 68 -7.32 2.05 5.42
C LEU A 68 -7.84 3.16 6.33
N GLU A 69 -9.05 2.97 6.84
CA GLU A 69 -9.67 3.96 7.72
C GLU A 69 -9.37 3.64 9.18
N SER A 70 -9.54 2.38 9.56
CA SER A 70 -9.30 1.95 10.94
C SER A 70 -8.53 0.63 10.95
N GLU A 71 -8.33 0.09 12.16
CA GLU A 71 -7.61 -1.16 12.31
C GLU A 71 -8.38 -2.32 11.69
N ASP A 72 -9.61 -2.51 12.14
CA ASP A 72 -10.46 -3.58 11.63
C ASP A 72 -10.20 -3.81 10.14
N ASP A 73 -10.08 -2.72 9.38
CA ASP A 73 -9.83 -2.81 7.95
C ASP A 73 -8.63 -3.71 7.67
N VAL A 74 -7.53 -3.47 8.37
CA VAL A 74 -6.32 -4.26 8.20
C VAL A 74 -6.61 -5.75 8.31
N LYS A 75 -7.17 -6.15 9.45
CA LYS A 75 -7.49 -7.55 9.68
C LYS A 75 -8.36 -8.11 8.54
N LEU A 76 -9.31 -7.30 8.10
CA LEU A 76 -10.21 -7.71 7.01
C LEU A 76 -9.42 -7.91 5.71
N ALA A 77 -8.59 -6.94 5.38
CA ALA A 77 -7.77 -7.01 4.16
C ALA A 77 -6.99 -8.32 4.10
N LEU A 78 -6.37 -8.68 5.21
CA LEU A 78 -5.58 -9.90 5.29
C LEU A 78 -6.42 -11.11 4.90
N LYS A 79 -7.74 -10.96 4.97
CA LYS A 79 -8.66 -12.04 4.62
C LYS A 79 -8.73 -12.22 3.11
N LYS A 80 -8.35 -11.18 2.37
CA LYS A 80 -8.37 -11.23 0.92
C LYS A 80 -7.08 -11.81 0.37
N ASP A 81 -6.40 -12.62 1.20
CA ASP A 81 -5.14 -13.24 0.79
C ASP A 81 -5.37 -14.27 -0.30
N ARG A 82 -4.30 -14.67 -0.98
CA ARG A 82 -4.39 -15.65 -2.05
C ARG A 82 -5.68 -15.48 -2.84
N GLU A 83 -6.18 -14.25 -2.91
CA GLU A 83 -7.41 -13.96 -3.62
C GLU A 83 -7.15 -13.91 -5.13
N SER A 84 -8.22 -13.67 -5.89
CA SER A 84 -8.12 -13.61 -7.34
C SER A 84 -8.87 -12.39 -7.89
N MET A 85 -8.14 -11.52 -8.58
CA MET A 85 -8.72 -10.32 -9.15
C MET A 85 -8.89 -10.45 -10.66
N GLY A 86 -10.12 -10.70 -11.10
CA GLY A 86 -10.38 -10.85 -12.52
C GLY A 86 -9.89 -12.17 -13.07
N HIS A 87 -8.66 -12.18 -13.59
CA HIS A 87 -8.07 -13.39 -14.14
C HIS A 87 -6.69 -13.65 -13.54
N ARG A 88 -6.33 -12.86 -12.54
CA ARG A 88 -5.04 -13.00 -11.87
C ARG A 88 -5.21 -13.18 -10.37
N TYR A 89 -4.12 -13.53 -9.69
CA TYR A 89 -4.16 -13.74 -8.25
C TYR A 89 -3.56 -12.55 -7.52
N ILE A 90 -4.10 -12.25 -6.33
CA ILE A 90 -3.61 -11.14 -5.53
C ILE A 90 -3.19 -11.61 -4.14
N GLU A 91 -2.03 -11.14 -3.68
CA GLU A 91 -1.52 -11.51 -2.37
C GLU A 91 -1.50 -10.30 -1.43
N VAL A 92 -2.19 -10.42 -0.30
CA VAL A 92 -2.25 -9.35 0.67
C VAL A 92 -1.10 -9.44 1.67
N PHE A 93 -0.58 -8.29 2.07
CA PHE A 93 0.52 -8.24 3.03
C PHE A 93 0.32 -7.12 4.03
N LYS A 94 0.39 -7.47 5.32
CA LYS A 94 0.23 -6.49 6.39
C LYS A 94 1.44 -5.57 6.49
N SER A 95 1.22 -4.28 6.22
CA SER A 95 2.30 -3.30 6.27
C SER A 95 1.83 -2.02 6.93
N HIS A 96 2.78 -1.19 7.35
CA HIS A 96 2.46 0.08 8.00
C HIS A 96 2.60 1.24 7.02
N ARG A 97 2.45 2.46 7.52
CA ARG A 97 2.56 3.66 6.69
C ARG A 97 4.02 4.00 6.43
N THR A 98 4.76 4.29 7.50
CA THR A 98 6.16 4.65 7.40
C THR A 98 6.85 3.85 6.29
N GLU A 99 6.50 2.57 6.20
CA GLU A 99 7.08 1.69 5.18
C GLU A 99 6.62 2.10 3.79
N MET A 100 5.31 2.08 3.58
CA MET A 100 4.73 2.46 2.29
C MET A 100 5.23 3.82 1.85
N ASP A 101 5.72 4.61 2.79
CA ASP A 101 6.23 5.95 2.50
C ASP A 101 7.55 5.87 1.77
N TRP A 102 8.46 5.04 2.27
CA TRP A 102 9.77 4.87 1.65
C TRP A 102 9.67 4.08 0.37
N VAL A 103 8.96 2.96 0.42
CA VAL A 103 8.79 2.10 -0.74
C VAL A 103 8.30 2.90 -1.95
N LEU A 104 7.53 3.95 -1.68
CA LEU A 104 7.00 4.80 -2.74
C LEU A 104 8.05 5.79 -3.22
N LYS A 105 8.53 6.63 -2.30
CA LYS A 105 9.54 7.62 -2.64
C LYS A 105 10.66 7.00 -3.48
N HIS A 106 10.92 5.72 -3.27
CA HIS A 106 11.96 5.02 -4.02
C HIS A 106 11.34 3.92 -4.89
N SER A 107 10.28 4.25 -5.60
CA SER A 107 9.60 3.30 -6.46
C SER A 107 9.44 3.85 -7.88
N GLY A 108 8.82 5.03 -7.98
CA GLY A 108 8.62 5.65 -9.27
C GLY A 108 9.92 5.88 -10.02
N PRO A 109 9.83 6.00 -11.35
CA PRO A 109 10.99 6.22 -12.20
C PRO A 109 11.58 7.61 -12.02
N ASN A 110 10.73 8.58 -11.70
CA ASN A 110 11.17 9.96 -11.51
C ASN A 110 10.64 10.51 -10.18
N SER A 111 11.47 10.42 -9.14
CA SER A 111 11.08 10.90 -7.83
C SER A 111 12.31 11.07 -6.93
N ALA A 112 12.39 12.20 -6.25
CA ALA A 112 13.51 12.49 -5.35
C ALA A 112 13.01 12.88 -3.97
N SER A 113 13.41 12.09 -2.97
CA SER A 113 13.01 12.35 -1.59
C SER A 113 13.13 13.83 -1.25
N GLY A 114 12.01 14.44 -0.86
CA GLY A 114 12.01 15.85 -0.51
C GLY A 114 11.41 16.12 0.85
N PRO A 115 10.77 17.29 1.00
CA PRO A 115 10.14 17.69 2.25
C PRO A 115 8.90 16.86 2.58
N SER A 116 8.69 16.57 3.86
CA SER A 116 7.54 15.79 4.28
C SER A 116 6.67 16.58 5.25
N SER A 117 5.76 17.38 4.68
CA SER A 117 4.86 18.20 5.48
C SER A 117 3.41 17.80 5.25
N GLY A 118 2.70 17.50 6.34
CA GLY A 118 1.31 17.12 6.23
C GLY A 118 0.94 15.99 7.18
N GLY A 1 20.97 1.61 20.23
CA GLY A 1 20.20 1.37 19.02
C GLY A 1 18.72 1.59 19.23
N SER A 2 18.11 0.81 20.12
CA SER A 2 16.70 0.92 20.40
C SER A 2 16.45 1.21 21.88
N SER A 3 15.71 2.28 22.15
CA SER A 3 15.42 2.67 23.53
C SER A 3 14.35 3.76 23.56
N GLY A 4 13.23 3.47 24.21
CA GLY A 4 12.15 4.44 24.30
C GLY A 4 10.99 4.10 23.39
N SER A 5 10.60 5.05 22.55
CA SER A 5 9.49 4.85 21.62
C SER A 5 10.01 4.63 20.20
N SER A 6 11.05 3.81 20.07
CA SER A 6 11.63 3.52 18.77
C SER A 6 10.62 2.81 17.86
N GLY A 7 10.41 3.38 16.67
CA GLY A 7 9.47 2.80 15.74
C GLY A 7 10.16 2.15 14.55
N MET A 8 10.58 2.96 13.60
CA MET A 8 11.25 2.47 12.40
C MET A 8 12.70 2.94 12.35
N MET A 9 13.54 2.23 11.62
CA MET A 9 14.95 2.58 11.49
C MET A 9 15.10 3.92 10.77
N LEU A 10 14.24 4.16 9.79
CA LEU A 10 14.29 5.40 9.02
C LEU A 10 13.17 6.35 9.47
N GLY A 11 13.55 7.36 10.26
CA GLY A 11 12.57 8.32 10.73
C GLY A 11 11.82 7.83 11.95
N PRO A 12 12.37 8.11 13.15
CA PRO A 12 11.77 7.70 14.42
C PRO A 12 10.49 8.47 14.73
N GLU A 13 10.09 9.34 13.80
CA GLU A 13 8.89 10.14 13.98
C GLU A 13 7.79 9.34 14.66
N GLY A 14 7.59 8.10 14.20
CA GLY A 14 6.58 7.25 14.78
C GLY A 14 5.18 7.64 14.36
N GLY A 15 4.99 7.89 13.07
CA GLY A 15 3.70 8.28 12.56
C GLY A 15 3.18 7.35 11.48
N GLU A 16 3.00 6.08 11.84
CA GLU A 16 2.51 5.09 10.89
C GLU A 16 0.99 5.03 10.90
N GLY A 17 0.43 4.16 10.06
CA GLY A 17 -1.01 4.02 9.98
C GLY A 17 -1.43 2.75 9.27
N TYR A 18 -2.72 2.43 9.37
CA TYR A 18 -3.25 1.23 8.73
C TYR A 18 -2.94 1.21 7.25
N VAL A 19 -2.22 0.19 6.81
CA VAL A 19 -1.85 0.05 5.40
C VAL A 19 -1.71 -1.41 5.02
N VAL A 20 -1.90 -1.69 3.72
CA VAL A 20 -1.80 -3.06 3.21
C VAL A 20 -1.13 -3.08 1.84
N LYS A 21 -0.27 -4.08 1.64
CA LYS A 21 0.43 -4.22 0.37
C LYS A 21 -0.14 -5.37 -0.45
N LEU A 22 -0.48 -5.08 -1.71
CA LEU A 22 -1.04 -6.09 -2.59
C LEU A 22 -0.05 -6.48 -3.68
N ARG A 23 0.36 -7.75 -3.67
CA ARG A 23 1.32 -8.25 -4.66
C ARG A 23 0.63 -9.17 -5.65
N GLY A 24 1.19 -9.24 -6.86
CA GLY A 24 0.62 -10.09 -7.89
C GLY A 24 -0.46 -9.39 -8.68
N LEU A 25 -0.40 -8.07 -8.73
CA LEU A 25 -1.39 -7.28 -9.46
C LEU A 25 -1.04 -7.21 -10.94
N PRO A 26 -2.08 -7.08 -11.78
CA PRO A 26 -1.91 -7.00 -13.24
C PRO A 26 -1.28 -5.69 -13.68
N TRP A 27 -0.47 -5.75 -14.73
CA TRP A 27 0.20 -4.57 -15.25
C TRP A 27 -0.82 -3.49 -15.62
N SER A 28 -2.08 -3.88 -15.71
CA SER A 28 -3.15 -2.95 -16.07
C SER A 28 -4.06 -2.70 -14.87
N CYS A 29 -3.56 -2.95 -13.67
CA CYS A 29 -4.32 -2.76 -12.45
C CYS A 29 -4.63 -1.28 -12.24
N SER A 30 -5.89 -0.98 -11.93
CA SER A 30 -6.30 0.40 -11.71
C SER A 30 -6.92 0.56 -10.31
N ILE A 31 -6.82 1.77 -9.78
CA ILE A 31 -7.36 2.07 -8.45
C ILE A 31 -8.71 1.38 -8.25
N GLU A 32 -9.54 1.40 -9.29
CA GLU A 32 -10.86 0.79 -9.22
C GLU A 32 -10.75 -0.70 -8.83
N ASP A 33 -9.92 -1.43 -9.56
CA ASP A 33 -9.73 -2.85 -9.30
C ASP A 33 -9.31 -3.07 -7.85
N VAL A 34 -8.52 -2.15 -7.31
CA VAL A 34 -8.06 -2.25 -5.93
C VAL A 34 -9.19 -1.96 -4.95
N GLN A 35 -9.90 -0.86 -5.18
CA GLN A 35 -11.00 -0.48 -4.30
C GLN A 35 -12.02 -1.60 -4.17
N ASN A 36 -12.38 -2.20 -5.30
CA ASN A 36 -13.34 -3.30 -5.32
C ASN A 36 -12.76 -4.54 -4.64
N PHE A 37 -11.48 -4.79 -4.89
CA PHE A 37 -10.81 -5.94 -4.31
C PHE A 37 -10.93 -5.94 -2.79
N LEU A 38 -10.79 -4.76 -2.20
CA LEU A 38 -10.87 -4.62 -0.75
C LEU A 38 -12.19 -3.97 -0.35
N SER A 39 -13.27 -4.39 -1.00
CA SER A 39 -14.60 -3.84 -0.71
C SER A 39 -14.98 -4.08 0.75
N ASP A 40 -14.27 -5.01 1.39
CA ASP A 40 -14.54 -5.33 2.79
C ASP A 40 -13.86 -4.33 3.73
N CYS A 41 -12.85 -3.65 3.20
CA CYS A 41 -12.11 -2.66 3.99
C CYS A 41 -12.50 -1.24 3.57
N THR A 42 -12.34 -0.30 4.50
CA THR A 42 -12.66 1.10 4.24
C THR A 42 -11.42 1.91 3.88
N ILE A 43 -11.02 1.85 2.62
CA ILE A 43 -9.85 2.58 2.16
C ILE A 43 -9.95 4.06 2.50
N HIS A 44 -8.93 4.57 3.18
CA HIS A 44 -8.90 5.98 3.58
C HIS A 44 -8.77 6.89 2.35
N ASP A 45 -9.71 7.80 2.18
CA ASP A 45 -9.69 8.72 1.06
C ASP A 45 -9.90 7.97 -0.26
N GLY A 46 -10.55 6.82 -0.18
CA GLY A 46 -10.80 6.03 -1.37
C GLY A 46 -9.65 6.08 -2.36
N VAL A 47 -9.96 6.38 -3.61
CA VAL A 47 -8.94 6.46 -4.65
C VAL A 47 -7.73 7.24 -4.18
N ALA A 48 -7.96 8.22 -3.30
CA ALA A 48 -6.90 9.04 -2.76
C ALA A 48 -6.18 8.33 -1.61
N GLY A 49 -6.29 7.01 -1.57
CA GLY A 49 -5.66 6.24 -0.52
C GLY A 49 -4.84 5.09 -1.06
N VAL A 50 -5.07 4.73 -2.32
CA VAL A 50 -4.35 3.64 -2.95
C VAL A 50 -3.05 4.13 -3.59
N HIS A 51 -1.96 3.47 -3.25
CA HIS A 51 -0.64 3.83 -3.79
C HIS A 51 -0.04 2.68 -4.59
N PHE A 52 0.09 2.87 -5.89
CA PHE A 52 0.66 1.84 -6.76
C PHE A 52 2.18 1.90 -6.75
N ILE A 53 2.81 0.79 -7.12
CA ILE A 53 4.27 0.71 -7.15
C ILE A 53 4.78 0.66 -8.59
N TYR A 54 5.91 1.31 -8.83
CA TYR A 54 6.51 1.34 -10.16
C TYR A 54 7.95 0.86 -10.12
N THR A 55 8.55 0.68 -11.30
CA THR A 55 9.93 0.23 -11.40
C THR A 55 10.84 1.34 -11.92
N ARG A 56 12.10 1.01 -12.16
CA ARG A 56 13.06 1.97 -12.66
C ARG A 56 12.64 2.49 -14.03
N GLU A 57 12.03 1.63 -14.83
CA GLU A 57 11.58 2.00 -16.17
C GLU A 57 10.29 2.82 -16.09
N GLY A 58 9.42 2.46 -15.14
CA GLY A 58 8.16 3.16 -14.99
C GLY A 58 6.97 2.27 -15.26
N ARG A 59 7.07 1.01 -14.86
CA ARG A 59 5.99 0.05 -15.08
C ARG A 59 5.51 -0.52 -13.75
N GLN A 60 4.24 -0.93 -13.70
CA GLN A 60 3.66 -1.50 -12.50
C GLN A 60 4.30 -2.83 -12.15
N SER A 61 5.25 -2.80 -11.23
CA SER A 61 5.95 -4.02 -10.81
C SER A 61 4.97 -5.09 -10.36
N GLY A 62 3.84 -4.65 -9.81
CA GLY A 62 2.82 -5.58 -9.35
C GLY A 62 2.37 -5.29 -7.94
N GLU A 63 3.22 -4.63 -7.17
CA GLU A 63 2.90 -4.28 -5.79
C GLU A 63 2.13 -2.96 -5.73
N ALA A 64 1.20 -2.86 -4.77
CA ALA A 64 0.40 -1.66 -4.61
C ALA A 64 -0.15 -1.56 -3.19
N PHE A 65 0.25 -0.51 -2.48
CA PHE A 65 -0.21 -0.30 -1.10
C PHE A 65 -1.59 0.33 -1.08
N VAL A 66 -2.24 0.28 0.07
CA VAL A 66 -3.58 0.85 0.24
C VAL A 66 -3.80 1.35 1.66
N GLU A 67 -4.28 2.58 1.78
CA GLU A 67 -4.54 3.18 3.08
C GLU A 67 -5.93 2.82 3.58
N LEU A 68 -6.03 2.45 4.85
CA LEU A 68 -7.31 2.08 5.45
C LEU A 68 -7.81 3.18 6.38
N GLU A 69 -8.97 2.96 6.99
CA GLU A 69 -9.56 3.92 7.90
C GLU A 69 -9.26 3.55 9.35
N SER A 70 -9.45 2.28 9.68
CA SER A 70 -9.20 1.79 11.03
C SER A 70 -8.48 0.45 11.00
N GLU A 71 -8.16 -0.07 12.18
CA GLU A 71 -7.46 -1.35 12.29
C GLU A 71 -8.29 -2.47 11.66
N ASP A 72 -9.52 -2.64 12.13
CA ASP A 72 -10.40 -3.67 11.60
C ASP A 72 -10.17 -3.88 10.12
N ASP A 73 -10.07 -2.78 9.37
CA ASP A 73 -9.83 -2.85 7.93
C ASP A 73 -8.66 -3.75 7.61
N VAL A 74 -7.55 -3.55 8.32
CA VAL A 74 -6.35 -4.36 8.11
C VAL A 74 -6.66 -5.85 8.21
N LYS A 75 -7.16 -6.27 9.36
CA LYS A 75 -7.51 -7.67 9.58
C LYS A 75 -8.36 -8.21 8.44
N LEU A 76 -9.31 -7.40 7.99
CA LEU A 76 -10.19 -7.81 6.89
C LEU A 76 -9.40 -7.96 5.59
N ALA A 77 -8.61 -6.95 5.26
CA ALA A 77 -7.81 -6.98 4.04
C ALA A 77 -6.99 -8.26 3.96
N LEU A 78 -6.40 -8.66 5.08
CA LEU A 78 -5.58 -9.86 5.13
C LEU A 78 -6.41 -11.09 4.74
N LYS A 79 -7.72 -10.97 4.86
CA LYS A 79 -8.62 -12.06 4.52
C LYS A 79 -8.73 -12.23 3.00
N LYS A 80 -8.26 -11.23 2.27
CA LYS A 80 -8.30 -11.26 0.82
C LYS A 80 -7.02 -11.88 0.25
N ASP A 81 -6.27 -12.57 1.11
CA ASP A 81 -5.03 -13.21 0.69
C ASP A 81 -5.31 -14.35 -0.29
N ARG A 82 -4.31 -14.67 -1.10
CA ARG A 82 -4.44 -15.73 -2.09
C ARG A 82 -5.78 -15.62 -2.83
N GLU A 83 -6.21 -14.39 -3.06
CA GLU A 83 -7.47 -14.15 -3.76
C GLU A 83 -7.25 -14.08 -5.27
N SER A 84 -8.34 -13.85 -6.00
CA SER A 84 -8.28 -13.76 -7.45
C SER A 84 -8.98 -12.51 -7.96
N MET A 85 -8.20 -11.59 -8.53
CA MET A 85 -8.75 -10.35 -9.05
C MET A 85 -8.93 -10.43 -10.57
N GLY A 86 -10.17 -10.60 -11.01
CA GLY A 86 -10.45 -10.68 -12.44
C GLY A 86 -10.02 -12.01 -13.02
N HIS A 87 -8.76 -12.09 -13.45
CA HIS A 87 -8.23 -13.32 -14.04
C HIS A 87 -6.87 -13.67 -13.44
N ARG A 88 -6.40 -12.82 -12.54
CA ARG A 88 -5.11 -13.03 -11.88
C ARG A 88 -5.28 -13.20 -10.38
N TYR A 89 -4.19 -13.53 -9.69
CA TYR A 89 -4.22 -13.73 -8.25
C TYR A 89 -3.62 -12.53 -7.52
N ILE A 90 -4.13 -12.25 -6.33
CA ILE A 90 -3.65 -11.14 -5.53
C ILE A 90 -3.27 -11.59 -4.12
N GLU A 91 -2.08 -11.19 -3.67
CA GLU A 91 -1.61 -11.55 -2.35
C GLU A 91 -1.57 -10.33 -1.42
N VAL A 92 -2.30 -10.40 -0.32
CA VAL A 92 -2.34 -9.30 0.63
C VAL A 92 -1.20 -9.40 1.63
N PHE A 93 -0.62 -8.26 1.97
CA PHE A 93 0.49 -8.21 2.93
C PHE A 93 0.27 -7.12 3.97
N LYS A 94 0.43 -7.49 5.24
CA LYS A 94 0.25 -6.55 6.33
C LYS A 94 1.45 -5.61 6.46
N SER A 95 1.21 -4.33 6.24
CA SER A 95 2.28 -3.33 6.31
C SER A 95 1.77 -2.03 6.95
N HIS A 96 2.69 -1.19 7.38
CA HIS A 96 2.34 0.08 8.00
C HIS A 96 2.45 1.23 7.00
N ARG A 97 2.24 2.45 7.47
CA ARG A 97 2.32 3.62 6.62
C ARG A 97 3.77 4.02 6.37
N THR A 98 4.49 4.34 7.45
CA THR A 98 5.88 4.74 7.34
C THR A 98 6.58 4.01 6.20
N GLU A 99 6.51 2.68 6.23
CA GLU A 99 7.14 1.86 5.20
C GLU A 99 6.64 2.26 3.82
N MET A 100 5.33 2.17 3.61
CA MET A 100 4.72 2.52 2.34
C MET A 100 5.20 3.88 1.86
N ASP A 101 5.72 4.67 2.79
CA ASP A 101 6.22 6.01 2.46
C ASP A 101 7.53 5.93 1.70
N TRP A 102 8.46 5.12 2.21
CA TRP A 102 9.76 4.96 1.57
C TRP A 102 9.64 4.15 0.28
N VAL A 103 8.89 3.05 0.34
CA VAL A 103 8.70 2.20 -0.82
C VAL A 103 8.18 2.99 -2.01
N LEU A 104 7.41 4.04 -1.71
CA LEU A 104 6.84 4.89 -2.76
C LEU A 104 7.88 5.86 -3.29
N LYS A 105 8.41 6.70 -2.41
CA LYS A 105 9.41 7.68 -2.78
C LYS A 105 10.46 7.06 -3.70
N HIS A 106 10.66 5.75 -3.57
CA HIS A 106 11.62 5.04 -4.40
C HIS A 106 10.95 3.95 -5.22
N SER A 107 9.85 4.31 -5.88
CA SER A 107 9.11 3.36 -6.70
C SER A 107 9.06 3.82 -8.16
N GLY A 108 8.98 5.14 -8.36
CA GLY A 108 8.93 5.68 -9.70
C GLY A 108 10.26 5.61 -10.41
N PRO A 109 10.23 5.68 -11.75
CA PRO A 109 11.44 5.61 -12.57
C PRO A 109 12.31 6.86 -12.43
N ASN A 110 11.67 8.02 -12.49
CA ASN A 110 12.38 9.28 -12.36
C ASN A 110 12.18 9.90 -10.97
N SER A 111 13.20 10.58 -10.48
CA SER A 111 13.12 11.21 -9.16
C SER A 111 12.88 12.71 -9.29
N ALA A 112 11.73 13.16 -8.81
CA ALA A 112 11.38 14.58 -8.87
C ALA A 112 12.52 15.44 -8.34
N SER A 113 13.07 15.07 -7.18
CA SER A 113 14.16 15.82 -6.58
C SER A 113 15.48 15.08 -6.74
N GLY A 114 16.54 15.66 -6.20
CA GLY A 114 17.86 15.06 -6.30
C GLY A 114 18.74 15.35 -5.10
N PRO A 115 19.18 16.61 -5.00
CA PRO A 115 20.04 17.06 -3.89
C PRO A 115 19.30 17.11 -2.56
N SER A 116 18.02 16.72 -2.58
CA SER A 116 17.20 16.71 -1.38
C SER A 116 18.00 16.19 -0.18
N SER A 117 17.48 16.46 1.02
CA SER A 117 18.14 16.02 2.24
C SER A 117 17.38 14.87 2.88
N GLY A 118 17.91 13.65 2.72
CA GLY A 118 17.27 12.49 3.29
C GLY A 118 16.76 11.54 2.23
N GLY A 1 -4.69 -9.20 19.79
CA GLY A 1 -3.98 -9.43 21.03
C GLY A 1 -3.98 -8.20 21.93
N SER A 2 -2.79 -7.67 22.21
CA SER A 2 -2.66 -6.50 23.06
C SER A 2 -2.46 -5.24 22.23
N SER A 3 -3.57 -4.62 21.83
CA SER A 3 -3.52 -3.41 21.01
C SER A 3 -2.80 -3.67 19.69
N GLY A 4 -3.09 -4.81 19.08
CA GLY A 4 -2.46 -5.15 17.82
C GLY A 4 -0.95 -4.95 17.85
N SER A 5 -0.40 -4.53 16.71
CA SER A 5 1.03 -4.30 16.61
C SER A 5 1.32 -2.84 16.26
N SER A 6 1.37 -2.00 17.28
CA SER A 6 1.63 -0.57 17.08
C SER A 6 3.03 -0.21 17.57
N GLY A 7 3.53 0.94 17.10
CA GLY A 7 4.86 1.38 17.51
C GLY A 7 5.15 1.05 18.96
N MET A 8 4.57 1.81 19.87
CA MET A 8 4.79 1.59 21.30
C MET A 8 3.75 2.35 22.12
N MET A 9 3.60 1.94 23.38
CA MET A 9 2.64 2.57 24.28
C MET A 9 2.85 4.08 24.32
N LEU A 10 1.85 4.81 24.81
CA LEU A 10 1.92 6.26 24.90
C LEU A 10 3.35 6.70 25.23
N GLY A 11 3.85 7.67 24.46
CA GLY A 11 5.20 8.18 24.68
C GLY A 11 5.83 8.70 23.41
N PRO A 12 6.49 7.81 22.66
CA PRO A 12 7.16 8.17 21.41
C PRO A 12 6.17 8.52 20.30
N GLU A 13 6.69 8.80 19.11
CA GLU A 13 5.84 9.16 17.97
C GLU A 13 5.87 8.06 16.91
N GLY A 14 5.06 7.03 17.12
CA GLY A 14 5.00 5.93 16.18
C GLY A 14 4.98 6.39 14.74
N GLY A 15 3.80 6.75 14.25
CA GLY A 15 3.66 7.22 12.88
C GLY A 15 2.95 6.22 12.00
N GLU A 16 3.38 4.97 12.05
CA GLU A 16 2.78 3.91 11.24
C GLU A 16 1.25 3.95 11.37
N GLY A 17 0.57 3.34 10.40
CA GLY A 17 -0.87 3.32 10.41
C GLY A 17 -1.44 2.09 9.70
N TYR A 18 -2.77 2.06 9.55
CA TYR A 18 -3.42 0.94 8.90
C TYR A 18 -3.15 0.95 7.39
N VAL A 19 -2.27 0.05 6.95
CA VAL A 19 -1.92 -0.06 5.54
C VAL A 19 -1.78 -1.51 5.11
N VAL A 20 -1.87 -1.74 3.81
CA VAL A 20 -1.77 -3.09 3.27
C VAL A 20 -1.09 -3.09 1.90
N LYS A 21 -0.32 -4.13 1.62
CA LYS A 21 0.38 -4.24 0.34
C LYS A 21 -0.20 -5.38 -0.50
N LEU A 22 -0.51 -5.07 -1.75
CA LEU A 22 -1.07 -6.07 -2.66
C LEU A 22 -0.06 -6.46 -3.73
N ARG A 23 0.30 -7.74 -3.75
CA ARG A 23 1.26 -8.24 -4.73
C ARG A 23 0.60 -9.23 -5.68
N GLY A 24 0.96 -9.14 -6.97
CA GLY A 24 0.39 -10.02 -7.96
C GLY A 24 -0.65 -9.34 -8.82
N LEU A 25 -0.74 -8.02 -8.69
CA LEU A 25 -1.72 -7.24 -9.46
C LEU A 25 -1.35 -7.22 -10.94
N PRO A 26 -2.37 -7.14 -11.80
CA PRO A 26 -2.18 -7.11 -13.26
C PRO A 26 -1.57 -5.81 -13.73
N TRP A 27 -0.76 -5.88 -14.78
CA TRP A 27 -0.12 -4.70 -15.33
C TRP A 27 -1.14 -3.63 -15.72
N SER A 28 -2.41 -4.03 -15.77
CA SER A 28 -3.49 -3.12 -16.13
C SER A 28 -4.39 -2.85 -14.93
N CYS A 29 -3.86 -3.10 -13.73
CA CYS A 29 -4.62 -2.88 -12.51
C CYS A 29 -4.88 -1.40 -12.28
N SER A 30 -6.15 -1.06 -12.04
CA SER A 30 -6.53 0.33 -11.82
C SER A 30 -7.08 0.52 -10.42
N ILE A 31 -6.88 1.71 -9.86
CA ILE A 31 -7.36 2.02 -8.52
C ILE A 31 -8.70 1.33 -8.24
N GLU A 32 -9.62 1.44 -9.19
CA GLU A 32 -10.93 0.82 -9.04
C GLU A 32 -10.81 -0.66 -8.66
N ASP A 33 -10.07 -1.40 -9.48
CA ASP A 33 -9.86 -2.82 -9.24
C ASP A 33 -9.37 -3.07 -7.81
N VAL A 34 -8.60 -2.12 -7.29
CA VAL A 34 -8.07 -2.23 -5.93
C VAL A 34 -9.13 -1.91 -4.90
N GLN A 35 -9.85 -0.81 -5.10
CA GLN A 35 -10.90 -0.40 -4.18
C GLN A 35 -11.95 -1.51 -4.02
N ASN A 36 -12.43 -2.02 -5.14
CA ASN A 36 -13.43 -3.09 -5.11
C ASN A 36 -12.86 -4.36 -4.49
N PHE A 37 -11.58 -4.61 -4.73
CA PHE A 37 -10.91 -5.79 -4.20
C PHE A 37 -10.97 -5.80 -2.68
N LEU A 38 -10.68 -4.66 -2.06
CA LEU A 38 -10.70 -4.54 -0.62
C LEU A 38 -12.01 -3.91 -0.14
N SER A 39 -13.12 -4.36 -0.72
CA SER A 39 -14.43 -3.84 -0.35
C SER A 39 -14.67 -3.97 1.15
N ASP A 40 -14.53 -5.20 1.66
CA ASP A 40 -14.72 -5.46 3.08
C ASP A 40 -13.99 -4.43 3.93
N CYS A 41 -12.96 -3.81 3.35
CA CYS A 41 -12.18 -2.80 4.06
C CYS A 41 -12.60 -1.39 3.64
N THR A 42 -12.33 -0.42 4.51
CA THR A 42 -12.68 0.97 4.23
C THR A 42 -11.44 1.80 3.91
N ILE A 43 -11.02 1.75 2.65
CA ILE A 43 -9.84 2.51 2.22
C ILE A 43 -9.97 3.98 2.58
N HIS A 44 -8.90 4.53 3.17
CA HIS A 44 -8.89 5.93 3.57
C HIS A 44 -8.73 6.85 2.36
N ASP A 45 -9.64 7.80 2.22
CA ASP A 45 -9.59 8.74 1.10
C ASP A 45 -9.80 8.02 -0.23
N GLY A 46 -10.48 6.88 -0.16
CA GLY A 46 -10.75 6.11 -1.37
C GLY A 46 -9.60 6.16 -2.36
N VAL A 47 -9.91 6.48 -3.61
CA VAL A 47 -8.90 6.57 -4.65
C VAL A 47 -7.65 7.30 -4.15
N ALA A 48 -7.85 8.26 -3.24
CA ALA A 48 -6.75 9.02 -2.69
C ALA A 48 -6.08 8.27 -1.55
N GLY A 49 -6.25 6.95 -1.54
CA GLY A 49 -5.65 6.13 -0.50
C GLY A 49 -4.86 4.96 -1.06
N VAL A 50 -5.02 4.71 -2.36
CA VAL A 50 -4.32 3.62 -3.02
C VAL A 50 -3.02 4.10 -3.66
N HIS A 51 -1.95 3.32 -3.49
CA HIS A 51 -0.66 3.67 -4.05
C HIS A 51 -0.04 2.47 -4.77
N PHE A 52 0.21 2.63 -6.07
CA PHE A 52 0.80 1.56 -6.86
C PHE A 52 2.32 1.65 -6.85
N ILE A 53 2.98 0.54 -7.18
CA ILE A 53 4.44 0.49 -7.22
C ILE A 53 4.95 0.36 -8.65
N TYR A 54 5.98 1.14 -8.97
CA TYR A 54 6.57 1.12 -10.30
C TYR A 54 8.05 0.80 -10.24
N THR A 55 8.64 0.52 -11.40
CA THR A 55 10.06 0.20 -11.48
C THR A 55 10.90 1.43 -11.78
N ARG A 56 12.21 1.31 -11.62
CA ARG A 56 13.13 2.42 -11.87
C ARG A 56 13.00 2.90 -13.32
N GLU A 57 12.61 1.99 -14.21
CA GLU A 57 12.46 2.33 -15.62
C GLU A 57 11.11 2.99 -15.88
N GLY A 58 10.10 2.59 -15.11
CA GLY A 58 8.77 3.16 -15.27
C GLY A 58 7.74 2.12 -15.65
N ARG A 59 7.81 0.96 -15.00
CA ARG A 59 6.87 -0.12 -15.27
C ARG A 59 5.96 -0.37 -14.07
N GLN A 60 5.13 -1.40 -14.16
CA GLN A 60 4.21 -1.75 -13.08
C GLN A 60 4.63 -3.05 -12.41
N SER A 61 5.60 -2.97 -11.51
CA SER A 61 6.09 -4.14 -10.80
C SER A 61 4.93 -5.00 -10.32
N GLY A 62 3.79 -4.38 -10.07
CA GLY A 62 2.62 -5.10 -9.61
C GLY A 62 2.23 -4.74 -8.19
N GLU A 63 3.22 -4.60 -7.32
CA GLU A 63 2.98 -4.25 -5.93
C GLU A 63 2.20 -2.94 -5.82
N ALA A 64 1.34 -2.85 -4.82
CA ALA A 64 0.53 -1.67 -4.61
C ALA A 64 -0.02 -1.62 -3.19
N PHE A 65 0.30 -0.54 -2.47
CA PHE A 65 -0.17 -0.38 -1.09
C PHE A 65 -1.57 0.25 -1.06
N VAL A 66 -2.22 0.16 0.09
CA VAL A 66 -3.55 0.71 0.26
C VAL A 66 -3.79 1.15 1.69
N GLU A 67 -4.21 2.41 1.85
CA GLU A 67 -4.48 2.95 3.18
C GLU A 67 -5.89 2.61 3.64
N LEU A 68 -6.04 2.32 4.93
CA LEU A 68 -7.33 1.98 5.49
C LEU A 68 -7.84 3.09 6.41
N GLU A 69 -9.03 2.89 6.97
CA GLU A 69 -9.62 3.88 7.87
C GLU A 69 -9.31 3.55 9.32
N SER A 70 -9.54 2.29 9.70
CA SER A 70 -9.29 1.85 11.06
C SER A 70 -8.54 0.53 11.07
N GLU A 71 -8.33 -0.03 12.26
CA GLU A 71 -7.62 -1.29 12.41
C GLU A 71 -8.39 -2.43 11.75
N ASP A 72 -9.62 -2.65 12.20
CA ASP A 72 -10.47 -3.70 11.64
C ASP A 72 -10.20 -3.89 10.15
N ASP A 73 -10.14 -2.78 9.43
CA ASP A 73 -9.88 -2.82 8.00
C ASP A 73 -8.69 -3.73 7.67
N VAL A 74 -7.59 -3.51 8.37
CA VAL A 74 -6.38 -4.30 8.17
C VAL A 74 -6.68 -5.80 8.28
N LYS A 75 -7.16 -6.21 9.45
CA LYS A 75 -7.49 -7.61 9.69
C LYS A 75 -8.35 -8.17 8.56
N LEU A 76 -9.29 -7.36 8.08
CA LEU A 76 -10.18 -7.78 7.00
C LEU A 76 -9.40 -7.97 5.70
N ALA A 77 -8.59 -6.98 5.35
CA ALA A 77 -7.78 -7.04 4.13
C ALA A 77 -6.97 -8.33 4.08
N LEU A 78 -6.36 -8.69 5.20
CA LEU A 78 -5.56 -9.90 5.28
C LEU A 78 -6.37 -11.13 4.90
N LYS A 79 -7.70 -10.99 4.96
CA LYS A 79 -8.59 -12.09 4.61
C LYS A 79 -8.69 -12.25 3.10
N LYS A 80 -8.30 -11.22 2.37
CA LYS A 80 -8.34 -11.25 0.91
C LYS A 80 -7.05 -11.82 0.35
N ASP A 81 -6.34 -12.60 1.16
CA ASP A 81 -5.09 -13.23 0.75
C ASP A 81 -5.34 -14.27 -0.33
N ARG A 82 -4.27 -14.67 -1.02
CA ARG A 82 -4.38 -15.67 -2.08
C ARG A 82 -5.70 -15.53 -2.83
N GLU A 83 -6.19 -14.30 -2.94
CA GLU A 83 -7.45 -14.03 -3.63
C GLU A 83 -7.23 -13.97 -5.15
N SER A 84 -8.29 -13.63 -5.87
CA SER A 84 -8.23 -13.54 -7.32
C SER A 84 -8.95 -12.30 -7.83
N MET A 85 -8.21 -11.45 -8.54
CA MET A 85 -8.78 -10.22 -9.08
C MET A 85 -8.85 -10.27 -10.60
N GLY A 86 -10.07 -10.29 -11.13
CA GLY A 86 -10.25 -10.34 -12.57
C GLY A 86 -9.89 -11.70 -13.15
N HIS A 87 -8.64 -11.84 -13.58
CA HIS A 87 -8.17 -13.10 -14.16
C HIS A 87 -6.81 -13.48 -13.60
N ARG A 88 -6.45 -12.89 -12.46
CA ARG A 88 -5.17 -13.16 -11.83
C ARG A 88 -5.34 -13.30 -10.32
N TYR A 89 -4.27 -13.72 -9.65
CA TYR A 89 -4.30 -13.90 -8.20
C TYR A 89 -3.70 -12.70 -7.49
N ILE A 90 -4.25 -12.36 -6.33
CA ILE A 90 -3.76 -11.23 -5.55
C ILE A 90 -3.33 -11.67 -4.16
N GLU A 91 -2.16 -11.21 -3.74
CA GLU A 91 -1.63 -11.56 -2.42
C GLU A 91 -1.60 -10.34 -1.52
N VAL A 92 -2.21 -10.46 -0.34
CA VAL A 92 -2.26 -9.36 0.62
C VAL A 92 -1.10 -9.46 1.61
N PHE A 93 -0.56 -8.30 1.99
CA PHE A 93 0.54 -8.26 2.94
C PHE A 93 0.34 -7.15 3.97
N LYS A 94 0.42 -7.52 5.25
CA LYS A 94 0.24 -6.55 6.33
C LYS A 94 1.43 -5.61 6.42
N SER A 95 1.18 -4.32 6.22
CA SER A 95 2.23 -3.31 6.28
C SER A 95 1.70 -2.00 6.85
N HIS A 96 2.61 -1.11 7.22
CA HIS A 96 2.24 0.18 7.79
C HIS A 96 2.32 1.28 6.73
N ARG A 97 2.11 2.52 7.15
CA ARG A 97 2.16 3.66 6.24
C ARG A 97 3.59 4.17 6.11
N THR A 98 4.33 4.16 7.21
CA THR A 98 5.72 4.62 7.22
C THR A 98 6.56 3.87 6.20
N GLU A 99 6.34 2.55 6.11
CA GLU A 99 7.08 1.72 5.17
C GLU A 99 6.62 1.98 3.73
N MET A 100 5.35 2.32 3.58
CA MET A 100 4.79 2.60 2.26
C MET A 100 5.20 3.98 1.77
N ASP A 101 5.57 4.85 2.71
CA ASP A 101 5.99 6.21 2.37
C ASP A 101 7.35 6.20 1.68
N TRP A 102 8.19 5.24 2.05
CA TRP A 102 9.52 5.13 1.47
C TRP A 102 9.49 4.32 0.19
N VAL A 103 8.82 3.17 0.23
CA VAL A 103 8.71 2.30 -0.93
C VAL A 103 8.17 3.06 -2.14
N LEU A 104 7.32 4.05 -1.88
CA LEU A 104 6.73 4.85 -2.93
C LEU A 104 7.73 5.88 -3.47
N LYS A 105 8.15 6.79 -2.60
CA LYS A 105 9.11 7.82 -2.98
C LYS A 105 10.19 7.25 -3.88
N HIS A 106 10.51 5.96 -3.68
CA HIS A 106 11.53 5.30 -4.48
C HIS A 106 10.92 4.16 -5.30
N SER A 107 9.82 4.47 -5.99
CA SER A 107 9.15 3.48 -6.81
C SER A 107 9.09 3.92 -8.27
N GLY A 108 8.63 5.16 -8.48
CA GLY A 108 8.54 5.69 -9.83
C GLY A 108 9.90 5.91 -10.46
N PRO A 109 9.94 5.93 -11.80
CA PRO A 109 11.18 6.13 -12.56
C PRO A 109 11.72 7.54 -12.42
N ASN A 110 10.98 8.39 -11.71
CA ASN A 110 11.38 9.78 -11.51
C ASN A 110 11.22 10.18 -10.05
N SER A 111 12.12 11.04 -9.56
CA SER A 111 12.08 11.50 -8.19
C SER A 111 10.65 11.88 -7.78
N ALA A 112 10.04 11.04 -6.94
CA ALA A 112 8.69 11.29 -6.48
C ALA A 112 8.69 11.97 -5.12
N SER A 113 8.76 13.31 -5.13
CA SER A 113 8.77 14.08 -3.89
C SER A 113 8.14 15.45 -4.11
N GLY A 114 7.10 15.76 -3.34
CA GLY A 114 6.42 17.03 -3.46
C GLY A 114 5.59 17.13 -4.73
N PRO A 115 4.29 17.40 -4.56
CA PRO A 115 3.36 17.53 -5.68
C PRO A 115 3.61 18.79 -6.51
N SER A 116 4.51 19.64 -6.03
CA SER A 116 4.83 20.88 -6.72
C SER A 116 5.08 20.62 -8.19
N SER A 117 6.03 19.74 -8.48
CA SER A 117 6.38 19.41 -9.87
C SER A 117 6.78 17.94 -9.98
N GLY A 118 6.75 17.43 -11.22
CA GLY A 118 7.11 16.05 -11.45
C GLY A 118 8.03 15.88 -12.64
N GLY A 1 -1.75 -14.58 15.82
CA GLY A 1 -0.69 -14.46 16.80
C GLY A 1 -0.71 -13.12 17.51
N SER A 2 0.43 -12.43 17.49
CA SER A 2 0.54 -11.13 18.13
C SER A 2 1.29 -10.14 17.23
N SER A 3 0.80 -8.90 17.20
CA SER A 3 1.41 -7.86 16.37
C SER A 3 2.36 -7.01 17.20
N GLY A 4 1.91 -6.59 18.38
CA GLY A 4 2.74 -5.78 19.24
C GLY A 4 3.21 -4.51 18.56
N SER A 5 2.32 -3.52 18.46
CA SER A 5 2.66 -2.26 17.83
C SER A 5 3.00 -1.19 18.88
N SER A 6 3.76 -1.59 19.89
CA SER A 6 4.15 -0.68 20.95
C SER A 6 4.46 0.71 20.40
N GLY A 7 5.24 0.74 19.31
CA GLY A 7 5.59 2.00 18.70
C GLY A 7 6.99 1.98 18.10
N MET A 8 7.34 3.05 17.39
CA MET A 8 8.66 3.15 16.77
C MET A 8 9.59 4.00 17.60
N MET A 9 10.73 3.42 17.99
CA MET A 9 11.71 4.14 18.80
C MET A 9 12.56 5.06 17.93
N LEU A 10 13.24 4.49 16.94
CA LEU A 10 14.09 5.26 16.05
C LEU A 10 13.27 5.86 14.91
N GLY A 11 12.80 7.09 15.10
CA GLY A 11 12.00 7.75 14.09
C GLY A 11 11.18 8.90 14.64
N PRO A 12 10.10 9.25 13.94
CA PRO A 12 9.20 10.34 14.36
C PRO A 12 8.40 9.99 15.60
N GLU A 13 8.63 8.78 16.13
CA GLU A 13 7.93 8.33 17.33
C GLU A 13 6.42 8.38 17.12
N GLY A 14 5.97 7.95 15.94
CA GLY A 14 4.56 7.95 15.63
C GLY A 14 4.27 8.38 14.20
N GLY A 15 3.19 7.86 13.64
CA GLY A 15 2.83 8.19 12.28
C GLY A 15 2.22 7.02 11.53
N GLU A 16 2.78 5.83 11.75
CA GLU A 16 2.29 4.62 11.08
C GLU A 16 0.76 4.59 11.08
N GLY A 17 0.18 3.96 10.06
CA GLY A 17 -1.26 3.87 9.96
C GLY A 17 -1.71 2.59 9.28
N TYR A 18 -3.00 2.32 9.33
CA TYR A 18 -3.57 1.12 8.72
C TYR A 18 -3.28 1.09 7.23
N VAL A 19 -2.31 0.27 6.83
CA VAL A 19 -1.92 0.14 5.44
C VAL A 19 -1.77 -1.33 5.04
N VAL A 20 -1.93 -1.60 3.75
CA VAL A 20 -1.81 -2.97 3.24
C VAL A 20 -1.13 -2.98 1.88
N LYS A 21 -0.35 -4.03 1.63
CA LYS A 21 0.36 -4.17 0.37
C LYS A 21 -0.24 -5.31 -0.47
N LEU A 22 -0.53 -5.02 -1.73
CA LEU A 22 -1.09 -6.02 -2.63
C LEU A 22 -0.07 -6.44 -3.68
N ARG A 23 0.14 -7.75 -3.80
CA ARG A 23 1.09 -8.29 -4.77
C ARG A 23 0.39 -9.21 -5.76
N GLY A 24 1.02 -9.41 -6.91
CA GLY A 24 0.44 -10.27 -7.93
C GLY A 24 -0.60 -9.55 -8.78
N LEU A 25 -0.68 -8.23 -8.62
CA LEU A 25 -1.63 -7.43 -9.37
C LEU A 25 -1.26 -7.39 -10.85
N PRO A 26 -2.28 -7.29 -11.71
CA PRO A 26 -2.09 -7.22 -13.16
C PRO A 26 -1.44 -5.92 -13.61
N TRP A 27 -0.63 -5.99 -14.66
CA TRP A 27 0.05 -4.81 -15.19
C TRP A 27 -0.96 -3.74 -15.57
N SER A 28 -2.22 -4.12 -15.67
CA SER A 28 -3.28 -3.19 -16.03
C SER A 28 -4.18 -2.89 -14.84
N CYS A 29 -3.68 -3.18 -13.64
CA CYS A 29 -4.45 -2.95 -12.42
C CYS A 29 -4.70 -1.46 -12.21
N SER A 30 -5.95 -1.11 -11.94
CA SER A 30 -6.33 0.28 -11.72
C SER A 30 -6.93 0.47 -10.33
N ILE A 31 -6.81 1.68 -9.80
CA ILE A 31 -7.34 1.99 -8.47
C ILE A 31 -8.70 1.34 -8.26
N GLU A 32 -9.54 1.39 -9.29
CA GLU A 32 -10.88 0.79 -9.21
C GLU A 32 -10.80 -0.66 -8.78
N ASP A 33 -9.97 -1.43 -9.48
CA ASP A 33 -9.80 -2.85 -9.16
C ASP A 33 -9.41 -3.04 -7.70
N VAL A 34 -8.59 -2.15 -7.18
CA VAL A 34 -8.15 -2.22 -5.80
C VAL A 34 -9.29 -1.87 -4.84
N GLN A 35 -9.95 -0.75 -5.09
CA GLN A 35 -11.06 -0.32 -4.24
C GLN A 35 -12.11 -1.42 -4.11
N ASN A 36 -12.51 -1.99 -5.24
CA ASN A 36 -13.51 -3.06 -5.24
C ASN A 36 -12.96 -4.32 -4.59
N PHE A 37 -11.69 -4.62 -4.85
CA PHE A 37 -11.04 -5.79 -4.29
C PHE A 37 -11.11 -5.76 -2.76
N LEU A 38 -10.61 -4.68 -2.17
CA LEU A 38 -10.62 -4.52 -0.72
C LEU A 38 -11.92 -3.90 -0.24
N SER A 39 -13.03 -4.30 -0.85
CA SER A 39 -14.33 -3.77 -0.48
C SER A 39 -14.59 -3.93 1.01
N ASP A 40 -14.44 -5.15 1.50
CA ASP A 40 -14.65 -5.44 2.91
C ASP A 40 -13.94 -4.42 3.80
N CYS A 41 -12.92 -3.78 3.23
CA CYS A 41 -12.15 -2.79 3.96
C CYS A 41 -12.57 -1.37 3.55
N THR A 42 -12.29 -0.40 4.43
CA THR A 42 -12.64 0.99 4.16
C THR A 42 -11.40 1.81 3.84
N ILE A 43 -11.00 1.78 2.57
CA ILE A 43 -9.83 2.53 2.12
C ILE A 43 -9.95 4.00 2.50
N HIS A 44 -8.89 4.54 3.10
CA HIS A 44 -8.87 5.95 3.50
C HIS A 44 -8.72 6.85 2.29
N ASP A 45 -9.66 7.79 2.15
CA ASP A 45 -9.63 8.73 1.04
C ASP A 45 -9.83 8.00 -0.29
N GLY A 46 -10.50 6.86 -0.23
CA GLY A 46 -10.74 6.08 -1.43
C GLY A 46 -9.58 6.11 -2.40
N VAL A 47 -9.85 6.42 -3.66
CA VAL A 47 -8.81 6.48 -4.68
C VAL A 47 -7.59 7.24 -4.17
N ALA A 48 -7.82 8.19 -3.28
CA ALA A 48 -6.74 8.98 -2.71
C ALA A 48 -6.06 8.25 -1.57
N GLY A 49 -6.18 6.92 -1.56
CA GLY A 49 -5.57 6.12 -0.52
C GLY A 49 -4.77 4.96 -1.08
N VAL A 50 -4.95 4.69 -2.36
CA VAL A 50 -4.23 3.59 -3.02
C VAL A 50 -2.96 4.09 -3.69
N HIS A 51 -1.83 3.50 -3.32
CA HIS A 51 -0.54 3.88 -3.88
C HIS A 51 0.08 2.72 -4.64
N PHE A 52 0.15 2.86 -5.97
CA PHE A 52 0.72 1.82 -6.81
C PHE A 52 2.25 1.94 -6.87
N ILE A 53 2.92 0.80 -6.99
CA ILE A 53 4.37 0.79 -7.06
C ILE A 53 4.86 0.64 -8.49
N TYR A 54 5.73 1.54 -8.91
CA TYR A 54 6.28 1.52 -10.27
C TYR A 54 7.73 1.10 -10.26
N THR A 55 8.23 0.67 -11.43
CA THR A 55 9.61 0.23 -11.56
C THR A 55 10.49 1.36 -12.08
N ARG A 56 11.76 1.05 -12.32
CA ARG A 56 12.71 2.03 -12.83
C ARG A 56 12.45 2.33 -14.30
N GLU A 57 11.70 1.45 -14.95
CA GLU A 57 11.38 1.62 -16.36
C GLU A 57 10.09 2.42 -16.54
N GLY A 58 9.25 2.40 -15.51
CA GLY A 58 7.99 3.13 -15.57
C GLY A 58 6.81 2.22 -15.79
N ARG A 59 6.93 0.97 -15.34
CA ARG A 59 5.86 -0.01 -15.50
C ARG A 59 5.35 -0.49 -14.14
N GLN A 60 4.15 -1.07 -14.13
CA GLN A 60 3.56 -1.57 -12.89
C GLN A 60 4.23 -2.88 -12.46
N SER A 61 5.09 -2.80 -11.47
CA SER A 61 5.80 -3.98 -10.97
C SER A 61 4.80 -5.01 -10.43
N GLY A 62 3.70 -4.52 -9.88
CA GLY A 62 2.70 -5.41 -9.33
C GLY A 62 2.32 -5.07 -7.91
N GLU A 63 3.29 -4.57 -7.15
CA GLU A 63 3.07 -4.20 -5.75
C GLU A 63 2.31 -2.88 -5.66
N ALA A 64 1.32 -2.82 -4.77
CA ALA A 64 0.53 -1.62 -4.58
C ALA A 64 -0.01 -1.52 -3.16
N PHE A 65 0.32 -0.43 -2.48
CA PHE A 65 -0.13 -0.23 -1.11
C PHE A 65 -1.51 0.44 -1.08
N VAL A 66 -2.16 0.39 0.08
CA VAL A 66 -3.48 0.98 0.24
C VAL A 66 -3.74 1.35 1.70
N GLU A 67 -4.22 2.57 1.91
CA GLU A 67 -4.51 3.05 3.25
C GLU A 67 -5.93 2.68 3.67
N LEU A 68 -6.12 2.39 4.95
CA LEU A 68 -7.44 2.02 5.47
C LEU A 68 -7.98 3.11 6.40
N GLU A 69 -9.16 2.87 6.96
CA GLU A 69 -9.77 3.82 7.87
C GLU A 69 -9.48 3.46 9.32
N SER A 70 -9.72 2.20 9.67
CA SER A 70 -9.47 1.73 11.02
C SER A 70 -8.72 0.40 11.01
N GLU A 71 -8.42 -0.11 12.21
CA GLU A 71 -7.70 -1.38 12.33
C GLU A 71 -8.46 -2.51 11.64
N ASP A 72 -9.71 -2.72 12.06
CA ASP A 72 -10.54 -3.76 11.48
C ASP A 72 -10.24 -3.95 10.00
N ASP A 73 -10.18 -2.84 9.28
CA ASP A 73 -9.90 -2.87 7.85
C ASP A 73 -8.71 -3.77 7.55
N VAL A 74 -7.62 -3.57 8.29
CA VAL A 74 -6.41 -4.36 8.10
C VAL A 74 -6.71 -5.85 8.21
N LYS A 75 -7.16 -6.28 9.38
CA LYS A 75 -7.49 -7.69 9.61
C LYS A 75 -8.29 -8.25 8.44
N LEU A 76 -9.25 -7.49 7.96
CA LEU A 76 -10.08 -7.92 6.84
C LEU A 76 -9.26 -8.07 5.57
N ALA A 77 -8.49 -7.02 5.25
CA ALA A 77 -7.65 -7.03 4.06
C ALA A 77 -6.84 -8.32 3.97
N LEU A 78 -6.22 -8.69 5.08
CA LEU A 78 -5.42 -9.91 5.13
C LEU A 78 -6.24 -11.13 4.72
N LYS A 79 -7.55 -11.03 4.88
CA LYS A 79 -8.44 -12.13 4.52
C LYS A 79 -8.55 -12.27 3.00
N LYS A 80 -8.18 -11.21 2.29
CA LYS A 80 -8.23 -11.22 0.83
C LYS A 80 -6.96 -11.83 0.25
N ASP A 81 -6.22 -12.55 1.09
CA ASP A 81 -4.99 -13.19 0.66
C ASP A 81 -5.27 -14.31 -0.35
N ARG A 82 -4.27 -14.65 -1.14
CA ARG A 82 -4.42 -15.70 -2.15
C ARG A 82 -5.75 -15.56 -2.88
N GLU A 83 -6.24 -14.33 -2.99
CA GLU A 83 -7.50 -14.06 -3.67
C GLU A 83 -7.32 -14.07 -5.19
N SER A 84 -8.41 -13.84 -5.90
CA SER A 84 -8.38 -13.83 -7.36
C SER A 84 -9.05 -12.57 -7.91
N MET A 85 -8.25 -11.67 -8.48
CA MET A 85 -8.77 -10.43 -9.04
C MET A 85 -8.80 -10.49 -10.56
N GLY A 86 -10.01 -10.56 -11.11
CA GLY A 86 -10.16 -10.63 -12.56
C GLY A 86 -9.67 -11.95 -13.14
N HIS A 87 -8.51 -11.91 -13.78
CA HIS A 87 -7.93 -13.11 -14.37
C HIS A 87 -6.56 -13.41 -13.77
N ARG A 88 -6.30 -12.84 -12.60
CA ARG A 88 -5.02 -13.04 -11.92
C ARG A 88 -5.23 -13.20 -10.42
N TYR A 89 -4.17 -13.58 -9.71
CA TYR A 89 -4.23 -13.78 -8.27
C TYR A 89 -3.66 -12.57 -7.53
N ILE A 90 -4.17 -12.33 -6.33
CA ILE A 90 -3.72 -11.22 -5.51
C ILE A 90 -3.27 -11.69 -4.13
N GLU A 91 -2.17 -11.12 -3.65
CA GLU A 91 -1.65 -11.49 -2.33
C GLU A 91 -1.58 -10.27 -1.42
N VAL A 92 -2.29 -10.34 -0.29
CA VAL A 92 -2.31 -9.25 0.68
C VAL A 92 -1.15 -9.35 1.65
N PHE A 93 -0.61 -8.20 2.04
CA PHE A 93 0.51 -8.15 2.97
C PHE A 93 0.32 -7.05 4.00
N LYS A 94 0.41 -7.40 5.27
CA LYS A 94 0.25 -6.43 6.36
C LYS A 94 1.43 -5.49 6.41
N SER A 95 1.17 -4.20 6.24
CA SER A 95 2.22 -3.18 6.26
C SER A 95 1.72 -1.91 6.93
N HIS A 96 2.66 -1.06 7.35
CA HIS A 96 2.32 0.20 7.99
C HIS A 96 2.40 1.36 7.01
N ARG A 97 2.21 2.58 7.51
CA ARG A 97 2.27 3.77 6.68
C ARG A 97 3.71 4.21 6.46
N THR A 98 4.45 4.38 7.55
CA THR A 98 5.84 4.80 7.48
C THR A 98 6.60 4.03 6.40
N GLU A 99 6.25 2.77 6.23
CA GLU A 99 6.89 1.92 5.24
C GLU A 99 6.46 2.33 3.82
N MET A 100 5.17 2.20 3.55
CA MET A 100 4.63 2.55 2.24
C MET A 100 5.17 3.90 1.78
N ASP A 101 5.63 4.70 2.72
CA ASP A 101 6.17 6.02 2.41
C ASP A 101 7.53 5.91 1.73
N TRP A 102 8.40 5.09 2.30
CA TRP A 102 9.74 4.89 1.74
C TRP A 102 9.68 4.07 0.45
N VAL A 103 8.95 2.97 0.50
CA VAL A 103 8.80 2.10 -0.66
C VAL A 103 8.39 2.90 -1.90
N LEU A 104 7.77 4.05 -1.66
CA LEU A 104 7.32 4.91 -2.76
C LEU A 104 8.40 5.92 -3.14
N LYS A 105 8.77 6.75 -2.18
CA LYS A 105 9.80 7.77 -2.41
C LYS A 105 11.00 7.19 -3.14
N HIS A 106 11.21 5.88 -2.96
CA HIS A 106 12.32 5.20 -3.61
C HIS A 106 11.81 4.17 -4.62
N SER A 107 10.80 4.56 -5.40
CA SER A 107 10.22 3.68 -6.40
C SER A 107 9.99 4.42 -7.71
N GLY A 108 9.46 3.72 -8.70
CA GLY A 108 9.18 4.32 -9.99
C GLY A 108 10.45 4.70 -10.72
N PRO A 109 10.30 5.16 -11.98
CA PRO A 109 11.43 5.55 -12.82
C PRO A 109 12.09 6.84 -12.33
N ASN A 110 11.57 7.39 -11.24
CA ASN A 110 12.11 8.62 -10.67
C ASN A 110 11.86 8.68 -9.17
N SER A 111 12.93 8.85 -8.40
CA SER A 111 12.84 8.92 -6.96
C SER A 111 13.55 10.16 -6.42
N ALA A 112 12.77 11.21 -6.15
CA ALA A 112 13.32 12.46 -5.63
C ALA A 112 12.48 12.99 -4.48
N SER A 113 13.06 13.92 -3.72
CA SER A 113 12.36 14.51 -2.58
C SER A 113 11.93 15.94 -2.88
N GLY A 114 11.40 16.16 -4.09
CA GLY A 114 10.96 17.47 -4.49
C GLY A 114 10.36 18.26 -3.34
N PRO A 115 10.65 19.56 -3.29
CA PRO A 115 10.15 20.45 -2.24
C PRO A 115 8.65 20.68 -2.34
N SER A 116 8.03 20.05 -3.32
CA SER A 116 6.58 20.19 -3.55
C SER A 116 5.85 20.34 -2.22
N SER A 117 4.97 21.34 -2.15
CA SER A 117 4.20 21.59 -0.94
C SER A 117 2.74 21.88 -1.28
N GLY A 118 1.84 21.32 -0.48
CA GLY A 118 0.42 21.52 -0.71
C GLY A 118 -0.43 20.37 -0.19
N GLY A 1 -2.06 -14.37 15.53
CA GLY A 1 -1.62 -15.68 15.93
C GLY A 1 -0.56 -15.64 17.02
N SER A 2 0.70 -15.66 16.61
CA SER A 2 1.81 -15.63 17.56
C SER A 2 2.11 -14.19 18.00
N SER A 3 2.40 -14.02 19.28
CA SER A 3 2.69 -12.70 19.83
C SER A 3 3.77 -12.01 19.01
N GLY A 4 3.72 -10.67 18.96
CA GLY A 4 4.70 -9.92 18.21
C GLY A 4 4.26 -8.49 17.97
N SER A 5 3.33 -8.32 17.03
CA SER A 5 2.82 -6.99 16.69
C SER A 5 2.57 -6.16 17.96
N SER A 6 3.19 -4.99 18.01
CA SER A 6 3.05 -4.11 19.17
C SER A 6 1.94 -3.08 18.93
N GLY A 7 1.78 -2.16 19.88
CA GLY A 7 0.75 -1.14 19.75
C GLY A 7 1.32 0.26 19.85
N MET A 8 1.39 0.95 18.72
CA MET A 8 1.92 2.31 18.69
C MET A 8 3.21 2.41 19.48
N MET A 9 4.03 1.36 19.42
CA MET A 9 5.30 1.34 20.13
C MET A 9 6.43 1.88 19.26
N LEU A 10 6.48 1.41 18.01
CA LEU A 10 7.52 1.85 17.08
C LEU A 10 7.26 3.28 16.62
N GLY A 11 8.30 4.11 16.69
CA GLY A 11 8.17 5.50 16.27
C GLY A 11 7.36 6.32 17.25
N PRO A 12 6.95 7.52 16.82
CA PRO A 12 6.17 8.43 17.66
C PRO A 12 4.75 7.93 17.90
N GLU A 13 3.94 8.74 18.57
CA GLU A 13 2.56 8.36 18.87
C GLU A 13 1.90 7.72 17.65
N GLY A 14 1.84 6.39 17.65
CA GLY A 14 1.23 5.67 16.55
C GLY A 14 1.64 6.24 15.20
N GLY A 15 2.94 6.43 15.01
CA GLY A 15 3.43 6.98 13.75
C GLY A 15 2.88 6.24 12.55
N GLU A 16 2.96 4.91 12.58
CA GLU A 16 2.47 4.09 11.48
C GLU A 16 0.96 4.21 11.35
N GLY A 17 0.41 3.61 10.30
CA GLY A 17 -1.03 3.66 10.08
C GLY A 17 -1.55 2.42 9.36
N TYR A 18 -2.86 2.27 9.34
CA TYR A 18 -3.49 1.12 8.68
C TYR A 18 -3.16 1.10 7.20
N VAL A 19 -2.26 0.19 6.82
CA VAL A 19 -1.86 0.05 5.42
C VAL A 19 -1.72 -1.40 5.02
N VAL A 20 -1.92 -1.69 3.74
CA VAL A 20 -1.81 -3.05 3.23
C VAL A 20 -1.12 -3.08 1.87
N LYS A 21 -0.30 -4.10 1.65
CA LYS A 21 0.43 -4.24 0.40
C LYS A 21 -0.14 -5.40 -0.42
N LEU A 22 -0.55 -5.10 -1.65
CA LEU A 22 -1.11 -6.12 -2.54
C LEU A 22 -0.08 -6.57 -3.56
N ARG A 23 0.05 -7.88 -3.73
CA ARG A 23 1.00 -8.43 -4.69
C ARG A 23 0.28 -9.31 -5.71
N GLY A 24 0.92 -9.52 -6.86
CA GLY A 24 0.34 -10.34 -7.90
C GLY A 24 -0.66 -9.58 -8.75
N LEU A 25 -0.65 -8.26 -8.62
CA LEU A 25 -1.57 -7.41 -9.38
C LEU A 25 -1.17 -7.36 -10.85
N PRO A 26 -2.18 -7.27 -11.72
CA PRO A 26 -1.96 -7.21 -13.17
C PRO A 26 -1.33 -5.89 -13.61
N TRP A 27 -0.54 -5.94 -14.68
CA TRP A 27 0.12 -4.75 -15.20
C TRP A 27 -0.90 -3.70 -15.64
N SER A 28 -2.18 -4.10 -15.66
CA SER A 28 -3.25 -3.20 -16.06
C SER A 28 -4.18 -2.90 -14.89
N CYS A 29 -3.69 -3.16 -13.68
CA CYS A 29 -4.48 -2.93 -12.48
C CYS A 29 -4.72 -1.43 -12.26
N SER A 30 -5.95 -1.07 -11.93
CA SER A 30 -6.30 0.33 -11.71
C SER A 30 -6.93 0.51 -10.33
N ILE A 31 -6.78 1.70 -9.77
CA ILE A 31 -7.33 2.02 -8.46
C ILE A 31 -8.70 1.37 -8.27
N GLU A 32 -9.54 1.47 -9.30
CA GLU A 32 -10.88 0.88 -9.25
C GLU A 32 -10.82 -0.58 -8.83
N ASP A 33 -9.99 -1.36 -9.51
CA ASP A 33 -9.83 -2.78 -9.21
C ASP A 33 -9.44 -2.99 -7.75
N VAL A 34 -8.62 -2.08 -7.23
CA VAL A 34 -8.17 -2.17 -5.85
C VAL A 34 -9.31 -1.87 -4.88
N GLN A 35 -10.02 -0.76 -5.13
CA GLN A 35 -11.13 -0.36 -4.28
C GLN A 35 -12.16 -1.49 -4.17
N ASN A 36 -12.54 -2.05 -5.31
CA ASN A 36 -13.51 -3.13 -5.34
C ASN A 36 -12.96 -4.39 -4.68
N PHE A 37 -11.69 -4.67 -4.94
CA PHE A 37 -11.04 -5.84 -4.36
C PHE A 37 -11.12 -5.83 -2.84
N LEU A 38 -10.66 -4.73 -2.24
CA LEU A 38 -10.69 -4.58 -0.79
C LEU A 38 -12.00 -3.95 -0.33
N SER A 39 -13.09 -4.38 -0.93
CA SER A 39 -14.41 -3.85 -0.58
C SER A 39 -14.69 -4.03 0.91
N ASP A 40 -14.50 -5.24 1.40
CA ASP A 40 -14.72 -5.55 2.82
C ASP A 40 -14.00 -4.54 3.71
N CYS A 41 -13.00 -3.87 3.14
CA CYS A 41 -12.24 -2.88 3.89
C CYS A 41 -12.66 -1.47 3.50
N THR A 42 -12.33 -0.50 4.37
CA THR A 42 -12.68 0.89 4.12
C THR A 42 -11.44 1.72 3.81
N ILE A 43 -11.03 1.72 2.54
CA ILE A 43 -9.86 2.46 2.12
C ILE A 43 -9.97 3.94 2.52
N HIS A 44 -8.91 4.46 3.12
CA HIS A 44 -8.89 5.86 3.55
C HIS A 44 -8.70 6.79 2.36
N ASP A 45 -9.59 7.77 2.24
CA ASP A 45 -9.53 8.72 1.14
C ASP A 45 -9.72 8.03 -0.20
N GLY A 46 -10.40 6.89 -0.18
CA GLY A 46 -10.64 6.14 -1.40
C GLY A 46 -9.47 6.23 -2.36
N VAL A 47 -9.76 6.54 -3.62
CA VAL A 47 -8.73 6.65 -4.65
C VAL A 47 -7.49 7.36 -4.10
N ALA A 48 -7.71 8.29 -3.18
CA ALA A 48 -6.62 9.04 -2.58
C ALA A 48 -5.96 8.25 -1.45
N GLY A 49 -6.11 6.92 -1.50
CA GLY A 49 -5.53 6.08 -0.48
C GLY A 49 -4.75 4.92 -1.05
N VAL A 50 -5.03 4.58 -2.31
CA VAL A 50 -4.35 3.48 -2.98
C VAL A 50 -3.08 3.97 -3.67
N HIS A 51 -1.95 3.36 -3.32
CA HIS A 51 -0.67 3.73 -3.91
C HIS A 51 -0.06 2.55 -4.66
N PHE A 52 0.19 2.74 -5.96
CA PHE A 52 0.77 1.69 -6.79
C PHE A 52 2.29 1.81 -6.82
N ILE A 53 2.96 0.68 -7.05
CA ILE A 53 4.41 0.66 -7.11
C ILE A 53 4.91 0.60 -8.56
N TYR A 54 5.90 1.44 -8.87
CA TYR A 54 6.45 1.48 -10.22
C TYR A 54 7.95 1.14 -10.20
N THR A 55 8.52 0.97 -11.39
CA THR A 55 9.94 0.65 -11.51
C THR A 55 10.73 1.82 -12.07
N ARG A 56 12.03 1.84 -11.82
CA ARG A 56 12.90 2.91 -12.29
C ARG A 56 12.67 3.17 -13.77
N GLU A 57 12.05 2.20 -14.45
CA GLU A 57 11.77 2.33 -15.88
C GLU A 57 10.39 2.94 -16.13
N GLY A 58 9.48 2.70 -15.20
CA GLY A 58 8.13 3.25 -15.32
C GLY A 58 7.09 2.18 -15.58
N ARG A 59 7.32 0.98 -15.03
CA ARG A 59 6.40 -0.13 -15.20
C ARG A 59 5.76 -0.52 -13.87
N GLN A 60 4.59 -1.15 -13.94
CA GLN A 60 3.89 -1.58 -12.75
C GLN A 60 4.50 -2.84 -12.17
N SER A 61 5.48 -2.67 -11.28
CA SER A 61 6.14 -3.80 -10.66
C SER A 61 5.15 -4.86 -10.21
N GLY A 62 3.96 -4.41 -9.83
CA GLY A 62 2.93 -5.33 -9.39
C GLY A 62 2.43 -5.02 -7.98
N GLU A 63 3.36 -4.60 -7.12
CA GLU A 63 3.02 -4.27 -5.73
C GLU A 63 2.28 -2.95 -5.66
N ALA A 64 1.31 -2.86 -4.76
CA ALA A 64 0.53 -1.64 -4.57
C ALA A 64 -0.04 -1.55 -3.16
N PHE A 65 0.37 -0.52 -2.43
CA PHE A 65 -0.11 -0.33 -1.07
C PHE A 65 -1.49 0.33 -1.05
N VAL A 66 -2.18 0.21 0.08
CA VAL A 66 -3.51 0.79 0.22
C VAL A 66 -3.76 1.23 1.66
N GLU A 67 -4.26 2.46 1.81
CA GLU A 67 -4.54 3.00 3.14
C GLU A 67 -5.96 2.64 3.58
N LEU A 68 -6.10 2.30 4.85
CA LEU A 68 -7.40 1.93 5.41
C LEU A 68 -7.94 3.04 6.31
N GLU A 69 -9.18 2.87 6.76
CA GLU A 69 -9.81 3.84 7.63
C GLU A 69 -9.53 3.53 9.10
N SER A 70 -9.73 2.27 9.47
CA SER A 70 -9.51 1.83 10.85
C SER A 70 -8.71 0.54 10.88
N GLU A 71 -8.42 0.05 12.09
CA GLU A 71 -7.67 -1.17 12.26
C GLU A 71 -8.41 -2.36 11.65
N ASP A 72 -9.64 -2.58 12.10
CA ASP A 72 -10.46 -3.67 11.59
C ASP A 72 -10.19 -3.92 10.11
N ASP A 73 -10.20 -2.86 9.32
CA ASP A 73 -9.94 -2.96 7.88
C ASP A 73 -8.71 -3.81 7.62
N VAL A 74 -7.62 -3.51 8.31
CA VAL A 74 -6.36 -4.24 8.13
C VAL A 74 -6.60 -5.74 8.24
N LYS A 75 -7.22 -6.17 9.35
CA LYS A 75 -7.50 -7.57 9.58
C LYS A 75 -8.33 -8.15 8.44
N LEU A 76 -9.28 -7.37 7.94
CA LEU A 76 -10.14 -7.80 6.85
C LEU A 76 -9.34 -8.00 5.56
N ALA A 77 -8.54 -7.00 5.22
CA ALA A 77 -7.71 -7.07 4.02
C ALA A 77 -6.90 -8.37 3.98
N LEU A 78 -6.30 -8.72 5.11
CA LEU A 78 -5.50 -9.93 5.22
C LEU A 78 -6.31 -11.16 4.81
N LYS A 79 -7.64 -11.03 4.88
CA LYS A 79 -8.53 -12.13 4.52
C LYS A 79 -8.62 -12.27 3.01
N LYS A 80 -8.30 -11.20 2.29
CA LYS A 80 -8.35 -11.20 0.83
C LYS A 80 -7.07 -11.79 0.25
N ASP A 81 -6.32 -12.50 1.07
CA ASP A 81 -5.07 -13.11 0.64
C ASP A 81 -5.32 -14.16 -0.43
N ARG A 82 -4.26 -14.55 -1.14
CA ARG A 82 -4.37 -15.55 -2.19
C ARG A 82 -5.72 -15.46 -2.89
N GLU A 83 -6.23 -14.24 -3.04
CA GLU A 83 -7.52 -14.01 -3.67
C GLU A 83 -7.38 -13.99 -5.19
N SER A 84 -8.47 -13.72 -5.89
CA SER A 84 -8.47 -13.67 -7.34
C SER A 84 -9.09 -12.37 -7.84
N MET A 85 -8.26 -11.52 -8.44
CA MET A 85 -8.73 -10.24 -8.97
C MET A 85 -8.91 -10.30 -10.48
N GLY A 86 -10.15 -10.45 -10.93
CA GLY A 86 -10.43 -10.52 -12.35
C GLY A 86 -10.03 -11.86 -12.95
N HIS A 87 -8.77 -11.99 -13.33
CA HIS A 87 -8.27 -13.22 -13.92
C HIS A 87 -6.93 -13.61 -13.31
N ARG A 88 -6.48 -12.81 -12.35
CA ARG A 88 -5.20 -13.08 -11.67
C ARG A 88 -5.40 -13.22 -10.16
N TYR A 89 -4.34 -13.59 -9.47
CA TYR A 89 -4.40 -13.77 -8.02
C TYR A 89 -3.74 -12.60 -7.30
N ILE A 90 -4.22 -12.29 -6.09
CA ILE A 90 -3.69 -11.20 -5.31
C ILE A 90 -3.28 -11.67 -3.91
N GLU A 91 -2.09 -11.27 -3.48
CA GLU A 91 -1.59 -11.65 -2.16
C GLU A 91 -1.50 -10.44 -1.24
N VAL A 92 -2.36 -10.40 -0.23
CA VAL A 92 -2.37 -9.29 0.73
C VAL A 92 -1.22 -9.40 1.70
N PHE A 93 -0.63 -8.26 2.05
CA PHE A 93 0.50 -8.22 2.98
C PHE A 93 0.30 -7.12 4.01
N LYS A 94 0.39 -7.49 5.28
CA LYS A 94 0.23 -6.52 6.37
C LYS A 94 1.45 -5.59 6.46
N SER A 95 1.21 -4.31 6.22
CA SER A 95 2.30 -3.32 6.27
C SER A 95 1.80 -2.02 6.89
N HIS A 96 2.74 -1.15 7.25
CA HIS A 96 2.41 0.13 7.86
C HIS A 96 2.48 1.25 6.83
N ARG A 97 2.31 2.48 7.29
CA ARG A 97 2.35 3.65 6.41
C ARG A 97 3.78 4.17 6.27
N THR A 98 4.56 4.04 7.34
CA THR A 98 5.94 4.50 7.35
C THR A 98 6.76 3.78 6.29
N GLU A 99 6.52 2.48 6.14
CA GLU A 99 7.24 1.67 5.16
C GLU A 99 6.80 2.01 3.74
N MET A 100 5.49 2.19 3.56
CA MET A 100 4.94 2.51 2.25
C MET A 100 5.40 3.89 1.79
N ASP A 101 5.80 4.72 2.75
CA ASP A 101 6.26 6.07 2.46
C ASP A 101 7.62 6.04 1.75
N TRP A 102 8.44 5.06 2.10
CA TRP A 102 9.77 4.92 1.51
C TRP A 102 9.69 4.12 0.21
N VAL A 103 8.98 3.00 0.25
CA VAL A 103 8.83 2.16 -0.93
C VAL A 103 8.29 2.95 -2.11
N LEU A 104 7.49 3.96 -1.82
CA LEU A 104 6.91 4.81 -2.86
C LEU A 104 7.93 5.81 -3.39
N LYS A 105 8.41 6.69 -2.51
CA LYS A 105 9.39 7.70 -2.89
C LYS A 105 10.44 7.10 -3.82
N HIS A 106 10.71 5.81 -3.65
CA HIS A 106 11.70 5.13 -4.48
C HIS A 106 11.03 4.05 -5.34
N SER A 107 9.93 4.42 -5.98
CA SER A 107 9.21 3.48 -6.83
C SER A 107 9.15 3.99 -8.27
N GLY A 108 8.62 5.19 -8.44
CA GLY A 108 8.52 5.77 -9.77
C GLY A 108 9.76 5.54 -10.61
N PRO A 109 9.65 5.78 -11.92
CA PRO A 109 10.76 5.61 -12.85
C PRO A 109 11.85 6.65 -12.66
N ASN A 110 11.66 7.53 -11.68
CA ASN A 110 12.63 8.58 -11.39
C ASN A 110 12.45 9.12 -9.99
N SER A 111 13.52 9.13 -9.21
CA SER A 111 13.48 9.62 -7.83
C SER A 111 14.49 10.74 -7.63
N ALA A 112 14.34 11.48 -6.53
CA ALA A 112 15.25 12.57 -6.21
C ALA A 112 15.35 12.78 -4.69
N SER A 113 16.55 13.08 -4.23
CA SER A 113 16.78 13.30 -2.80
C SER A 113 17.45 14.66 -2.56
N GLY A 114 17.02 15.33 -1.50
CA GLY A 114 17.58 16.63 -1.17
C GLY A 114 16.85 17.31 -0.02
N PRO A 115 16.92 16.68 1.16
CA PRO A 115 16.27 17.21 2.37
C PRO A 115 16.94 18.47 2.88
N SER A 116 16.26 19.61 2.73
CA SER A 116 16.81 20.88 3.18
C SER A 116 16.44 21.14 4.64
N SER A 117 17.38 20.79 5.53
CA SER A 117 17.16 20.99 6.96
C SER A 117 17.38 22.44 7.36
N GLY A 118 18.54 22.98 6.97
CA GLY A 118 18.85 24.36 7.29
C GLY A 118 19.67 25.04 6.21
N GLY A 1 -11.89 15.57 9.96
CA GLY A 1 -10.45 15.59 10.11
C GLY A 1 -9.99 15.05 11.45
N SER A 2 -8.69 14.98 11.64
CA SER A 2 -8.12 14.46 12.89
C SER A 2 -8.69 13.09 13.21
N SER A 3 -8.80 12.24 12.20
CA SER A 3 -9.34 10.89 12.37
C SER A 3 -8.21 9.87 12.50
N GLY A 4 -8.27 9.06 13.55
CA GLY A 4 -7.25 8.05 13.77
C GLY A 4 -6.02 8.61 14.46
N SER A 5 -5.25 7.74 15.11
CA SER A 5 -4.06 8.15 15.81
C SER A 5 -2.81 7.92 14.95
N SER A 6 -1.76 8.69 15.23
CA SER A 6 -0.51 8.56 14.48
C SER A 6 0.34 7.42 15.02
N GLY A 7 0.45 7.34 16.35
CA GLY A 7 1.23 6.29 16.96
C GLY A 7 2.13 6.81 18.07
N MET A 8 3.06 7.68 17.72
CA MET A 8 3.98 8.26 18.69
C MET A 8 4.40 9.66 18.29
N MET A 9 5.17 10.31 19.15
CA MET A 9 5.64 11.67 18.88
C MET A 9 7.08 11.85 19.34
N LEU A 10 7.63 13.04 19.09
CA LEU A 10 9.00 13.34 19.48
C LEU A 10 9.88 12.11 19.38
N GLY A 11 9.71 11.36 18.29
CA GLY A 11 10.50 10.15 18.09
C GLY A 11 10.83 9.91 16.63
N PRO A 12 11.14 8.66 16.29
CA PRO A 12 11.48 8.27 14.91
C PRO A 12 10.27 8.34 13.98
N GLU A 13 10.06 9.50 13.36
CA GLU A 13 8.95 9.69 12.45
C GLU A 13 7.79 8.74 12.78
N GLY A 14 7.40 8.73 14.05
CA GLY A 14 6.32 7.87 14.48
C GLY A 14 4.97 8.30 13.93
N GLY A 15 4.71 7.93 12.68
CA GLY A 15 3.45 8.31 12.05
C GLY A 15 2.90 7.21 11.17
N GLU A 16 2.95 5.97 11.65
CA GLU A 16 2.46 4.83 10.89
C GLU A 16 0.94 4.78 10.91
N GLY A 17 0.36 3.98 10.01
CA GLY A 17 -1.08 3.85 9.95
C GLY A 17 -1.52 2.57 9.26
N TYR A 18 -2.78 2.21 9.45
CA TYR A 18 -3.32 0.99 8.86
C TYR A 18 -3.09 0.97 7.35
N VAL A 19 -2.21 0.08 6.90
CA VAL A 19 -1.89 -0.04 5.49
C VAL A 19 -1.74 -1.51 5.09
N VAL A 20 -1.94 -1.78 3.80
CA VAL A 20 -1.84 -3.14 3.28
C VAL A 20 -1.15 -3.16 1.92
N LYS A 21 -0.33 -4.18 1.70
CA LYS A 21 0.39 -4.32 0.44
C LYS A 21 -0.18 -5.46 -0.39
N LEU A 22 -0.44 -5.19 -1.67
CA LEU A 22 -0.99 -6.19 -2.57
C LEU A 22 0.05 -6.61 -3.62
N ARG A 23 0.18 -7.91 -3.83
CA ARG A 23 1.14 -8.43 -4.80
C ARG A 23 0.44 -9.30 -5.84
N GLY A 24 1.05 -9.45 -7.00
CA GLY A 24 0.48 -10.27 -8.05
C GLY A 24 -0.55 -9.50 -8.87
N LEU A 25 -0.50 -8.17 -8.78
CA LEU A 25 -1.43 -7.33 -9.52
C LEU A 25 -1.06 -7.28 -11.01
N PRO A 26 -2.08 -7.23 -11.86
CA PRO A 26 -1.90 -7.17 -13.32
C PRO A 26 -1.31 -5.85 -13.79
N TRP A 27 -0.50 -5.90 -14.83
CA TRP A 27 0.13 -4.70 -15.37
C TRP A 27 -0.92 -3.67 -15.77
N SER A 28 -2.18 -4.09 -15.81
CA SER A 28 -3.27 -3.21 -16.18
C SER A 28 -4.19 -2.95 -14.99
N CYS A 29 -3.67 -3.16 -13.79
CA CYS A 29 -4.44 -2.96 -12.57
C CYS A 29 -4.73 -1.47 -12.36
N SER A 30 -6.00 -1.17 -12.08
CA SER A 30 -6.42 0.22 -11.86
C SER A 30 -6.99 0.40 -10.46
N ILE A 31 -6.75 1.56 -9.88
CA ILE A 31 -7.23 1.87 -8.53
C ILE A 31 -8.59 1.20 -8.28
N GLU A 32 -9.49 1.33 -9.25
CA GLU A 32 -10.82 0.74 -9.13
C GLU A 32 -10.74 -0.73 -8.74
N ASP A 33 -9.94 -1.49 -9.49
CA ASP A 33 -9.77 -2.91 -9.23
C ASP A 33 -9.32 -3.14 -7.78
N VAL A 34 -8.53 -2.21 -7.26
CA VAL A 34 -8.04 -2.32 -5.89
C VAL A 34 -9.15 -2.02 -4.88
N GLN A 35 -9.79 -0.88 -5.05
CA GLN A 35 -10.87 -0.47 -4.15
C GLN A 35 -11.92 -1.57 -4.03
N ASN A 36 -12.36 -2.09 -5.18
CA ASN A 36 -13.37 -3.15 -5.20
C ASN A 36 -12.81 -4.44 -4.63
N PHE A 37 -11.53 -4.70 -4.89
CA PHE A 37 -10.88 -5.91 -4.38
C PHE A 37 -10.92 -5.96 -2.86
N LEU A 38 -10.72 -4.81 -2.23
CA LEU A 38 -10.73 -4.72 -0.78
C LEU A 38 -12.01 -4.02 -0.29
N SER A 39 -13.13 -4.34 -0.93
CA SER A 39 -14.41 -3.76 -0.56
C SER A 39 -14.70 -3.99 0.91
N ASP A 40 -14.18 -5.08 1.46
CA ASP A 40 -14.38 -5.42 2.87
C ASP A 40 -13.72 -4.38 3.77
N CYS A 41 -12.71 -3.70 3.25
CA CYS A 41 -11.99 -2.68 4.01
C CYS A 41 -12.47 -1.29 3.65
N THR A 42 -12.26 -0.34 4.55
CA THR A 42 -12.68 1.04 4.33
C THR A 42 -11.47 1.93 3.98
N ILE A 43 -11.02 1.84 2.74
CA ILE A 43 -9.88 2.63 2.29
C ILE A 43 -10.10 4.12 2.60
N HIS A 44 -9.08 4.74 3.17
CA HIS A 44 -9.15 6.16 3.52
C HIS A 44 -8.98 7.03 2.27
N ASP A 45 -9.90 7.98 2.09
CA ASP A 45 -9.86 8.87 0.94
C ASP A 45 -10.01 8.09 -0.36
N GLY A 46 -10.65 6.93 -0.28
CA GLY A 46 -10.85 6.11 -1.46
C GLY A 46 -9.67 6.15 -2.40
N VAL A 47 -9.94 6.37 -3.68
CA VAL A 47 -8.89 6.44 -4.69
C VAL A 47 -7.67 7.20 -4.18
N ALA A 48 -7.93 8.17 -3.30
CA ALA A 48 -6.86 8.97 -2.73
C ALA A 48 -6.19 8.25 -1.56
N GLY A 49 -6.31 6.93 -1.54
CA GLY A 49 -5.72 6.15 -0.47
C GLY A 49 -4.91 4.98 -0.99
N VAL A 50 -5.02 4.70 -2.28
CA VAL A 50 -4.29 3.60 -2.90
C VAL A 50 -3.01 4.10 -3.55
N HIS A 51 -1.90 3.41 -3.26
CA HIS A 51 -0.61 3.78 -3.83
C HIS A 51 0.01 2.61 -4.59
N PHE A 52 0.14 2.76 -5.90
CA PHE A 52 0.70 1.71 -6.75
C PHE A 52 2.23 1.81 -6.77
N ILE A 53 2.88 0.70 -7.06
CA ILE A 53 4.34 0.65 -7.12
C ILE A 53 4.82 0.52 -8.57
N TYR A 54 5.86 1.27 -8.91
CA TYR A 54 6.42 1.24 -10.25
C TYR A 54 7.90 0.89 -10.21
N THR A 55 8.44 0.51 -11.36
CA THR A 55 9.85 0.15 -11.47
C THR A 55 10.70 1.35 -11.87
N ARG A 56 12.02 1.20 -11.74
CA ARG A 56 12.94 2.28 -12.09
C ARG A 56 12.81 2.66 -13.56
N GLU A 57 12.20 1.76 -14.34
CA GLU A 57 12.01 2.01 -15.77
C GLU A 57 10.74 2.81 -16.02
N GLY A 58 9.69 2.50 -15.26
CA GLY A 58 8.42 3.21 -15.42
C GLY A 58 7.27 2.27 -15.72
N ARG A 59 7.31 1.08 -15.14
CA ARG A 59 6.26 0.09 -15.35
C ARG A 59 5.60 -0.30 -14.03
N GLN A 60 4.53 -1.07 -14.11
CA GLN A 60 3.82 -1.52 -12.93
C GLN A 60 4.51 -2.71 -12.28
N SER A 61 5.42 -2.43 -11.36
CA SER A 61 6.16 -3.48 -10.68
C SER A 61 5.23 -4.62 -10.25
N GLY A 62 4.01 -4.26 -9.88
CA GLY A 62 3.04 -5.26 -9.47
C GLY A 62 2.54 -5.02 -8.05
N GLU A 63 3.40 -4.47 -7.21
CA GLU A 63 3.05 -4.19 -5.83
C GLU A 63 2.25 -2.90 -5.71
N ALA A 64 1.34 -2.84 -4.74
CA ALA A 64 0.52 -1.66 -4.53
C ALA A 64 -0.01 -1.60 -3.10
N PHE A 65 0.28 -0.51 -2.40
CA PHE A 65 -0.16 -0.34 -1.03
C PHE A 65 -1.55 0.30 -0.98
N VAL A 66 -2.15 0.30 0.20
CA VAL A 66 -3.48 0.88 0.39
C VAL A 66 -3.68 1.34 1.83
N GLU A 67 -4.25 2.53 1.99
CA GLU A 67 -4.51 3.08 3.32
C GLU A 67 -5.92 2.74 3.79
N LEU A 68 -6.05 2.39 5.07
CA LEU A 68 -7.35 2.04 5.64
C LEU A 68 -7.82 3.12 6.61
N GLU A 69 -9.04 2.97 7.10
CA GLU A 69 -9.61 3.93 8.04
C GLU A 69 -9.25 3.57 9.48
N SER A 70 -9.48 2.31 9.83
CA SER A 70 -9.19 1.84 11.19
C SER A 70 -8.46 0.50 11.14
N GLU A 71 -8.23 -0.08 12.32
CA GLU A 71 -7.54 -1.36 12.42
C GLU A 71 -8.36 -2.47 11.76
N ASP A 72 -9.59 -2.64 12.24
CA ASP A 72 -10.47 -3.67 11.70
C ASP A 72 -10.26 -3.84 10.20
N ASP A 73 -10.20 -2.73 9.49
CA ASP A 73 -9.99 -2.76 8.04
C ASP A 73 -8.83 -3.68 7.68
N VAL A 74 -7.70 -3.50 8.35
CA VAL A 74 -6.52 -4.32 8.09
C VAL A 74 -6.84 -5.81 8.24
N LYS A 75 -7.24 -6.21 9.43
CA LYS A 75 -7.57 -7.61 9.70
C LYS A 75 -8.42 -8.18 8.57
N LEU A 76 -9.38 -7.38 8.10
CA LEU A 76 -10.27 -7.82 7.02
C LEU A 76 -9.50 -7.97 5.71
N ALA A 77 -8.74 -6.94 5.34
CA ALA A 77 -7.95 -6.97 4.12
C ALA A 77 -7.10 -8.24 4.04
N LEU A 78 -6.47 -8.58 5.16
CA LEU A 78 -5.63 -9.78 5.21
C LEU A 78 -6.43 -11.02 4.86
N LYS A 79 -7.74 -10.93 4.96
CA LYS A 79 -8.62 -12.04 4.64
C LYS A 79 -8.75 -12.24 3.14
N LYS A 80 -8.32 -11.23 2.38
CA LYS A 80 -8.38 -11.28 0.92
C LYS A 80 -7.13 -11.93 0.35
N ASP A 81 -6.43 -12.70 1.18
CA ASP A 81 -5.21 -13.38 0.76
C ASP A 81 -5.53 -14.50 -0.22
N ARG A 82 -4.55 -14.85 -1.05
CA ARG A 82 -4.73 -15.91 -2.03
C ARG A 82 -6.03 -15.72 -2.82
N GLU A 83 -6.42 -14.46 -2.99
CA GLU A 83 -7.64 -14.13 -3.72
C GLU A 83 -7.36 -14.04 -5.22
N SER A 84 -8.39 -13.65 -5.98
CA SER A 84 -8.25 -13.52 -7.42
C SER A 84 -8.94 -12.26 -7.93
N MET A 85 -8.16 -11.35 -8.50
CA MET A 85 -8.68 -10.10 -9.02
C MET A 85 -8.74 -10.13 -10.55
N GLY A 86 -9.95 -10.10 -11.10
CA GLY A 86 -10.11 -10.13 -12.53
C GLY A 86 -9.79 -11.48 -13.13
N HIS A 87 -8.54 -11.65 -13.56
CA HIS A 87 -8.10 -12.90 -14.16
C HIS A 87 -6.75 -13.33 -13.60
N ARG A 88 -6.37 -12.74 -12.47
CA ARG A 88 -5.10 -13.06 -11.83
C ARG A 88 -5.26 -13.18 -10.31
N TYR A 89 -4.25 -13.74 -9.66
CA TYR A 89 -4.29 -13.93 -8.22
C TYR A 89 -3.67 -12.73 -7.50
N ILE A 90 -4.22 -12.40 -6.33
CA ILE A 90 -3.71 -11.28 -5.55
C ILE A 90 -3.28 -11.73 -4.16
N GLU A 91 -2.13 -11.25 -3.71
CA GLU A 91 -1.60 -11.60 -2.41
C GLU A 91 -1.59 -10.39 -1.48
N VAL A 92 -2.25 -10.51 -0.33
CA VAL A 92 -2.31 -9.42 0.64
C VAL A 92 -1.17 -9.52 1.65
N PHE A 93 -0.66 -8.36 2.07
CA PHE A 93 0.44 -8.32 3.02
C PHE A 93 0.21 -7.21 4.05
N LYS A 94 0.44 -7.53 5.32
CA LYS A 94 0.26 -6.57 6.40
C LYS A 94 1.46 -5.64 6.51
N SER A 95 1.24 -4.35 6.29
CA SER A 95 2.30 -3.36 6.35
C SER A 95 1.80 -2.06 6.97
N HIS A 96 2.73 -1.19 7.34
CA HIS A 96 2.38 0.09 7.94
C HIS A 96 2.45 1.21 6.91
N ARG A 97 2.26 2.45 7.37
CA ARG A 97 2.30 3.61 6.48
C ARG A 97 3.74 3.97 6.12
N THR A 98 4.52 4.34 7.13
CA THR A 98 5.92 4.70 6.91
C THR A 98 6.53 3.88 5.79
N GLU A 99 6.53 2.56 5.96
CA GLU A 99 7.10 1.67 4.95
C GLU A 99 6.58 2.02 3.56
N MET A 100 5.28 2.24 3.45
CA MET A 100 4.66 2.58 2.17
C MET A 100 5.14 3.95 1.70
N ASP A 101 5.63 4.76 2.63
CA ASP A 101 6.11 6.09 2.31
C ASP A 101 7.43 6.02 1.54
N TRP A 102 8.35 5.22 2.05
CA TRP A 102 9.66 5.07 1.41
C TRP A 102 9.55 4.26 0.12
N VAL A 103 8.86 3.13 0.20
CA VAL A 103 8.67 2.26 -0.96
C VAL A 103 8.15 3.07 -2.16
N LEU A 104 7.36 4.08 -1.88
CA LEU A 104 6.79 4.93 -2.93
C LEU A 104 7.82 5.93 -3.43
N LYS A 105 8.30 6.79 -2.55
CA LYS A 105 9.29 7.80 -2.91
C LYS A 105 10.37 7.19 -3.80
N HIS A 106 10.65 5.91 -3.60
CA HIS A 106 11.67 5.21 -4.39
C HIS A 106 11.04 4.12 -5.25
N SER A 107 9.93 4.46 -5.91
CA SER A 107 9.23 3.51 -6.77
C SER A 107 9.28 3.95 -8.22
N GLY A 108 8.73 5.13 -8.49
CA GLY A 108 8.72 5.66 -9.85
C GLY A 108 10.09 5.60 -10.51
N PRO A 109 10.11 5.67 -11.85
CA PRO A 109 11.35 5.64 -12.62
C PRO A 109 12.19 6.90 -12.44
N ASN A 110 11.51 8.03 -12.31
CA ASN A 110 12.20 9.31 -12.13
C ASN A 110 12.27 9.68 -10.66
N SER A 111 13.01 10.76 -10.36
CA SER A 111 13.15 11.22 -8.98
C SER A 111 13.20 12.74 -8.92
N ALA A 112 13.08 13.28 -7.72
CA ALA A 112 13.10 14.73 -7.52
C ALA A 112 14.54 15.27 -7.59
N SER A 113 14.95 15.69 -8.78
CA SER A 113 16.29 16.22 -8.98
C SER A 113 16.67 17.16 -7.85
N GLY A 114 15.75 18.07 -7.49
CA GLY A 114 16.01 19.01 -6.43
C GLY A 114 14.99 20.14 -6.41
N PRO A 115 14.90 20.83 -5.26
CA PRO A 115 13.97 21.94 -5.08
C PRO A 115 14.37 23.17 -5.89
N SER A 116 13.39 23.78 -6.55
CA SER A 116 13.64 24.97 -7.36
C SER A 116 14.16 26.12 -6.51
N SER A 117 15.23 26.76 -6.97
CA SER A 117 15.83 27.88 -6.25
C SER A 117 14.74 28.74 -5.60
N GLY A 118 14.68 28.71 -4.28
CA GLY A 118 13.68 29.50 -3.57
C GLY A 118 13.57 29.10 -2.10
N GLY A 1 15.40 13.18 8.66
CA GLY A 1 14.51 12.18 9.22
C GLY A 1 15.12 10.80 9.22
N SER A 2 14.95 10.08 10.33
CA SER A 2 15.49 8.73 10.46
C SER A 2 14.81 7.77 9.49
N SER A 3 15.59 6.86 8.93
CA SER A 3 15.06 5.89 7.98
C SER A 3 14.37 4.73 8.71
N GLY A 4 13.06 4.63 8.54
CA GLY A 4 12.30 3.57 9.18
C GLY A 4 11.46 4.07 10.33
N SER A 5 11.72 3.56 11.53
CA SER A 5 10.96 3.97 12.71
C SER A 5 11.36 5.37 13.16
N SER A 6 10.37 6.24 13.31
CA SER A 6 10.63 7.61 13.73
C SER A 6 9.87 7.93 15.01
N GLY A 7 10.42 7.51 16.15
CA GLY A 7 9.78 7.76 17.42
C GLY A 7 8.26 7.73 17.32
N MET A 8 7.69 6.54 17.22
CA MET A 8 6.25 6.37 17.12
C MET A 8 5.63 6.24 18.50
N MET A 9 5.35 7.38 19.14
CA MET A 9 4.75 7.38 20.47
C MET A 9 3.23 7.51 20.38
N LEU A 10 2.55 7.20 21.47
CA LEU A 10 1.09 7.29 21.51
C LEU A 10 0.59 8.45 20.67
N GLY A 11 -0.15 8.12 19.62
CA GLY A 11 -0.68 9.15 18.73
C GLY A 11 -0.01 9.15 17.37
N PRO A 12 -0.30 10.19 16.58
CA PRO A 12 0.27 10.34 15.23
C PRO A 12 1.76 10.66 15.27
N GLU A 13 2.31 10.80 16.48
CA GLU A 13 3.72 11.12 16.65
C GLU A 13 4.57 10.38 15.61
N GLY A 14 4.39 9.07 15.52
CA GLY A 14 5.14 8.28 14.57
C GLY A 14 4.70 8.51 13.14
N GLY A 15 3.39 8.44 12.92
CA GLY A 15 2.85 8.65 11.58
C GLY A 15 2.24 7.39 11.00
N GLU A 16 2.85 6.25 11.31
CA GLU A 16 2.37 4.97 10.81
C GLU A 16 0.84 4.89 10.88
N GLY A 17 0.25 4.11 9.99
CA GLY A 17 -1.19 3.96 9.97
C GLY A 17 -1.64 2.67 9.32
N TYR A 18 -2.93 2.38 9.41
CA TYR A 18 -3.48 1.16 8.84
C TYR A 18 -3.27 1.11 7.33
N VAL A 19 -2.34 0.26 6.90
CA VAL A 19 -2.04 0.11 5.49
C VAL A 19 -1.87 -1.36 5.11
N VAL A 20 -1.98 -1.65 3.81
CA VAL A 20 -1.83 -3.01 3.32
C VAL A 20 -1.16 -3.02 1.95
N LYS A 21 -0.38 -4.07 1.68
CA LYS A 21 0.31 -4.20 0.41
C LYS A 21 -0.29 -5.34 -0.42
N LEU A 22 -0.41 -5.12 -1.73
CA LEU A 22 -0.97 -6.12 -2.62
C LEU A 22 0.05 -6.52 -3.68
N ARG A 23 0.30 -7.82 -3.80
CA ARG A 23 1.24 -8.33 -4.79
C ARG A 23 0.56 -9.27 -5.76
N GLY A 24 1.13 -9.41 -6.95
CA GLY A 24 0.56 -10.27 -7.97
C GLY A 24 -0.52 -9.59 -8.78
N LEU A 25 -0.50 -8.26 -8.79
CA LEU A 25 -1.49 -7.48 -9.53
C LEU A 25 -1.16 -7.45 -11.02
N PRO A 26 -2.20 -7.44 -11.86
CA PRO A 26 -2.04 -7.41 -13.31
C PRO A 26 -1.49 -6.08 -13.81
N TRP A 27 -0.77 -6.11 -14.92
CA TRP A 27 -0.19 -4.91 -15.50
C TRP A 27 -1.28 -3.94 -15.95
N SER A 28 -2.52 -4.39 -15.87
CA SER A 28 -3.66 -3.56 -16.27
C SER A 28 -4.51 -3.18 -15.06
N CYS A 29 -3.99 -3.47 -13.87
CA CYS A 29 -4.70 -3.16 -12.63
C CYS A 29 -4.88 -1.66 -12.47
N SER A 30 -6.03 -1.26 -11.96
CA SER A 30 -6.34 0.16 -11.76
C SER A 30 -6.93 0.39 -10.37
N ILE A 31 -6.69 1.59 -9.83
CA ILE A 31 -7.19 1.94 -8.51
C ILE A 31 -8.54 1.29 -8.25
N GLU A 32 -9.45 1.44 -9.19
CA GLU A 32 -10.79 0.86 -9.06
C GLU A 32 -10.72 -0.61 -8.67
N ASP A 33 -9.96 -1.38 -9.43
CA ASP A 33 -9.79 -2.81 -9.17
C ASP A 33 -9.36 -3.04 -7.73
N VAL A 34 -8.54 -2.13 -7.21
CA VAL A 34 -8.04 -2.25 -5.84
C VAL A 34 -9.14 -1.91 -4.83
N GLN A 35 -9.81 -0.79 -5.04
CA GLN A 35 -10.88 -0.37 -4.15
C GLN A 35 -11.96 -1.44 -4.04
N ASN A 36 -12.27 -2.07 -5.16
CA ASN A 36 -13.29 -3.12 -5.19
C ASN A 36 -12.75 -4.41 -4.60
N PHE A 37 -11.45 -4.67 -4.81
CA PHE A 37 -10.81 -5.87 -4.30
C PHE A 37 -10.87 -5.91 -2.78
N LEU A 38 -10.75 -4.73 -2.16
CA LEU A 38 -10.79 -4.64 -0.70
C LEU A 38 -12.08 -3.96 -0.24
N SER A 39 -13.18 -4.26 -0.91
CA SER A 39 -14.47 -3.69 -0.56
C SER A 39 -14.82 -3.96 0.90
N ASP A 40 -14.25 -5.03 1.45
CA ASP A 40 -14.50 -5.40 2.84
C ASP A 40 -13.84 -4.41 3.79
N CYS A 41 -12.91 -3.61 3.27
CA CYS A 41 -12.20 -2.63 4.07
C CYS A 41 -12.68 -1.22 3.75
N THR A 42 -12.29 -0.25 4.58
CA THR A 42 -12.69 1.13 4.39
C THR A 42 -11.49 2.00 4.02
N ILE A 43 -11.03 1.88 2.78
CA ILE A 43 -9.90 2.66 2.31
C ILE A 43 -10.08 4.14 2.58
N HIS A 44 -9.07 4.77 3.16
CA HIS A 44 -9.11 6.19 3.48
C HIS A 44 -8.96 7.04 2.22
N ASP A 45 -9.90 7.95 2.01
CA ASP A 45 -9.86 8.83 0.85
C ASP A 45 -9.97 8.02 -0.44
N GLY A 46 -10.58 6.84 -0.34
CA GLY A 46 -10.74 5.98 -1.51
C GLY A 46 -9.58 6.11 -2.47
N VAL A 47 -9.89 6.38 -3.74
CA VAL A 47 -8.86 6.51 -4.76
C VAL A 47 -7.66 7.29 -4.24
N ALA A 48 -7.92 8.28 -3.39
CA ALA A 48 -6.85 9.09 -2.81
C ALA A 48 -6.20 8.39 -1.63
N GLY A 49 -6.29 7.05 -1.61
CA GLY A 49 -5.71 6.28 -0.54
C GLY A 49 -4.91 5.09 -1.05
N VAL A 50 -4.97 4.86 -2.35
CA VAL A 50 -4.25 3.75 -2.96
C VAL A 50 -2.95 4.22 -3.60
N HIS A 51 -1.88 3.45 -3.39
CA HIS A 51 -0.58 3.80 -3.95
C HIS A 51 0.03 2.60 -4.68
N PHE A 52 0.10 2.69 -6.00
CA PHE A 52 0.65 1.62 -6.81
C PHE A 52 2.18 1.70 -6.85
N ILE A 53 2.82 0.55 -7.06
CA ILE A 53 4.26 0.49 -7.11
C ILE A 53 4.77 0.41 -8.55
N TYR A 54 5.56 1.40 -8.95
CA TYR A 54 6.10 1.44 -10.30
C TYR A 54 7.59 1.11 -10.30
N THR A 55 8.12 0.82 -11.49
CA THR A 55 9.54 0.47 -11.62
C THR A 55 10.35 1.70 -12.04
N ARG A 56 11.63 1.69 -11.68
CA ARG A 56 12.52 2.80 -12.01
C ARG A 56 12.40 3.17 -13.48
N GLU A 57 11.86 2.23 -14.28
CA GLU A 57 11.69 2.47 -15.71
C GLU A 57 10.42 3.26 -15.98
N GLY A 58 9.40 3.02 -15.17
CA GLY A 58 8.14 3.72 -15.34
C GLY A 58 6.98 2.78 -15.65
N ARG A 59 7.11 1.53 -15.22
CA ARG A 59 6.08 0.53 -15.45
C ARG A 59 5.44 0.10 -14.14
N GLN A 60 4.55 -0.88 -14.22
CA GLN A 60 3.85 -1.39 -13.03
C GLN A 60 4.55 -2.63 -12.49
N SER A 61 5.34 -2.44 -11.44
CA SER A 61 6.07 -3.55 -10.83
C SER A 61 5.12 -4.67 -10.43
N GLY A 62 3.90 -4.29 -10.03
CA GLY A 62 2.91 -5.27 -9.62
C GLY A 62 2.40 -5.03 -8.21
N GLU A 63 3.27 -4.48 -7.36
CA GLU A 63 2.90 -4.21 -5.97
C GLU A 63 2.13 -2.90 -5.88
N ALA A 64 1.28 -2.79 -4.86
CA ALA A 64 0.48 -1.59 -4.65
C ALA A 64 -0.06 -1.54 -3.22
N PHE A 65 0.26 -0.45 -2.51
CA PHE A 65 -0.19 -0.27 -1.14
C PHE A 65 -1.57 0.39 -1.09
N VAL A 66 -2.19 0.38 0.08
CA VAL A 66 -3.50 0.97 0.26
C VAL A 66 -3.72 1.42 1.70
N GLU A 67 -4.27 2.61 1.87
CA GLU A 67 -4.52 3.15 3.19
C GLU A 67 -5.92 2.78 3.68
N LEU A 68 -6.04 2.43 4.95
CA LEU A 68 -7.32 2.06 5.53
C LEU A 68 -7.79 3.12 6.53
N GLU A 69 -8.99 2.92 7.07
CA GLU A 69 -9.56 3.85 8.04
C GLU A 69 -9.16 3.46 9.46
N SER A 70 -9.48 2.22 9.84
CA SER A 70 -9.16 1.73 11.18
C SER A 70 -8.49 0.36 11.10
N GLU A 71 -8.22 -0.22 12.27
CA GLU A 71 -7.59 -1.53 12.34
C GLU A 71 -8.44 -2.59 11.66
N ASP A 72 -9.69 -2.71 12.11
CA ASP A 72 -10.61 -3.69 11.53
C ASP A 72 -10.36 -3.87 10.04
N ASP A 73 -10.12 -2.76 9.35
CA ASP A 73 -9.86 -2.80 7.92
C ASP A 73 -8.69 -3.72 7.59
N VAL A 74 -7.59 -3.55 8.32
CA VAL A 74 -6.40 -4.36 8.10
C VAL A 74 -6.73 -5.84 8.18
N LYS A 75 -7.34 -6.25 9.29
CA LYS A 75 -7.71 -7.65 9.50
C LYS A 75 -8.52 -8.18 8.30
N LEU A 76 -9.49 -7.38 7.86
CA LEU A 76 -10.33 -7.76 6.73
C LEU A 76 -9.50 -7.88 5.45
N ALA A 77 -8.67 -6.87 5.19
CA ALA A 77 -7.82 -6.88 4.00
C ALA A 77 -7.01 -8.15 3.92
N LEU A 78 -6.44 -8.57 5.04
CA LEU A 78 -5.62 -9.77 5.10
C LEU A 78 -6.43 -11.00 4.69
N LYS A 79 -7.75 -10.90 4.84
CA LYS A 79 -8.65 -12.00 4.49
C LYS A 79 -8.70 -12.18 2.98
N LYS A 80 -8.30 -11.15 2.24
CA LYS A 80 -8.30 -11.21 0.78
C LYS A 80 -6.98 -11.78 0.26
N ASP A 81 -6.27 -12.49 1.12
CA ASP A 81 -5.00 -13.09 0.74
C ASP A 81 -5.19 -14.15 -0.34
N ARG A 82 -4.11 -14.48 -1.04
CA ARG A 82 -4.17 -15.49 -2.10
C ARG A 82 -5.54 -15.48 -2.78
N GLU A 83 -6.09 -14.29 -2.97
CA GLU A 83 -7.40 -14.15 -3.62
C GLU A 83 -7.25 -14.13 -5.14
N SER A 84 -8.37 -13.93 -5.82
CA SER A 84 -8.38 -13.90 -7.28
C SER A 84 -9.02 -12.61 -7.79
N MET A 85 -8.20 -11.73 -8.35
CA MET A 85 -8.70 -10.46 -8.89
C MET A 85 -8.75 -10.49 -10.41
N GLY A 86 -9.96 -10.52 -10.96
CA GLY A 86 -10.11 -10.55 -12.39
C GLY A 86 -9.68 -11.86 -13.00
N HIS A 87 -8.46 -11.90 -13.54
CA HIS A 87 -7.92 -13.10 -14.15
C HIS A 87 -6.58 -13.48 -13.53
N ARG A 88 -6.27 -12.89 -12.38
CA ARG A 88 -5.02 -13.15 -11.69
C ARG A 88 -5.23 -13.26 -10.18
N TYR A 89 -4.19 -13.69 -9.48
CA TYR A 89 -4.27 -13.84 -8.03
C TYR A 89 -3.65 -12.63 -7.33
N ILE A 90 -4.15 -12.33 -6.13
CA ILE A 90 -3.64 -11.20 -5.35
C ILE A 90 -3.19 -11.65 -3.97
N GLU A 91 -1.99 -11.24 -3.60
CA GLU A 91 -1.44 -11.60 -2.29
C GLU A 91 -1.36 -10.38 -1.38
N VAL A 92 -2.17 -10.39 -0.33
CA VAL A 92 -2.20 -9.28 0.62
C VAL A 92 -1.04 -9.39 1.61
N PHE A 93 -0.54 -8.23 2.04
CA PHE A 93 0.57 -8.19 2.99
C PHE A 93 0.35 -7.09 4.03
N LYS A 94 0.45 -7.46 5.30
CA LYS A 94 0.26 -6.50 6.38
C LYS A 94 1.44 -5.54 6.47
N SER A 95 1.18 -4.26 6.23
CA SER A 95 2.23 -3.24 6.27
C SER A 95 1.70 -1.95 6.89
N HIS A 96 2.61 -1.08 7.32
CA HIS A 96 2.24 0.19 7.93
C HIS A 96 2.34 1.32 6.91
N ARG A 97 2.14 2.54 7.39
CA ARG A 97 2.20 3.71 6.52
C ARG A 97 3.64 4.19 6.33
N THR A 98 4.35 4.33 7.45
CA THR A 98 5.74 4.78 7.41
C THR A 98 6.53 4.01 6.36
N GLU A 99 6.22 2.73 6.21
CA GLU A 99 6.91 1.89 5.24
C GLU A 99 6.50 2.26 3.82
N MET A 100 5.20 2.14 3.53
CA MET A 100 4.69 2.46 2.21
C MET A 100 5.25 3.79 1.71
N ASP A 101 5.73 4.61 2.64
CA ASP A 101 6.29 5.91 2.30
C ASP A 101 7.66 5.75 1.62
N TRP A 102 8.50 4.89 2.20
CA TRP A 102 9.83 4.65 1.66
C TRP A 102 9.76 3.81 0.39
N VAL A 103 8.99 2.72 0.45
CA VAL A 103 8.84 1.83 -0.69
C VAL A 103 8.45 2.61 -1.94
N LEU A 104 7.69 3.68 -1.76
CA LEU A 104 7.24 4.52 -2.87
C LEU A 104 8.36 5.44 -3.35
N LYS A 105 8.83 6.30 -2.45
CA LYS A 105 9.90 7.24 -2.77
C LYS A 105 10.99 6.55 -3.60
N HIS A 106 11.17 5.25 -3.37
CA HIS A 106 12.17 4.49 -4.10
C HIS A 106 11.51 3.42 -4.98
N SER A 107 10.48 3.82 -5.71
CA SER A 107 9.76 2.90 -6.59
C SER A 107 9.68 3.46 -8.01
N GLY A 108 8.86 4.50 -8.19
CA GLY A 108 8.72 5.11 -9.50
C GLY A 108 10.01 5.65 -10.04
N PRO A 109 10.02 6.02 -11.33
CA PRO A 109 11.21 6.57 -11.99
C PRO A 109 11.56 7.97 -11.50
N ASN A 110 11.01 8.97 -12.15
CA ASN A 110 11.28 10.36 -11.78
C ASN A 110 12.73 10.56 -11.39
N SER A 111 13.63 9.93 -12.14
CA SER A 111 15.06 10.02 -11.88
C SER A 111 15.63 11.32 -12.46
N ALA A 112 16.92 11.53 -12.25
CA ALA A 112 17.59 12.73 -12.74
C ALA A 112 16.92 13.99 -12.22
N SER A 113 16.50 13.95 -10.96
CA SER A 113 15.84 15.10 -10.34
C SER A 113 16.83 16.23 -10.08
N GLY A 114 16.37 17.46 -10.26
CA GLY A 114 17.23 18.61 -10.05
C GLY A 114 18.63 18.41 -10.62
N PRO A 115 18.74 18.46 -11.95
CA PRO A 115 20.02 18.28 -12.64
C PRO A 115 20.97 19.45 -12.42
N SER A 116 22.25 19.24 -12.73
CA SER A 116 23.26 20.28 -12.56
C SER A 116 24.58 19.87 -13.21
N SER A 117 25.21 20.82 -13.89
CA SER A 117 26.47 20.56 -14.56
C SER A 117 27.56 21.52 -14.09
N GLY A 118 28.81 21.09 -14.18
CA GLY A 118 29.92 21.93 -13.76
C GLY A 118 30.60 21.39 -12.52
N GLY A 1 7.36 -9.94 16.74
CA GLY A 1 8.79 -10.11 16.94
C GLY A 1 9.55 -8.82 16.75
N SER A 2 10.82 -8.81 17.19
CA SER A 2 11.66 -7.63 17.06
C SER A 2 12.20 -7.48 15.64
N SER A 3 11.62 -6.54 14.89
CA SER A 3 12.04 -6.31 13.51
C SER A 3 13.19 -5.31 13.46
N GLY A 4 13.05 -4.20 14.17
CA GLY A 4 14.08 -3.19 14.18
C GLY A 4 13.55 -1.81 13.86
N SER A 5 12.75 -1.72 12.81
CA SER A 5 12.17 -0.44 12.38
C SER A 5 11.17 0.06 13.42
N SER A 6 11.65 0.91 14.32
CA SER A 6 10.80 1.47 15.37
C SER A 6 9.74 2.39 14.77
N GLY A 7 8.50 2.25 15.24
CA GLY A 7 7.42 3.08 14.74
C GLY A 7 7.19 4.31 15.60
N MET A 8 6.07 5.00 15.35
CA MET A 8 5.74 6.20 16.11
C MET A 8 6.99 6.97 16.50
N MET A 9 7.94 7.05 15.57
CA MET A 9 9.18 7.76 15.82
C MET A 9 8.92 9.15 16.41
N LEU A 10 8.16 9.96 15.67
CA LEU A 10 7.84 11.30 16.12
C LEU A 10 6.57 11.29 16.98
N GLY A 11 6.75 11.47 18.28
CA GLY A 11 5.63 11.48 19.19
C GLY A 11 4.93 10.13 19.27
N PRO A 12 4.34 9.83 20.44
CA PRO A 12 3.63 8.58 20.67
C PRO A 12 2.34 8.48 19.88
N GLU A 13 2.05 9.50 19.09
CA GLU A 13 0.84 9.54 18.27
C GLU A 13 0.79 8.33 17.33
N GLY A 14 1.91 8.06 16.68
CA GLY A 14 1.96 6.93 15.76
C GLY A 14 1.91 7.36 14.31
N GLY A 15 2.99 7.96 13.83
CA GLY A 15 3.03 8.41 12.45
C GLY A 15 2.48 7.39 11.48
N GLU A 16 2.80 6.12 11.72
CA GLU A 16 2.33 5.04 10.86
C GLU A 16 0.80 4.96 10.87
N GLY A 17 0.25 4.15 9.98
CA GLY A 17 -1.20 3.99 9.91
C GLY A 17 -1.62 2.71 9.23
N TYR A 18 -2.86 2.31 9.43
CA TYR A 18 -3.38 1.08 8.83
C TYR A 18 -3.15 1.08 7.32
N VAL A 19 -2.30 0.17 6.87
CA VAL A 19 -1.99 0.06 5.45
C VAL A 19 -1.78 -1.41 5.05
N VAL A 20 -1.96 -1.69 3.76
CA VAL A 20 -1.80 -3.05 3.25
C VAL A 20 -1.08 -3.04 1.90
N LYS A 21 -0.37 -4.13 1.61
CA LYS A 21 0.37 -4.25 0.36
C LYS A 21 -0.17 -5.41 -0.48
N LEU A 22 -0.51 -5.12 -1.73
CA LEU A 22 -1.04 -6.15 -2.62
C LEU A 22 0.00 -6.52 -3.68
N ARG A 23 0.20 -7.82 -3.86
CA ARG A 23 1.17 -8.31 -4.84
C ARG A 23 0.48 -9.20 -5.88
N GLY A 24 1.10 -9.32 -7.05
CA GLY A 24 0.53 -10.14 -8.10
C GLY A 24 -0.54 -9.41 -8.90
N LEU A 25 -0.52 -8.08 -8.84
CA LEU A 25 -1.49 -7.27 -9.56
C LEU A 25 -1.17 -7.21 -11.05
N PRO A 26 -2.22 -7.10 -11.88
CA PRO A 26 -2.07 -7.03 -13.33
C PRO A 26 -1.45 -5.72 -13.78
N TRP A 27 -0.66 -5.77 -14.85
CA TRP A 27 0.00 -4.59 -15.39
C TRP A 27 -1.03 -3.52 -15.74
N SER A 28 -2.30 -3.91 -15.79
CA SER A 28 -3.37 -2.98 -16.12
C SER A 28 -4.26 -2.71 -14.91
N CYS A 29 -3.71 -2.98 -13.72
CA CYS A 29 -4.45 -2.76 -12.48
C CYS A 29 -4.73 -1.28 -12.27
N SER A 30 -5.98 -0.95 -11.95
CA SER A 30 -6.37 0.44 -11.72
C SER A 30 -6.96 0.61 -10.33
N ILE A 31 -6.77 1.79 -9.75
CA ILE A 31 -7.27 2.08 -8.42
C ILE A 31 -8.62 1.41 -8.17
N GLU A 32 -9.53 1.54 -9.14
CA GLU A 32 -10.85 0.94 -9.03
C GLU A 32 -10.74 -0.54 -8.70
N ASP A 33 -9.94 -1.26 -9.47
CA ASP A 33 -9.75 -2.70 -9.26
C ASP A 33 -9.33 -2.98 -7.82
N VAL A 34 -8.48 -2.11 -7.27
CA VAL A 34 -8.01 -2.27 -5.90
C VAL A 34 -9.12 -1.97 -4.90
N GLN A 35 -9.74 -0.81 -5.05
CA GLN A 35 -10.82 -0.40 -4.15
C GLN A 35 -11.90 -1.48 -4.07
N ASN A 36 -12.33 -1.97 -5.22
CA ASN A 36 -13.36 -3.01 -5.29
C ASN A 36 -12.82 -4.33 -4.73
N PHE A 37 -11.55 -4.61 -4.99
CA PHE A 37 -10.93 -5.83 -4.52
C PHE A 37 -10.97 -5.92 -3.00
N LEU A 38 -10.71 -4.79 -2.34
CA LEU A 38 -10.72 -4.72 -0.89
C LEU A 38 -11.99 -4.05 -0.37
N SER A 39 -13.12 -4.38 -0.99
CA SER A 39 -14.40 -3.81 -0.60
C SER A 39 -14.68 -4.06 0.88
N ASP A 40 -14.18 -5.18 1.38
CA ASP A 40 -14.38 -5.54 2.79
C ASP A 40 -13.69 -4.54 3.70
N CYS A 41 -12.68 -3.85 3.18
CA CYS A 41 -11.94 -2.87 3.95
C CYS A 41 -12.42 -1.45 3.62
N THR A 42 -12.20 -0.53 4.55
CA THR A 42 -12.61 0.86 4.37
C THR A 42 -11.42 1.74 4.01
N ILE A 43 -11.03 1.70 2.73
CA ILE A 43 -9.90 2.49 2.26
C ILE A 43 -10.10 3.97 2.57
N HIS A 44 -9.08 4.59 3.16
CA HIS A 44 -9.15 6.01 3.50
C HIS A 44 -9.08 6.87 2.26
N ASP A 45 -10.00 7.84 2.16
CA ASP A 45 -10.04 8.74 1.01
C ASP A 45 -10.13 7.94 -0.30
N GLY A 46 -10.66 6.73 -0.21
CA GLY A 46 -10.79 5.90 -1.39
C GLY A 46 -9.62 6.05 -2.35
N VAL A 47 -9.93 6.39 -3.60
CA VAL A 47 -8.90 6.58 -4.61
C VAL A 47 -7.69 7.33 -4.04
N ALA A 48 -7.96 8.28 -3.16
CA ALA A 48 -6.91 9.08 -2.54
C ALA A 48 -6.27 8.33 -1.38
N GLY A 49 -6.36 6.99 -1.42
CA GLY A 49 -5.79 6.18 -0.37
C GLY A 49 -4.96 5.03 -0.91
N VAL A 50 -5.05 4.80 -2.22
CA VAL A 50 -4.29 3.73 -2.86
C VAL A 50 -2.99 4.25 -3.45
N HIS A 51 -1.92 3.47 -3.26
CA HIS A 51 -0.61 3.85 -3.77
C HIS A 51 0.03 2.69 -4.53
N PHE A 52 0.03 2.79 -5.86
CA PHE A 52 0.61 1.75 -6.70
C PHE A 52 2.13 1.82 -6.67
N ILE A 53 2.77 0.69 -6.97
CA ILE A 53 4.23 0.62 -6.98
C ILE A 53 4.76 0.49 -8.40
N TYR A 54 5.73 1.34 -8.74
CA TYR A 54 6.32 1.32 -10.07
C TYR A 54 7.79 0.89 -10.01
N THR A 55 8.39 0.67 -11.18
CA THR A 55 9.78 0.26 -11.25
C THR A 55 10.66 1.38 -11.77
N ARG A 56 11.95 1.08 -11.95
CA ARG A 56 12.91 2.08 -12.42
C ARG A 56 12.57 2.50 -13.85
N GLU A 57 11.95 1.61 -14.61
CA GLU A 57 11.58 1.89 -15.98
C GLU A 57 10.24 2.63 -16.05
N GLY A 58 9.36 2.32 -15.10
CA GLY A 58 8.06 2.97 -15.07
C GLY A 58 6.92 2.01 -15.37
N ARG A 59 7.09 0.75 -14.97
CA ARG A 59 6.08 -0.27 -15.21
C ARG A 59 5.55 -0.82 -13.89
N GLN A 60 4.28 -1.20 -13.88
CA GLN A 60 3.65 -1.74 -12.68
C GLN A 60 4.32 -3.04 -12.25
N SER A 61 5.24 -2.94 -11.30
CA SER A 61 5.96 -4.10 -10.81
C SER A 61 4.99 -5.16 -10.27
N GLY A 62 3.82 -4.70 -9.84
CA GLY A 62 2.82 -5.61 -9.32
C GLY A 62 2.40 -5.26 -7.90
N GLU A 63 3.30 -4.64 -7.15
CA GLU A 63 3.01 -4.25 -5.78
C GLU A 63 2.18 -2.96 -5.75
N ALA A 64 1.32 -2.85 -4.74
CA ALA A 64 0.48 -1.67 -4.59
C ALA A 64 -0.06 -1.56 -3.17
N PHE A 65 0.32 -0.49 -2.48
CA PHE A 65 -0.11 -0.26 -1.11
C PHE A 65 -1.50 0.38 -1.08
N VAL A 66 -2.19 0.23 0.05
CA VAL A 66 -3.52 0.79 0.21
C VAL A 66 -3.77 1.23 1.65
N GLU A 67 -4.25 2.45 1.82
CA GLU A 67 -4.52 2.99 3.14
C GLU A 67 -5.92 2.60 3.61
N LEU A 68 -6.08 2.42 4.92
CA LEU A 68 -7.36 2.04 5.49
C LEU A 68 -7.89 3.13 6.43
N GLU A 69 -9.08 2.92 6.96
CA GLU A 69 -9.69 3.89 7.86
C GLU A 69 -9.39 3.54 9.32
N SER A 70 -9.57 2.27 9.67
CA SER A 70 -9.32 1.82 11.04
C SER A 70 -8.58 0.48 11.02
N GLU A 71 -8.26 -0.02 12.21
CA GLU A 71 -7.55 -1.29 12.35
C GLU A 71 -8.32 -2.41 11.66
N ASP A 72 -9.56 -2.63 12.11
CA ASP A 72 -10.40 -3.68 11.55
C ASP A 72 -10.14 -3.85 10.06
N ASP A 73 -10.13 -2.74 9.33
CA ASP A 73 -9.89 -2.76 7.89
C ASP A 73 -8.71 -3.68 7.55
N VAL A 74 -7.61 -3.49 8.28
CA VAL A 74 -6.41 -4.29 8.06
C VAL A 74 -6.71 -5.77 8.17
N LYS A 75 -7.16 -6.20 9.35
CA LYS A 75 -7.49 -7.60 9.59
C LYS A 75 -8.35 -8.16 8.47
N LEU A 76 -9.30 -7.35 8.00
CA LEU A 76 -10.19 -7.76 6.92
C LEU A 76 -9.42 -7.93 5.62
N ALA A 77 -8.68 -6.89 5.24
CA ALA A 77 -7.90 -6.91 4.01
C ALA A 77 -7.05 -8.18 3.93
N LEU A 78 -6.42 -8.53 5.04
CA LEU A 78 -5.56 -9.72 5.10
C LEU A 78 -6.36 -10.97 4.74
N LYS A 79 -7.67 -10.91 4.93
CA LYS A 79 -8.55 -12.03 4.62
C LYS A 79 -8.67 -12.23 3.11
N LYS A 80 -8.23 -11.23 2.35
CA LYS A 80 -8.28 -11.29 0.89
C LYS A 80 -7.02 -11.94 0.32
N ASP A 81 -6.33 -12.70 1.15
CA ASP A 81 -5.10 -13.38 0.74
C ASP A 81 -5.41 -14.51 -0.24
N ARG A 82 -4.44 -14.83 -1.08
CA ARG A 82 -4.61 -15.91 -2.06
C ARG A 82 -5.92 -15.73 -2.83
N GLU A 83 -6.34 -14.48 -3.00
CA GLU A 83 -7.57 -14.18 -3.72
C GLU A 83 -7.32 -14.09 -5.22
N SER A 84 -8.36 -13.73 -5.97
CA SER A 84 -8.25 -13.60 -7.41
C SER A 84 -8.90 -12.31 -7.90
N MET A 85 -8.13 -11.50 -8.61
CA MET A 85 -8.62 -10.24 -9.14
C MET A 85 -8.71 -10.28 -10.66
N GLY A 86 -9.94 -10.32 -11.17
CA GLY A 86 -10.14 -10.37 -12.61
C GLY A 86 -9.73 -11.70 -13.22
N HIS A 87 -8.47 -11.80 -13.63
CA HIS A 87 -7.97 -13.04 -14.23
C HIS A 87 -6.60 -13.40 -13.65
N ARG A 88 -6.27 -12.79 -12.51
CA ARG A 88 -4.98 -13.06 -11.87
C ARG A 88 -5.16 -13.22 -10.36
N TYR A 89 -4.09 -13.58 -9.67
CA TYR A 89 -4.12 -13.77 -8.23
C TYR A 89 -3.53 -12.57 -7.50
N ILE A 90 -4.01 -12.31 -6.30
CA ILE A 90 -3.54 -11.19 -5.50
C ILE A 90 -3.10 -11.66 -4.11
N GLU A 91 -1.95 -11.15 -3.67
CA GLU A 91 -1.42 -11.52 -2.35
C GLU A 91 -1.41 -10.31 -1.42
N VAL A 92 -2.15 -10.41 -0.32
CA VAL A 92 -2.22 -9.34 0.66
C VAL A 92 -1.08 -9.41 1.66
N PHE A 93 -0.54 -8.25 2.03
CA PHE A 93 0.56 -8.19 2.98
C PHE A 93 0.33 -7.08 4.00
N LYS A 94 0.50 -7.41 5.28
CA LYS A 94 0.32 -6.44 6.36
C LYS A 94 1.50 -5.49 6.44
N SER A 95 1.25 -4.20 6.23
CA SER A 95 2.29 -3.19 6.26
C SER A 95 1.78 -1.90 6.90
N HIS A 96 2.70 -1.04 7.30
CA HIS A 96 2.35 0.24 7.92
C HIS A 96 2.42 1.38 6.91
N ARG A 97 2.21 2.60 7.39
CA ARG A 97 2.25 3.78 6.53
C ARG A 97 3.69 4.24 6.32
N THR A 98 4.39 4.50 7.42
CA THR A 98 5.77 4.96 7.36
C THR A 98 6.54 4.23 6.27
N GLU A 99 6.44 2.91 6.25
CA GLU A 99 7.12 2.10 5.25
C GLU A 99 6.66 2.47 3.84
N MET A 100 5.36 2.32 3.60
CA MET A 100 4.79 2.63 2.29
C MET A 100 5.29 3.99 1.79
N ASP A 101 5.77 4.81 2.71
CA ASP A 101 6.27 6.13 2.36
C ASP A 101 7.62 6.02 1.65
N TRP A 102 8.48 5.15 2.15
CA TRP A 102 9.80 4.94 1.55
C TRP A 102 9.71 4.11 0.28
N VAL A 103 8.97 3.01 0.35
CA VAL A 103 8.81 2.13 -0.80
C VAL A 103 8.31 2.90 -2.02
N LEU A 104 7.52 3.94 -1.77
CA LEU A 104 6.98 4.76 -2.84
C LEU A 104 8.04 5.71 -3.39
N LYS A 105 8.55 6.59 -2.53
CA LYS A 105 9.57 7.55 -2.92
C LYS A 105 10.60 6.90 -3.85
N HIS A 106 10.85 5.61 -3.64
CA HIS A 106 11.80 4.88 -4.46
C HIS A 106 11.09 3.81 -5.29
N SER A 107 10.00 4.21 -5.94
CA SER A 107 9.23 3.29 -6.77
C SER A 107 9.15 3.78 -8.21
N GLY A 108 8.73 5.03 -8.37
CA GLY A 108 8.61 5.62 -9.70
C GLY A 108 9.96 5.87 -10.33
N PRO A 109 9.99 5.90 -11.67
CA PRO A 109 11.22 6.14 -12.43
C PRO A 109 11.71 7.57 -12.30
N ASN A 110 10.78 8.52 -12.29
CA ASN A 110 11.13 9.94 -12.17
C ASN A 110 10.33 10.59 -11.04
N SER A 111 9.03 10.70 -11.22
CA SER A 111 8.17 11.31 -10.21
C SER A 111 7.81 10.30 -9.12
N ALA A 112 7.60 10.81 -7.91
CA ALA A 112 7.24 9.95 -6.79
C ALA A 112 5.73 9.79 -6.67
N SER A 113 5.03 10.91 -6.58
CA SER A 113 3.57 10.89 -6.46
C SER A 113 2.95 12.05 -7.23
N GLY A 114 2.13 11.71 -8.22
CA GLY A 114 1.48 12.73 -9.03
C GLY A 114 2.47 13.68 -9.66
N PRO A 115 2.97 13.31 -10.85
CA PRO A 115 3.95 14.13 -11.59
C PRO A 115 3.33 15.41 -12.14
N SER A 116 3.73 16.55 -11.58
CA SER A 116 3.21 17.84 -12.02
C SER A 116 4.20 18.95 -11.74
N SER A 117 4.18 19.99 -12.56
CA SER A 117 5.09 21.13 -12.40
C SER A 117 4.52 22.13 -11.40
N GLY A 118 5.18 22.24 -10.25
CA GLY A 118 4.73 23.17 -9.23
C GLY A 118 5.50 23.03 -7.93
#